data_8VZ3
# 
_entry.id   8VZ3 
# 
_audit_conform.dict_name       mmcif_pdbx.dic 
_audit_conform.dict_version    5.403 
_audit_conform.dict_location   http://mmcif.pdb.org/dictionaries/ascii/mmcif_pdbx.dic 
# 
loop_
_database_2.database_id 
_database_2.database_code 
_database_2.pdbx_database_accession 
_database_2.pdbx_DOI 
PDB   8VZ3         pdb_00008vz3 10.2210/pdb8vz3/pdb 
WWPDB D_1000281501 ?            ?                   
# 
_pdbx_audit_revision_history.ordinal             1 
_pdbx_audit_revision_history.data_content_type   'Structure model' 
_pdbx_audit_revision_history.major_revision      1 
_pdbx_audit_revision_history.minor_revision      0 
_pdbx_audit_revision_history.revision_date       2025-04-30 
_pdbx_audit_revision_history.part_number         ? 
# 
_pdbx_audit_revision_details.ordinal             1 
_pdbx_audit_revision_details.revision_ordinal    1 
_pdbx_audit_revision_details.data_content_type   'Structure model' 
_pdbx_audit_revision_details.provider            repository 
_pdbx_audit_revision_details.type                'Initial release' 
_pdbx_audit_revision_details.description         ? 
_pdbx_audit_revision_details.details             ? 
# 
_pdbx_database_status.status_code                     REL 
_pdbx_database_status.status_code_sf                  REL 
_pdbx_database_status.status_code_mr                  ? 
_pdbx_database_status.entry_id                        8VZ3 
_pdbx_database_status.recvd_initial_deposition_date   2024-02-09 
_pdbx_database_status.SG_entry                        N 
_pdbx_database_status.deposit_site                    RCSB 
_pdbx_database_status.process_site                    RCSB 
_pdbx_database_status.status_code_cs                  ? 
_pdbx_database_status.status_code_nmr_data            ? 
_pdbx_database_status.methods_development_category    ? 
_pdbx_database_status.pdb_format_compatible           N 
# 
_pdbx_contact_author.id                 2 
_pdbx_contact_author.email              noel@salk.edu 
_pdbx_contact_author.name_first         Joseph 
_pdbx_contact_author.name_last          Noel 
_pdbx_contact_author.name_mi            P 
_pdbx_contact_author.role               'principal investigator/group leader' 
_pdbx_contact_author.identifier_ORCID   0000-0002-1277-0331 
# 
loop_
_audit_author.name 
_audit_author.pdbx_ordinal 
_audit_author.identifier_ORCID 
'Louie, G.V.' 1 0000-0002-8043-4348 
'Noel, J.P.'  2 0000-0002-1277-0331 
'Wang, W.-M.' 3 0009-0000-4279-7247 
'Kelly, J.W.' 4 0000-0001-8943-3395 
# 
_citation.abstract                  ? 
_citation.abstract_id_CAS           ? 
_citation.book_id_ISBN              ? 
_citation.book_publisher            ? 
_citation.book_publisher_city       ? 
_citation.book_title                ? 
_citation.coordinate_linkage        ? 
_citation.country                   ? 
_citation.database_id_Medline       ? 
_citation.details                   ? 
_citation.id                        primary 
_citation.journal_abbrev            'To be published' 
_citation.journal_id_ASTM           ? 
_citation.journal_id_CSD            0353 
_citation.journal_id_ISSN           ? 
_citation.journal_full              ? 
_citation.journal_issue             ? 
_citation.journal_volume            ? 
_citation.language                  ? 
_citation.page_first                ? 
_citation.page_last                 ? 
_citation.title                     'Structure of human PIN1 covalently derivatized with SuFEx compound' 
_citation.year                      ? 
_citation.database_id_CSD           ? 
_citation.pdbx_database_id_DOI      ? 
_citation.pdbx_database_id_PubMed   ? 
_citation.pdbx_database_id_patent   ? 
_citation.unpublished_flag          ? 
# 
loop_
_citation_author.citation_id 
_citation_author.name 
_citation_author.ordinal 
_citation_author.identifier_ORCID 
primary 'Louie, G.V.' 1 0000-0002-8043-4348 
primary 'Noel, J.P.'  2 0000-0002-1277-0331 
primary 'Wang, W.-M.' 3 0009-0000-4279-7247 
primary 'Kelly, J.W.' 4 0000-0001-8943-3395 
# 
loop_
_entity.id 
_entity.type 
_entity.src_method 
_entity.pdbx_description 
_entity.formula_weight 
_entity.pdbx_number_of_molecules 
_entity.pdbx_ec 
_entity.pdbx_mutation 
_entity.pdbx_fragment 
_entity.details 
1 polymer     man 'Peptidyl-prolyl cis-trans isomerase NIMA-interacting 1'                      18610.641 1   5.2.1.8 ? ? ? 
2 non-polymer syn '3-(fluorosulfonyl)-5-({[(1S)-2-oxocyclopentyl]methyl}carbamoyl)benzoic acid' 343.327   1   ?       ? ? ? 
3 non-polymer syn 'SULFATE ION'                                                                 96.063    3   ?       ? ? ? 
4 water       nat water                                                                         18.015    180 ?       ? ? ? 
# 
_entity_name_com.entity_id   1 
_entity_name_com.name        'Peptidyl-prolyl cis-trans isomerase Pin1,PPIase Pin1,Rotamase Pin1' 
# 
_entity_poly.entity_id                      1 
_entity_poly.type                           'polypeptide(L)' 
_entity_poly.nstd_linkage                   no 
_entity_poly.nstd_monomer                   no 
_entity_poly.pdbx_seq_one_letter_code       
;GSHGMADEEKLPPGWEKRMSRSSGRVYYFNHITNASQWERPSGNSSSGGKNGQGEPARVRCSHLLVKHSQSRRPSSWRQE
KITRTKEEALELINGYIQKIKSGEEDFESLASQFSDCSSAKARGDLGAFSRGQMQKPFEDASFALRTGEMSGPVFTDSGI
HIILRTE
;
_entity_poly.pdbx_seq_one_letter_code_can   
;GSHGMADEEKLPPGWEKRMSRSSGRVYYFNHITNASQWERPSGNSSSGGKNGQGEPARVRCSHLLVKHSQSRRPSSWRQE
KITRTKEEALELINGYIQKIKSGEEDFESLASQFSDCSSAKARGDLGAFSRGQMQKPFEDASFALRTGEMSGPVFTDSGI
HIILRTE
;
_entity_poly.pdbx_strand_id                 A 
_entity_poly.pdbx_target_identifier         ? 
# 
loop_
_pdbx_entity_nonpoly.entity_id 
_pdbx_entity_nonpoly.name 
_pdbx_entity_nonpoly.comp_id 
2 '3-(fluorosulfonyl)-5-({[(1S)-2-oxocyclopentyl]methyl}carbamoyl)benzoic acid' A1AEL 
3 'SULFATE ION'                                                                 SO4   
4 water                                                                         HOH   
# 
loop_
_entity_poly_seq.entity_id 
_entity_poly_seq.num 
_entity_poly_seq.mon_id 
_entity_poly_seq.hetero 
1 1   GLY n 
1 2   SER n 
1 3   HIS n 
1 4   GLY n 
1 5   MET n 
1 6   ALA n 
1 7   ASP n 
1 8   GLU n 
1 9   GLU n 
1 10  LYS n 
1 11  LEU n 
1 12  PRO n 
1 13  PRO n 
1 14  GLY n 
1 15  TRP n 
1 16  GLU n 
1 17  LYS n 
1 18  ARG n 
1 19  MET n 
1 20  SER n 
1 21  ARG n 
1 22  SER n 
1 23  SER n 
1 24  GLY n 
1 25  ARG n 
1 26  VAL n 
1 27  TYR n 
1 28  TYR n 
1 29  PHE n 
1 30  ASN n 
1 31  HIS n 
1 32  ILE n 
1 33  THR n 
1 34  ASN n 
1 35  ALA n 
1 36  SER n 
1 37  GLN n 
1 38  TRP n 
1 39  GLU n 
1 40  ARG n 
1 41  PRO n 
1 42  SER n 
1 43  GLY n 
1 44  ASN n 
1 45  SER n 
1 46  SER n 
1 47  SER n 
1 48  GLY n 
1 49  GLY n 
1 50  LYS n 
1 51  ASN n 
1 52  GLY n 
1 53  GLN n 
1 54  GLY n 
1 55  GLU n 
1 56  PRO n 
1 57  ALA n 
1 58  ARG n 
1 59  VAL n 
1 60  ARG n 
1 61  CYS n 
1 62  SER n 
1 63  HIS n 
1 64  LEU n 
1 65  LEU n 
1 66  VAL n 
1 67  LYS n 
1 68  HIS n 
1 69  SER n 
1 70  GLN n 
1 71  SER n 
1 72  ARG n 
1 73  ARG n 
1 74  PRO n 
1 75  SER n 
1 76  SER n 
1 77  TRP n 
1 78  ARG n 
1 79  GLN n 
1 80  GLU n 
1 81  LYS n 
1 82  ILE n 
1 83  THR n 
1 84  ARG n 
1 85  THR n 
1 86  LYS n 
1 87  GLU n 
1 88  GLU n 
1 89  ALA n 
1 90  LEU n 
1 91  GLU n 
1 92  LEU n 
1 93  ILE n 
1 94  ASN n 
1 95  GLY n 
1 96  TYR n 
1 97  ILE n 
1 98  GLN n 
1 99  LYS n 
1 100 ILE n 
1 101 LYS n 
1 102 SER n 
1 103 GLY n 
1 104 GLU n 
1 105 GLU n 
1 106 ASP n 
1 107 PHE n 
1 108 GLU n 
1 109 SER n 
1 110 LEU n 
1 111 ALA n 
1 112 SER n 
1 113 GLN n 
1 114 PHE n 
1 115 SER n 
1 116 ASP n 
1 117 CYS n 
1 118 SER n 
1 119 SER n 
1 120 ALA n 
1 121 LYS n 
1 122 ALA n 
1 123 ARG n 
1 124 GLY n 
1 125 ASP n 
1 126 LEU n 
1 127 GLY n 
1 128 ALA n 
1 129 PHE n 
1 130 SER n 
1 131 ARG n 
1 132 GLY n 
1 133 GLN n 
1 134 MET n 
1 135 GLN n 
1 136 LYS n 
1 137 PRO n 
1 138 PHE n 
1 139 GLU n 
1 140 ASP n 
1 141 ALA n 
1 142 SER n 
1 143 PHE n 
1 144 ALA n 
1 145 LEU n 
1 146 ARG n 
1 147 THR n 
1 148 GLY n 
1 149 GLU n 
1 150 MET n 
1 151 SER n 
1 152 GLY n 
1 153 PRO n 
1 154 VAL n 
1 155 PHE n 
1 156 THR n 
1 157 ASP n 
1 158 SER n 
1 159 GLY n 
1 160 ILE n 
1 161 HIS n 
1 162 ILE n 
1 163 ILE n 
1 164 LEU n 
1 165 ARG n 
1 166 THR n 
1 167 GLU n 
# 
_entity_src_gen.entity_id                          1 
_entity_src_gen.pdbx_src_id                        1 
_entity_src_gen.pdbx_alt_source_flag               sample 
_entity_src_gen.pdbx_seq_type                      'Biological sequence' 
_entity_src_gen.pdbx_beg_seq_num                   1 
_entity_src_gen.pdbx_end_seq_num                   167 
_entity_src_gen.gene_src_common_name               human 
_entity_src_gen.gene_src_genus                     ? 
_entity_src_gen.pdbx_gene_src_gene                 PIN1 
_entity_src_gen.gene_src_species                   ? 
_entity_src_gen.gene_src_strain                    ? 
_entity_src_gen.gene_src_tissue                    ? 
_entity_src_gen.gene_src_tissue_fraction           ? 
_entity_src_gen.gene_src_details                   ? 
_entity_src_gen.pdbx_gene_src_fragment             ? 
_entity_src_gen.pdbx_gene_src_scientific_name      'Homo sapiens' 
_entity_src_gen.pdbx_gene_src_ncbi_taxonomy_id     9606 
_entity_src_gen.pdbx_gene_src_variant              ? 
_entity_src_gen.pdbx_gene_src_cell_line            ? 
_entity_src_gen.pdbx_gene_src_atcc                 ? 
_entity_src_gen.pdbx_gene_src_organ                ? 
_entity_src_gen.pdbx_gene_src_organelle            ? 
_entity_src_gen.pdbx_gene_src_cell                 ? 
_entity_src_gen.pdbx_gene_src_cellular_location    ? 
_entity_src_gen.host_org_common_name               ? 
_entity_src_gen.pdbx_host_org_scientific_name      'Escherichia coli' 
_entity_src_gen.pdbx_host_org_ncbi_taxonomy_id     562 
_entity_src_gen.host_org_genus                     ? 
_entity_src_gen.pdbx_host_org_gene                 ? 
_entity_src_gen.pdbx_host_org_organ                ? 
_entity_src_gen.host_org_species                   ? 
_entity_src_gen.pdbx_host_org_tissue               ? 
_entity_src_gen.pdbx_host_org_tissue_fraction      ? 
_entity_src_gen.pdbx_host_org_strain               ? 
_entity_src_gen.pdbx_host_org_variant              ? 
_entity_src_gen.pdbx_host_org_cell_line            ? 
_entity_src_gen.pdbx_host_org_atcc                 ? 
_entity_src_gen.pdbx_host_org_culture_collection   ? 
_entity_src_gen.pdbx_host_org_cell                 ? 
_entity_src_gen.pdbx_host_org_organelle            ? 
_entity_src_gen.pdbx_host_org_cellular_location    ? 
_entity_src_gen.pdbx_host_org_vector_type          ? 
_entity_src_gen.pdbx_host_org_vector               ? 
_entity_src_gen.host_org_details                   ? 
_entity_src_gen.expression_system_id               ? 
_entity_src_gen.plasmid_name                       ? 
_entity_src_gen.plasmid_details                    ? 
_entity_src_gen.pdbx_description                   ? 
# 
loop_
_chem_comp.id 
_chem_comp.type 
_chem_comp.mon_nstd_flag 
_chem_comp.name 
_chem_comp.pdbx_synonyms 
_chem_comp.formula 
_chem_comp.formula_weight 
A1AEL non-polymer         . '3-(fluorosulfonyl)-5-({[(1S)-2-oxocyclopentyl]methyl}carbamoyl)benzoic acid' ? 'C14 H14 F N O6 S' 
343.327 
ALA   'L-peptide linking' y ALANINE                                                                       ? 'C3 H7 N O2'       
89.093  
ARG   'L-peptide linking' y ARGININE                                                                      ? 'C6 H15 N4 O2 1'   
175.209 
ASN   'L-peptide linking' y ASPARAGINE                                                                    ? 'C4 H8 N2 O3'      
132.118 
ASP   'L-peptide linking' y 'ASPARTIC ACID'                                                               ? 'C4 H7 N O4'       
133.103 
CYS   'L-peptide linking' y CYSTEINE                                                                      ? 'C3 H7 N O2 S'     
121.158 
GLN   'L-peptide linking' y GLUTAMINE                                                                     ? 'C5 H10 N2 O3'     
146.144 
GLU   'L-peptide linking' y 'GLUTAMIC ACID'                                                               ? 'C5 H9 N O4'       
147.129 
GLY   'peptide linking'   y GLYCINE                                                                       ? 'C2 H5 N O2'       
75.067  
HIS   'L-peptide linking' y HISTIDINE                                                                     ? 'C6 H10 N3 O2 1'   
156.162 
HOH   non-polymer         . WATER                                                                         ? 'H2 O'             
18.015  
ILE   'L-peptide linking' y ISOLEUCINE                                                                    ? 'C6 H13 N O2'      
131.173 
LEU   'L-peptide linking' y LEUCINE                                                                       ? 'C6 H13 N O2'      
131.173 
LYS   'L-peptide linking' y LYSINE                                                                        ? 'C6 H15 N2 O2 1'   
147.195 
MET   'L-peptide linking' y METHIONINE                                                                    ? 'C5 H11 N O2 S'    
149.211 
PHE   'L-peptide linking' y PHENYLALANINE                                                                 ? 'C9 H11 N O2'      
165.189 
PRO   'L-peptide linking' y PROLINE                                                                       ? 'C5 H9 N O2'       
115.130 
SER   'L-peptide linking' y SERINE                                                                        ? 'C3 H7 N O3'       
105.093 
SO4   non-polymer         . 'SULFATE ION'                                                                 ? 'O4 S -2'          
96.063  
THR   'L-peptide linking' y THREONINE                                                                     ? 'C4 H9 N O3'       
119.119 
TRP   'L-peptide linking' y TRYPTOPHAN                                                                    ? 'C11 H12 N2 O2'    
204.225 
TYR   'L-peptide linking' y TYROSINE                                                                      ? 'C9 H11 N O3'      
181.189 
VAL   'L-peptide linking' y VALINE                                                                        ? 'C5 H11 N O2'      
117.146 
# 
loop_
_pdbx_poly_seq_scheme.asym_id 
_pdbx_poly_seq_scheme.entity_id 
_pdbx_poly_seq_scheme.seq_id 
_pdbx_poly_seq_scheme.mon_id 
_pdbx_poly_seq_scheme.ndb_seq_num 
_pdbx_poly_seq_scheme.pdb_seq_num 
_pdbx_poly_seq_scheme.auth_seq_num 
_pdbx_poly_seq_scheme.pdb_mon_id 
_pdbx_poly_seq_scheme.auth_mon_id 
_pdbx_poly_seq_scheme.pdb_strand_id 
_pdbx_poly_seq_scheme.pdb_ins_code 
_pdbx_poly_seq_scheme.hetero 
A 1 1   GLY 1   -3  ?   ?   ?   A . n 
A 1 2   SER 2   -2  ?   ?   ?   A . n 
A 1 3   HIS 3   -1  ?   ?   ?   A . n 
A 1 4   GLY 4   0   ?   ?   ?   A . n 
A 1 5   MET 5   1   ?   ?   ?   A . n 
A 1 6   ALA 6   2   ?   ?   ?   A . n 
A 1 7   ASP 7   3   ?   ?   ?   A . n 
A 1 8   GLU 8   4   ?   ?   ?   A . n 
A 1 9   GLU 9   5   ?   ?   ?   A . n 
A 1 10  LYS 10  6   ?   ?   ?   A . n 
A 1 11  LEU 11  7   7   LEU LEU A . n 
A 1 12  PRO 12  8   8   PRO PRO A . n 
A 1 13  PRO 13  9   9   PRO PRO A . n 
A 1 14  GLY 14  10  10  GLY GLY A . n 
A 1 15  TRP 15  11  11  TRP TRP A . n 
A 1 16  GLU 16  12  12  GLU GLU A . n 
A 1 17  LYS 17  13  13  LYS LYS A . n 
A 1 18  ARG 18  14  14  ARG ARG A . n 
A 1 19  MET 19  15  15  MET MET A . n 
A 1 20  SER 20  16  16  SER SER A . n 
A 1 21  ARG 21  17  17  ARG ARG A . n 
A 1 22  SER 22  18  18  SER SER A . n 
A 1 23  SER 23  19  19  SER SER A . n 
A 1 24  GLY 24  20  20  GLY GLY A . n 
A 1 25  ARG 25  21  21  ARG ARG A . n 
A 1 26  VAL 26  22  22  VAL VAL A . n 
A 1 27  TYR 27  23  23  TYR TYR A . n 
A 1 28  TYR 28  24  24  TYR TYR A . n 
A 1 29  PHE 29  25  25  PHE PHE A . n 
A 1 30  ASN 30  26  26  ASN ASN A . n 
A 1 31  HIS 31  27  27  HIS HIS A . n 
A 1 32  ILE 32  28  28  ILE ILE A . n 
A 1 33  THR 33  29  29  THR THR A . n 
A 1 34  ASN 34  30  30  ASN ASN A . n 
A 1 35  ALA 35  31  31  ALA ALA A . n 
A 1 36  SER 36  32  32  SER SER A . n 
A 1 37  GLN 37  33  33  GLN GLN A . n 
A 1 38  TRP 38  34  34  TRP TRP A . n 
A 1 39  GLU 39  35  35  GLU GLU A . n 
A 1 40  ARG 40  36  36  ARG ARG A . n 
A 1 41  PRO 41  37  37  PRO PRO A . n 
A 1 42  SER 42  38  38  SER SER A . n 
A 1 43  GLY 43  39  ?   ?   ?   A . n 
A 1 44  ASN 44  40  ?   ?   ?   A . n 
A 1 45  SER 45  41  ?   ?   ?   A . n 
A 1 46  SER 46  42  ?   ?   ?   A . n 
A 1 47  SER 47  43  ?   ?   ?   A . n 
A 1 48  GLY 48  44  ?   ?   ?   A . n 
A 1 49  GLY 49  45  ?   ?   ?   A . n 
A 1 50  LYS 50  46  ?   ?   ?   A . n 
A 1 51  ASN 51  47  ?   ?   ?   A . n 
A 1 52  GLY 52  48  ?   ?   ?   A . n 
A 1 53  GLN 53  49  ?   ?   ?   A . n 
A 1 54  GLY 54  50  ?   ?   ?   A . n 
A 1 55  GLU 55  51  51  GLU GLU A . n 
A 1 56  PRO 56  52  52  PRO PRO A . n 
A 1 57  ALA 57  53  53  ALA ALA A . n 
A 1 58  ARG 58  54  54  ARG ARG A . n 
A 1 59  VAL 59  55  55  VAL VAL A . n 
A 1 60  ARG 60  56  56  ARG ARG A . n 
A 1 61  CYS 61  57  57  CYS CYS A . n 
A 1 62  SER 62  58  58  SER SER A . n 
A 1 63  HIS 63  59  59  HIS HIS A . n 
A 1 64  LEU 64  60  60  LEU LEU A . n 
A 1 65  LEU 65  61  61  LEU LEU A . n 
A 1 66  VAL 66  62  62  VAL VAL A . n 
A 1 67  LYS 67  63  63  LYS LYS A . n 
A 1 68  HIS 68  64  64  HIS HIS A . n 
A 1 69  SER 69  65  65  SER SER A . n 
A 1 70  GLN 70  66  66  GLN GLN A . n 
A 1 71  SER 71  67  67  SER SER A . n 
A 1 72  ARG 72  68  68  ARG ARG A . n 
A 1 73  ARG 73  69  69  ARG ARG A . n 
A 1 74  PRO 74  70  70  PRO PRO A . n 
A 1 75  SER 75  71  71  SER SER A . n 
A 1 76  SER 76  72  72  SER SER A . n 
A 1 77  TRP 77  73  73  TRP TRP A . n 
A 1 78  ARG 78  74  74  ARG ARG A . n 
A 1 79  GLN 79  75  75  GLN GLN A . n 
A 1 80  GLU 80  76  76  GLU GLU A . n 
A 1 81  LYS 81  77  77  LYS LYS A . n 
A 1 82  ILE 82  78  78  ILE ILE A . n 
A 1 83  THR 83  79  79  THR THR A . n 
A 1 84  ARG 84  80  80  ARG ARG A . n 
A 1 85  THR 85  81  81  THR THR A . n 
A 1 86  LYS 86  82  82  LYS LYS A . n 
A 1 87  GLU 87  83  83  GLU GLU A . n 
A 1 88  GLU 88  84  84  GLU GLU A . n 
A 1 89  ALA 89  85  85  ALA ALA A . n 
A 1 90  LEU 90  86  86  LEU LEU A . n 
A 1 91  GLU 91  87  87  GLU GLU A . n 
A 1 92  LEU 92  88  88  LEU LEU A . n 
A 1 93  ILE 93  89  89  ILE ILE A . n 
A 1 94  ASN 94  90  90  ASN ASN A . n 
A 1 95  GLY 95  91  91  GLY GLY A . n 
A 1 96  TYR 96  92  92  TYR TYR A . n 
A 1 97  ILE 97  93  93  ILE ILE A . n 
A 1 98  GLN 98  94  94  GLN GLN A . n 
A 1 99  LYS 99  95  95  LYS LYS A . n 
A 1 100 ILE 100 96  96  ILE ILE A . n 
A 1 101 LYS 101 97  97  LYS LYS A . n 
A 1 102 SER 102 98  98  SER SER A . n 
A 1 103 GLY 103 99  99  GLY GLY A . n 
A 1 104 GLU 104 100 100 GLU GLU A . n 
A 1 105 GLU 105 101 101 GLU GLU A . n 
A 1 106 ASP 106 102 102 ASP ASP A . n 
A 1 107 PHE 107 103 103 PHE PHE A . n 
A 1 108 GLU 108 104 104 GLU GLU A . n 
A 1 109 SER 109 105 105 SER SER A . n 
A 1 110 LEU 110 106 106 LEU LEU A . n 
A 1 111 ALA 111 107 107 ALA ALA A . n 
A 1 112 SER 112 108 108 SER SER A . n 
A 1 113 GLN 113 109 109 GLN GLN A . n 
A 1 114 PHE 114 110 110 PHE PHE A . n 
A 1 115 SER 115 111 111 SER SER A . n 
A 1 116 ASP 116 112 112 ASP ASP A . n 
A 1 117 CYS 117 113 113 CYS CYS A . n 
A 1 118 SER 118 114 114 SER SER A . n 
A 1 119 SER 119 115 115 SER SER A . n 
A 1 120 ALA 120 116 116 ALA ALA A . n 
A 1 121 LYS 121 117 117 LYS LYS A . n 
A 1 122 ALA 122 118 118 ALA ALA A . n 
A 1 123 ARG 123 119 119 ARG ARG A . n 
A 1 124 GLY 124 120 120 GLY GLY A . n 
A 1 125 ASP 125 121 121 ASP ASP A . n 
A 1 126 LEU 126 122 122 LEU LEU A . n 
A 1 127 GLY 127 123 123 GLY GLY A . n 
A 1 128 ALA 128 124 124 ALA ALA A . n 
A 1 129 PHE 129 125 125 PHE PHE A . n 
A 1 130 SER 130 126 126 SER SER A . n 
A 1 131 ARG 131 127 127 ARG ARG A . n 
A 1 132 GLY 132 128 128 GLY GLY A . n 
A 1 133 GLN 133 129 129 GLN GLN A . n 
A 1 134 MET 134 130 130 MET MET A . n 
A 1 135 GLN 135 131 131 GLN GLN A . n 
A 1 136 LYS 136 132 132 LYS LYS A . n 
A 1 137 PRO 137 133 133 PRO PRO A . n 
A 1 138 PHE 138 134 134 PHE PHE A . n 
A 1 139 GLU 139 135 135 GLU GLU A . n 
A 1 140 ASP 140 136 136 ASP ASP A . n 
A 1 141 ALA 141 137 137 ALA ALA A . n 
A 1 142 SER 142 138 138 SER SER A . n 
A 1 143 PHE 143 139 139 PHE PHE A . n 
A 1 144 ALA 144 140 140 ALA ALA A . n 
A 1 145 LEU 145 141 141 LEU LEU A . n 
A 1 146 ARG 146 142 142 ARG ARG A . n 
A 1 147 THR 147 143 143 THR THR A . n 
A 1 148 GLY 148 144 144 GLY GLY A . n 
A 1 149 GLU 149 145 145 GLU GLU A . n 
A 1 150 MET 150 146 146 MET MET A . n 
A 1 151 SER 151 147 147 SER SER A . n 
A 1 152 GLY 152 148 148 GLY GLY A . n 
A 1 153 PRO 153 149 149 PRO PRO A . n 
A 1 154 VAL 154 150 150 VAL VAL A . n 
A 1 155 PHE 155 151 151 PHE PHE A . n 
A 1 156 THR 156 152 152 THR THR A . n 
A 1 157 ASP 157 153 153 ASP ASP A . n 
A 1 158 SER 158 154 154 SER SER A . n 
A 1 159 GLY 159 155 155 GLY GLY A . n 
A 1 160 ILE 160 156 156 ILE ILE A . n 
A 1 161 HIS 161 157 157 HIS HIS A . n 
A 1 162 ILE 162 158 158 ILE ILE A . n 
A 1 163 ILE 163 159 159 ILE ILE A . n 
A 1 164 LEU 164 160 160 LEU LEU A . n 
A 1 165 ARG 165 161 161 ARG ARG A . n 
A 1 166 THR 166 162 162 THR THR A . n 
A 1 167 GLU 167 163 163 GLU GLU A . n 
# 
_pdbx_entity_instance_feature.ordinal        1 
_pdbx_entity_instance_feature.comp_id        A1AEL 
_pdbx_entity_instance_feature.asym_id        ? 
_pdbx_entity_instance_feature.seq_num        ? 
_pdbx_entity_instance_feature.auth_comp_id   A1AEL 
_pdbx_entity_instance_feature.auth_asym_id   ? 
_pdbx_entity_instance_feature.auth_seq_num   ? 
_pdbx_entity_instance_feature.feature_type   'SUBJECT OF INVESTIGATION' 
_pdbx_entity_instance_feature.details        ? 
# 
loop_
_pdbx_nonpoly_scheme.asym_id 
_pdbx_nonpoly_scheme.entity_id 
_pdbx_nonpoly_scheme.mon_id 
_pdbx_nonpoly_scheme.ndb_seq_num 
_pdbx_nonpoly_scheme.pdb_seq_num 
_pdbx_nonpoly_scheme.auth_seq_num 
_pdbx_nonpoly_scheme.pdb_mon_id 
_pdbx_nonpoly_scheme.auth_mon_id 
_pdbx_nonpoly_scheme.pdb_strand_id 
_pdbx_nonpoly_scheme.pdb_ins_code 
B 2 A1AEL 1   901  901 A1AEL BS1 A . 
C 3 SO4   1   902  1   SO4   SO4 A . 
D 3 SO4   1   903  2   SO4   SO4 A . 
E 3 SO4   1   904  3   SO4   SO4 A . 
F 4 HOH   1   1001 139 HOH   HOH A . 
F 4 HOH   2   1002 166 HOH   HOH A . 
F 4 HOH   3   1003 155 HOH   HOH A . 
F 4 HOH   4   1004 60  HOH   HOH A . 
F 4 HOH   5   1005 68  HOH   HOH A . 
F 4 HOH   6   1006 85  HOH   HOH A . 
F 4 HOH   7   1007 77  HOH   HOH A . 
F 4 HOH   8   1008 65  HOH   HOH A . 
F 4 HOH   9   1009 82  HOH   HOH A . 
F 4 HOH   10  1010 26  HOH   HOH A . 
F 4 HOH   11  1011 146 HOH   HOH A . 
F 4 HOH   12  1012 129 HOH   HOH A . 
F 4 HOH   13  1013 175 HOH   HOH A . 
F 4 HOH   14  1014 158 HOH   HOH A . 
F 4 HOH   15  1015 42  HOH   HOH A . 
F 4 HOH   16  1016 153 HOH   HOH A . 
F 4 HOH   17  1017 1   HOH   HOH A . 
F 4 HOH   18  1018 95  HOH   HOH A . 
F 4 HOH   19  1019 157 HOH   HOH A . 
F 4 HOH   20  1020 110 HOH   HOH A . 
F 4 HOH   21  1021 3   HOH   HOH A . 
F 4 HOH   22  1022 22  HOH   HOH A . 
F 4 HOH   23  1023 61  HOH   HOH A . 
F 4 HOH   24  1024 21  HOH   HOH A . 
F 4 HOH   25  1025 23  HOH   HOH A . 
F 4 HOH   26  1026 34  HOH   HOH A . 
F 4 HOH   27  1027 141 HOH   HOH A . 
F 4 HOH   28  1028 83  HOH   HOH A . 
F 4 HOH   29  1029 145 HOH   HOH A . 
F 4 HOH   30  1030 112 HOH   HOH A . 
F 4 HOH   31  1031 138 HOH   HOH A . 
F 4 HOH   32  1032 31  HOH   HOH A . 
F 4 HOH   33  1033 4   HOH   HOH A . 
F 4 HOH   34  1034 97  HOH   HOH A . 
F 4 HOH   35  1035 125 HOH   HOH A . 
F 4 HOH   36  1036 51  HOH   HOH A . 
F 4 HOH   37  1037 20  HOH   HOH A . 
F 4 HOH   38  1038 37  HOH   HOH A . 
F 4 HOH   39  1039 24  HOH   HOH A . 
F 4 HOH   40  1040 70  HOH   HOH A . 
F 4 HOH   41  1041 149 HOH   HOH A . 
F 4 HOH   42  1042 80  HOH   HOH A . 
F 4 HOH   43  1043 119 HOH   HOH A . 
F 4 HOH   44  1044 17  HOH   HOH A . 
F 4 HOH   45  1045 39  HOH   HOH A . 
F 4 HOH   46  1046 89  HOH   HOH A . 
F 4 HOH   47  1047 7   HOH   HOH A . 
F 4 HOH   48  1048 40  HOH   HOH A . 
F 4 HOH   49  1049 32  HOH   HOH A . 
F 4 HOH   50  1050 86  HOH   HOH A . 
F 4 HOH   51  1051 52  HOH   HOH A . 
F 4 HOH   52  1052 12  HOH   HOH A . 
F 4 HOH   53  1053 27  HOH   HOH A . 
F 4 HOH   54  1054 16  HOH   HOH A . 
F 4 HOH   55  1055 109 HOH   HOH A . 
F 4 HOH   56  1056 6   HOH   HOH A . 
F 4 HOH   57  1057 10  HOH   HOH A . 
F 4 HOH   58  1058 72  HOH   HOH A . 
F 4 HOH   59  1059 81  HOH   HOH A . 
F 4 HOH   60  1060 15  HOH   HOH A . 
F 4 HOH   61  1061 41  HOH   HOH A . 
F 4 HOH   62  1062 69  HOH   HOH A . 
F 4 HOH   63  1063 64  HOH   HOH A . 
F 4 HOH   64  1064 159 HOH   HOH A . 
F 4 HOH   65  1065 58  HOH   HOH A . 
F 4 HOH   66  1066 106 HOH   HOH A . 
F 4 HOH   67  1067 25  HOH   HOH A . 
F 4 HOH   68  1068 111 HOH   HOH A . 
F 4 HOH   69  1069 79  HOH   HOH A . 
F 4 HOH   70  1070 78  HOH   HOH A . 
F 4 HOH   71  1071 137 HOH   HOH A . 
F 4 HOH   72  1072 173 HOH   HOH A . 
F 4 HOH   73  1073 113 HOH   HOH A . 
F 4 HOH   74  1074 30  HOH   HOH A . 
F 4 HOH   75  1075 33  HOH   HOH A . 
F 4 HOH   76  1076 116 HOH   HOH A . 
F 4 HOH   77  1077 62  HOH   HOH A . 
F 4 HOH   78  1078 11  HOH   HOH A . 
F 4 HOH   79  1079 117 HOH   HOH A . 
F 4 HOH   80  1080 29  HOH   HOH A . 
F 4 HOH   81  1081 45  HOH   HOH A . 
F 4 HOH   82  1082 28  HOH   HOH A . 
F 4 HOH   83  1083 108 HOH   HOH A . 
F 4 HOH   84  1084 74  HOH   HOH A . 
F 4 HOH   85  1085 50  HOH   HOH A . 
F 4 HOH   86  1086 5   HOH   HOH A . 
F 4 HOH   87  1087 103 HOH   HOH A . 
F 4 HOH   88  1088 14  HOH   HOH A . 
F 4 HOH   89  1089 132 HOH   HOH A . 
F 4 HOH   90  1090 71  HOH   HOH A . 
F 4 HOH   91  1091 168 HOH   HOH A . 
F 4 HOH   92  1092 47  HOH   HOH A . 
F 4 HOH   93  1093 49  HOH   HOH A . 
F 4 HOH   94  1094 2   HOH   HOH A . 
F 4 HOH   95  1095 122 HOH   HOH A . 
F 4 HOH   96  1096 38  HOH   HOH A . 
F 4 HOH   97  1097 162 HOH   HOH A . 
F 4 HOH   98  1098 66  HOH   HOH A . 
F 4 HOH   99  1099 165 HOH   HOH A . 
F 4 HOH   100 1100 19  HOH   HOH A . 
F 4 HOH   101 1101 84  HOH   HOH A . 
F 4 HOH   102 1102 91  HOH   HOH A . 
F 4 HOH   103 1103 8   HOH   HOH A . 
F 4 HOH   104 1104 73  HOH   HOH A . 
F 4 HOH   105 1105 180 HOH   HOH A . 
F 4 HOH   106 1106 13  HOH   HOH A . 
F 4 HOH   107 1107 88  HOH   HOH A . 
F 4 HOH   108 1108 18  HOH   HOH A . 
F 4 HOH   109 1109 54  HOH   HOH A . 
F 4 HOH   110 1110 59  HOH   HOH A . 
F 4 HOH   111 1111 118 HOH   HOH A . 
F 4 HOH   112 1112 161 HOH   HOH A . 
F 4 HOH   113 1113 127 HOH   HOH A . 
F 4 HOH   114 1114 90  HOH   HOH A . 
F 4 HOH   115 1115 36  HOH   HOH A . 
F 4 HOH   116 1116 56  HOH   HOH A . 
F 4 HOH   117 1117 164 HOH   HOH A . 
F 4 HOH   118 1118 140 HOH   HOH A . 
F 4 HOH   119 1119 93  HOH   HOH A . 
F 4 HOH   120 1120 94  HOH   HOH A . 
F 4 HOH   121 1121 154 HOH   HOH A . 
F 4 HOH   122 1122 156 HOH   HOH A . 
F 4 HOH   123 1123 152 HOH   HOH A . 
F 4 HOH   124 1124 150 HOH   HOH A . 
F 4 HOH   125 1125 92  HOH   HOH A . 
F 4 HOH   126 1126 170 HOH   HOH A . 
F 4 HOH   127 1127 174 HOH   HOH A . 
F 4 HOH   128 1128 105 HOH   HOH A . 
F 4 HOH   129 1129 142 HOH   HOH A . 
F 4 HOH   130 1130 121 HOH   HOH A . 
F 4 HOH   131 1131 177 HOH   HOH A . 
F 4 HOH   132 1132 171 HOH   HOH A . 
F 4 HOH   133 1133 46  HOH   HOH A . 
F 4 HOH   134 1134 130 HOH   HOH A . 
F 4 HOH   135 1135 44  HOH   HOH A . 
F 4 HOH   136 1136 43  HOH   HOH A . 
F 4 HOH   137 1137 53  HOH   HOH A . 
F 4 HOH   138 1138 100 HOH   HOH A . 
F 4 HOH   139 1139 143 HOH   HOH A . 
F 4 HOH   140 1140 151 HOH   HOH A . 
F 4 HOH   141 1141 123 HOH   HOH A . 
F 4 HOH   142 1142 102 HOH   HOH A . 
F 4 HOH   143 1143 101 HOH   HOH A . 
F 4 HOH   144 1144 76  HOH   HOH A . 
F 4 HOH   145 1145 63  HOH   HOH A . 
F 4 HOH   146 1146 87  HOH   HOH A . 
F 4 HOH   147 1147 176 HOH   HOH A . 
F 4 HOH   148 1148 136 HOH   HOH A . 
F 4 HOH   149 1149 107 HOH   HOH A . 
F 4 HOH   150 1150 98  HOH   HOH A . 
F 4 HOH   151 1151 144 HOH   HOH A . 
F 4 HOH   152 1152 167 HOH   HOH A . 
F 4 HOH   153 1153 135 HOH   HOH A . 
F 4 HOH   154 1154 57  HOH   HOH A . 
F 4 HOH   155 1155 67  HOH   HOH A . 
F 4 HOH   156 1156 148 HOH   HOH A . 
F 4 HOH   157 1157 9   HOH   HOH A . 
F 4 HOH   158 1158 179 HOH   HOH A . 
F 4 HOH   159 1159 96  HOH   HOH A . 
F 4 HOH   160 1160 55  HOH   HOH A . 
F 4 HOH   161 1161 126 HOH   HOH A . 
F 4 HOH   162 1162 48  HOH   HOH A . 
F 4 HOH   163 1163 104 HOH   HOH A . 
F 4 HOH   164 1164 99  HOH   HOH A . 
F 4 HOH   165 1165 134 HOH   HOH A . 
F 4 HOH   166 1166 75  HOH   HOH A . 
F 4 HOH   167 1167 169 HOH   HOH A . 
F 4 HOH   168 1168 124 HOH   HOH A . 
F 4 HOH   169 1169 114 HOH   HOH A . 
F 4 HOH   170 1170 35  HOH   HOH A . 
F 4 HOH   171 1171 115 HOH   HOH A . 
F 4 HOH   172 1172 128 HOH   HOH A . 
F 4 HOH   173 1173 120 HOH   HOH A . 
F 4 HOH   174 1174 147 HOH   HOH A . 
F 4 HOH   175 1175 131 HOH   HOH A . 
F 4 HOH   176 1176 133 HOH   HOH A . 
F 4 HOH   177 1177 178 HOH   HOH A . 
F 4 HOH   178 1178 163 HOH   HOH A . 
F 4 HOH   179 1179 160 HOH   HOH A . 
F 4 HOH   180 1180 172 HOH   HOH A . 
# 
loop_
_software.citation_id 
_software.classification 
_software.compiler_name 
_software.compiler_version 
_software.contact_author 
_software.contact_author_email 
_software.date 
_software.description 
_software.dependencies 
_software.hardware 
_software.language 
_software.location 
_software.mods 
_software.name 
_software.os 
_software.os_version 
_software.type 
_software.version 
_software.pdbx_ordinal 
? refinement       ? ? ? ? ? ? ? ? ? ? ? PHENIX  ? ? ? '(1.20.1_4487: ???)' 1 
? 'data scaling'   ? ? ? ? ? ? ? ? ? ? ? Aimless ? ? ? .                    2 
? 'data reduction' ? ? ? ? ? ? ? ? ? ? ? iMOSFLM ? ? ? .                    3 
? phasing          ? ? ? ? ? ? ? ? ? ? ? PHENIX  ? ? ? .                    4 
# 
_cell.angle_alpha                  90.00 
_cell.angle_alpha_esd              ? 
_cell.angle_beta                   90.00 
_cell.angle_beta_esd               ? 
_cell.angle_gamma                  120.00 
_cell.angle_gamma_esd              ? 
_cell.entry_id                     8VZ3 
_cell.details                      ? 
_cell.formula_units_Z              ? 
_cell.length_a                     68.881 
_cell.length_a_esd                 ? 
_cell.length_b                     68.881 
_cell.length_b_esd                 ? 
_cell.length_c                     79.663 
_cell.length_c_esd                 ? 
_cell.volume                       ? 
_cell.volume_esd                   ? 
_cell.Z_PDB                        6 
_cell.reciprocal_angle_alpha       ? 
_cell.reciprocal_angle_beta        ? 
_cell.reciprocal_angle_gamma       ? 
_cell.reciprocal_angle_alpha_esd   ? 
_cell.reciprocal_angle_beta_esd    ? 
_cell.reciprocal_angle_gamma_esd   ? 
_cell.reciprocal_length_a          ? 
_cell.reciprocal_length_b          ? 
_cell.reciprocal_length_c          ? 
_cell.reciprocal_length_a_esd      ? 
_cell.reciprocal_length_b_esd      ? 
_cell.reciprocal_length_c_esd      ? 
_cell.pdbx_unique_axis             ? 
_cell.pdbx_esd_method              ? 
# 
_symmetry.entry_id                         8VZ3 
_symmetry.cell_setting                     ? 
_symmetry.Int_Tables_number                152 
_symmetry.space_group_name_Hall            ? 
_symmetry.space_group_name_H-M             'P 31 2 1' 
_symmetry.pdbx_full_space_group_name_H-M   ? 
# 
_exptl.absorpt_coefficient_mu     ? 
_exptl.absorpt_correction_T_max   ? 
_exptl.absorpt_correction_T_min   ? 
_exptl.absorpt_correction_type    ? 
_exptl.absorpt_process_details    ? 
_exptl.entry_id                   8VZ3 
_exptl.crystals_number            1 
_exptl.details                    ? 
_exptl.method                     'X-RAY DIFFRACTION' 
_exptl.method_details             ? 
# 
_exptl_crystal.colour                       ? 
_exptl_crystal.density_diffrn               ? 
_exptl_crystal.density_Matthews             2.93 
_exptl_crystal.density_method               ? 
_exptl_crystal.density_percent_sol          58.04 
_exptl_crystal.description                  ? 
_exptl_crystal.F_000                        ? 
_exptl_crystal.id                           1 
_exptl_crystal.preparation                  ? 
_exptl_crystal.size_max                     ? 
_exptl_crystal.size_mid                     ? 
_exptl_crystal.size_min                     ? 
_exptl_crystal.size_rad                     ? 
_exptl_crystal.colour_lustre                ? 
_exptl_crystal.colour_modifier              ? 
_exptl_crystal.colour_primary               ? 
_exptl_crystal.density_meas                 ? 
_exptl_crystal.density_meas_esd             ? 
_exptl_crystal.density_meas_gt              ? 
_exptl_crystal.density_meas_lt              ? 
_exptl_crystal.density_meas_temp            ? 
_exptl_crystal.density_meas_temp_esd        ? 
_exptl_crystal.density_meas_temp_gt         ? 
_exptl_crystal.density_meas_temp_lt         ? 
_exptl_crystal.pdbx_crystal_image_url       ? 
_exptl_crystal.pdbx_crystal_image_format    ? 
_exptl_crystal.pdbx_mosaicity               ? 
_exptl_crystal.pdbx_mosaicity_esd           ? 
_exptl_crystal.pdbx_mosaic_method           ? 
_exptl_crystal.pdbx_mosaic_block_size       ? 
_exptl_crystal.pdbx_mosaic_block_size_esd   ? 
# 
_exptl_crystal_grow.apparatus       ? 
_exptl_crystal_grow.atmosphere      ? 
_exptl_crystal_grow.crystal_id      1 
_exptl_crystal_grow.details         ? 
_exptl_crystal_grow.method          'VAPOR DIFFUSION, HANGING DROP' 
_exptl_crystal_grow.method_ref      ? 
_exptl_crystal_grow.pH              7.5 
_exptl_crystal_grow.pressure        ? 
_exptl_crystal_grow.pressure_esd    ? 
_exptl_crystal_grow.seeding         ? 
_exptl_crystal_grow.seeding_ref     ? 
_exptl_crystal_grow.temp_details    ? 
_exptl_crystal_grow.temp_esd        ? 
_exptl_crystal_grow.time            ? 
_exptl_crystal_grow.pdbx_details    '2.0 M ammonium sulfate, 0.1 M sodium HEPES, 1% v/v polyethylene glycol 400' 
_exptl_crystal_grow.pdbx_pH_range   7.0-7.5 
_exptl_crystal_grow.temp            277 
# 
_diffrn.ambient_environment              ? 
_diffrn.ambient_temp                     100 
_diffrn.ambient_temp_details             ? 
_diffrn.ambient_temp_esd                 ? 
_diffrn.crystal_id                       1 
_diffrn.crystal_support                  ? 
_diffrn.crystal_treatment                ? 
_diffrn.details                          ? 
_diffrn.id                               1 
_diffrn.ambient_pressure                 ? 
_diffrn.ambient_pressure_esd             ? 
_diffrn.ambient_pressure_gt              ? 
_diffrn.ambient_pressure_lt              ? 
_diffrn.ambient_temp_gt                  ? 
_diffrn.ambient_temp_lt                  ? 
_diffrn.pdbx_serial_crystal_experiment   N 
# 
_diffrn_detector.details                      ? 
_diffrn_detector.detector                     PIXEL 
_diffrn_detector.diffrn_id                    1 
_diffrn_detector.type                         'DECTRIS PILATUS3 2M' 
_diffrn_detector.area_resol_mean              ? 
_diffrn_detector.dtime                        ? 
_diffrn_detector.pdbx_frames_total            ? 
_diffrn_detector.pdbx_collection_time_total   ? 
_diffrn_detector.pdbx_collection_date         2023-05-20 
_diffrn_detector.pdbx_frequency               ? 
_diffrn_detector.id                           ? 
_diffrn_detector.number_of_axes               ? 
# 
_diffrn_radiation.collimation                      ? 
_diffrn_radiation.diffrn_id                        1 
_diffrn_radiation.filter_edge                      ? 
_diffrn_radiation.inhomogeneity                    ? 
_diffrn_radiation.monochromator                    'Single-crystal Si(220)' 
_diffrn_radiation.polarisn_norm                    ? 
_diffrn_radiation.polarisn_ratio                   ? 
_diffrn_radiation.probe                            ? 
_diffrn_radiation.type                             ? 
_diffrn_radiation.xray_symbol                      ? 
_diffrn_radiation.wavelength_id                    1 
_diffrn_radiation.pdbx_monochromatic_or_laue_m_l   M 
_diffrn_radiation.pdbx_wavelength_list             ? 
_diffrn_radiation.pdbx_wavelength                  ? 
_diffrn_radiation.pdbx_diffrn_protocol             'SINGLE WAVELENGTH' 
_diffrn_radiation.pdbx_analyzer                    ? 
_diffrn_radiation.pdbx_scattering_type             x-ray 
# 
_diffrn_radiation_wavelength.id           1 
_diffrn_radiation_wavelength.wavelength   0.97648 
_diffrn_radiation_wavelength.wt           1.0 
# 
_diffrn_source.current                     ? 
_diffrn_source.details                     ? 
_diffrn_source.diffrn_id                   1 
_diffrn_source.power                       ? 
_diffrn_source.size                        ? 
_diffrn_source.source                      SYNCHROTRON 
_diffrn_source.target                      ? 
_diffrn_source.type                        'ALS BEAMLINE 5.0.3' 
_diffrn_source.voltage                     ? 
_diffrn_source.take-off_angle              ? 
_diffrn_source.pdbx_wavelength_list        0.97648 
_diffrn_source.pdbx_wavelength             ? 
_diffrn_source.pdbx_synchrotron_beamline   5.0.3 
_diffrn_source.pdbx_synchrotron_site       ALS 
# 
_reflns.B_iso_Wilson_estimate                          ? 
_reflns.entry_id                                       8VZ3 
_reflns.data_reduction_details                         ? 
_reflns.data_reduction_method                          ? 
_reflns.d_resolution_high                              1.65 
_reflns.d_resolution_low                               47.75 
_reflns.details                                        ? 
_reflns.limit_h_max                                    ? 
_reflns.limit_h_min                                    ? 
_reflns.limit_k_max                                    ? 
_reflns.limit_k_min                                    ? 
_reflns.limit_l_max                                    ? 
_reflns.limit_l_min                                    ? 
_reflns.number_all                                     ? 
_reflns.number_obs                                     26821 
_reflns.observed_criterion                             ? 
_reflns.observed_criterion_F_max                       ? 
_reflns.observed_criterion_F_min                       ? 
_reflns.observed_criterion_I_max                       ? 
_reflns.observed_criterion_I_min                       ? 
_reflns.observed_criterion_sigma_F                     ? 
_reflns.observed_criterion_sigma_I                     ? 
_reflns.percent_possible_obs                           100.0 
_reflns.R_free_details                                 ? 
_reflns.Rmerge_F_all                                   ? 
_reflns.Rmerge_F_obs                                   ? 
_reflns.Friedel_coverage                               ? 
_reflns.number_gt                                      ? 
_reflns.threshold_expression                           ? 
_reflns.pdbx_redundancy                                16.7 
_reflns.pdbx_netI_over_av_sigmaI                       ? 
_reflns.pdbx_netI_over_sigmaI                          21.6 
_reflns.pdbx_res_netI_over_av_sigmaI_2                 ? 
_reflns.pdbx_res_netI_over_sigmaI_2                    ? 
_reflns.pdbx_chi_squared                               0.53 
_reflns.pdbx_scaling_rejects                           ? 
_reflns.pdbx_d_res_high_opt                            ? 
_reflns.pdbx_d_res_low_opt                             ? 
_reflns.pdbx_d_res_opt_method                          ? 
_reflns.phase_calculation_details                      ? 
_reflns.pdbx_Rrim_I_all                                0.080 
_reflns.pdbx_Rpim_I_all                                0.019 
_reflns.pdbx_d_opt                                     ? 
_reflns.pdbx_number_measured_all                       448311 
_reflns.pdbx_diffrn_id                                 1 
_reflns.pdbx_ordinal                                   1 
_reflns.pdbx_CC_half                                   1.000 
_reflns.pdbx_CC_star                                   ? 
_reflns.pdbx_R_split                                   ? 
_reflns.pdbx_Rmerge_I_obs                              0.078 
_reflns.pdbx_Rmerge_I_all                              ? 
_reflns.pdbx_Rsym_value                                ? 
_reflns.pdbx_CC_split_method                           ? 
_reflns.pdbx_aniso_diffraction_limit_axis_1_ortho[1]   ? 
_reflns.pdbx_aniso_diffraction_limit_axis_1_ortho[2]   ? 
_reflns.pdbx_aniso_diffraction_limit_axis_1_ortho[3]   ? 
_reflns.pdbx_aniso_diffraction_limit_axis_2_ortho[1]   ? 
_reflns.pdbx_aniso_diffraction_limit_axis_2_ortho[2]   ? 
_reflns.pdbx_aniso_diffraction_limit_axis_2_ortho[3]   ? 
_reflns.pdbx_aniso_diffraction_limit_axis_3_ortho[1]   ? 
_reflns.pdbx_aniso_diffraction_limit_axis_3_ortho[2]   ? 
_reflns.pdbx_aniso_diffraction_limit_axis_3_ortho[3]   ? 
_reflns.pdbx_aniso_diffraction_limit_1                 ? 
_reflns.pdbx_aniso_diffraction_limit_2                 ? 
_reflns.pdbx_aniso_diffraction_limit_3                 ? 
_reflns.pdbx_aniso_B_tensor_eigenvector_1_ortho[1]     ? 
_reflns.pdbx_aniso_B_tensor_eigenvector_1_ortho[2]     ? 
_reflns.pdbx_aniso_B_tensor_eigenvector_1_ortho[3]     ? 
_reflns.pdbx_aniso_B_tensor_eigenvector_2_ortho[1]     ? 
_reflns.pdbx_aniso_B_tensor_eigenvector_2_ortho[2]     ? 
_reflns.pdbx_aniso_B_tensor_eigenvector_2_ortho[3]     ? 
_reflns.pdbx_aniso_B_tensor_eigenvector_3_ortho[1]     ? 
_reflns.pdbx_aniso_B_tensor_eigenvector_3_ortho[2]     ? 
_reflns.pdbx_aniso_B_tensor_eigenvector_3_ortho[3]     ? 
_reflns.pdbx_aniso_B_tensor_eigenvalue_1               ? 
_reflns.pdbx_aniso_B_tensor_eigenvalue_2               ? 
_reflns.pdbx_aniso_B_tensor_eigenvalue_3               ? 
_reflns.pdbx_orthogonalization_convention              ? 
_reflns.pdbx_percent_possible_ellipsoidal              ? 
_reflns.pdbx_percent_possible_spherical                ? 
_reflns.pdbx_percent_possible_ellipsoidal_anomalous    ? 
_reflns.pdbx_percent_possible_spherical_anomalous      ? 
_reflns.pdbx_redundancy_anomalous                      ? 
_reflns.pdbx_CC_half_anomalous                         ? 
_reflns.pdbx_absDiff_over_sigma_anomalous              ? 
_reflns.pdbx_percent_possible_anomalous                ? 
_reflns.pdbx_observed_signal_threshold                 ? 
_reflns.pdbx_signal_type                               ? 
_reflns.pdbx_signal_details                            ? 
_reflns.pdbx_signal_software_id                        ? 
# 
_reflns_shell.d_res_high                                    1.65 
_reflns_shell.d_res_low                                     1.68 
_reflns_shell.meanI_over_sigI_all                           ? 
_reflns_shell.meanI_over_sigI_obs                           ? 
_reflns_shell.number_measured_all                           9246 
_reflns_shell.number_measured_obs                           ? 
_reflns_shell.number_possible                               ? 
_reflns_shell.number_unique_all                             ? 
_reflns_shell.number_unique_obs                             1302 
_reflns_shell.percent_possible_obs                          100.0 
_reflns_shell.Rmerge_F_all                                  ? 
_reflns_shell.Rmerge_F_obs                                  ? 
_reflns_shell.meanI_over_sigI_gt                            ? 
_reflns_shell.meanI_over_uI_all                             ? 
_reflns_shell.meanI_over_uI_gt                              ? 
_reflns_shell.number_measured_gt                            ? 
_reflns_shell.number_unique_gt                              ? 
_reflns_shell.percent_possible_gt                           ? 
_reflns_shell.Rmerge_F_gt                                   ? 
_reflns_shell.Rmerge_I_gt                                   ? 
_reflns_shell.pdbx_redundancy                               7.1 
_reflns_shell.pdbx_chi_squared                              0.23 
_reflns_shell.pdbx_netI_over_sigmaI_all                     ? 
_reflns_shell.pdbx_netI_over_sigmaI_obs                     0.8 
_reflns_shell.pdbx_Rrim_I_all                               1.364 
_reflns_shell.pdbx_Rpim_I_all                               0.509 
_reflns_shell.pdbx_rejects                                  ? 
_reflns_shell.pdbx_ordinal                                  1 
_reflns_shell.pdbx_diffrn_id                                1 
_reflns_shell.pdbx_CC_half                                  0.643 
_reflns_shell.pdbx_CC_star                                  ? 
_reflns_shell.pdbx_R_split                                  ? 
_reflns_shell.percent_possible_all                          ? 
_reflns_shell.Rmerge_I_all                                  ? 
_reflns_shell.Rmerge_I_obs                                  1.264 
_reflns_shell.pdbx_Rsym_value                               ? 
_reflns_shell.pdbx_percent_possible_ellipsoidal             ? 
_reflns_shell.pdbx_percent_possible_spherical               ? 
_reflns_shell.pdbx_percent_possible_ellipsoidal_anomalous   ? 
_reflns_shell.pdbx_percent_possible_spherical_anomalous     ? 
_reflns_shell.pdbx_redundancy_anomalous                     ? 
_reflns_shell.pdbx_CC_half_anomalous                        ? 
_reflns_shell.pdbx_absDiff_over_sigma_anomalous             ? 
_reflns_shell.pdbx_percent_possible_anomalous               ? 
# 
_refine.aniso_B[1][1]                            ? 
_refine.aniso_B[1][2]                            ? 
_refine.aniso_B[1][3]                            ? 
_refine.aniso_B[2][2]                            ? 
_refine.aniso_B[2][3]                            ? 
_refine.aniso_B[3][3]                            ? 
_refine.B_iso_max                                ? 
_refine.B_iso_mean                               ? 
_refine.B_iso_min                                ? 
_refine.correlation_coeff_Fo_to_Fc               ? 
_refine.correlation_coeff_Fo_to_Fc_free          ? 
_refine.details                                  ? 
_refine.diff_density_max                         ? 
_refine.diff_density_max_esd                     ? 
_refine.diff_density_min                         ? 
_refine.diff_density_min_esd                     ? 
_refine.diff_density_rms                         ? 
_refine.diff_density_rms_esd                     ? 
_refine.entry_id                                 8VZ3 
_refine.pdbx_refine_id                           'X-RAY DIFFRACTION' 
_refine.ls_abs_structure_details                 ? 
_refine.ls_abs_structure_Flack                   ? 
_refine.ls_abs_structure_Flack_esd               ? 
_refine.ls_abs_structure_Rogers                  ? 
_refine.ls_abs_structure_Rogers_esd              ? 
_refine.ls_d_res_high                            1.65 
_refine.ls_d_res_low                             47.75 
_refine.ls_extinction_coef                       ? 
_refine.ls_extinction_coef_esd                   ? 
_refine.ls_extinction_expression                 ? 
_refine.ls_extinction_method                     ? 
_refine.ls_goodness_of_fit_all                   ? 
_refine.ls_goodness_of_fit_all_esd               ? 
_refine.ls_goodness_of_fit_obs                   ? 
_refine.ls_goodness_of_fit_obs_esd               ? 
_refine.ls_hydrogen_treatment                    ? 
_refine.ls_matrix_type                           ? 
_refine.ls_number_constraints                    ? 
_refine.ls_number_parameters                     ? 
_refine.ls_number_reflns_all                     ? 
_refine.ls_number_reflns_obs                     26769 
_refine.ls_number_reflns_R_free                  1279 
_refine.ls_number_reflns_R_work                  ? 
_refine.ls_number_restraints                     ? 
_refine.ls_percent_reflns_obs                    99.91 
_refine.ls_percent_reflns_R_free                 4.78 
_refine.ls_R_factor_all                          ? 
_refine.ls_R_factor_obs                          0.2080 
_refine.ls_R_factor_R_free                       0.2205 
_refine.ls_R_factor_R_free_error                 ? 
_refine.ls_R_factor_R_free_error_details         ? 
_refine.ls_R_factor_R_work                       0.2073 
_refine.ls_R_Fsqd_factor_obs                     ? 
_refine.ls_R_I_factor_obs                        ? 
_refine.ls_redundancy_reflns_all                 ? 
_refine.ls_redundancy_reflns_obs                 ? 
_refine.ls_restrained_S_all                      ? 
_refine.ls_restrained_S_obs                      ? 
_refine.ls_shift_over_esd_max                    ? 
_refine.ls_shift_over_esd_mean                   ? 
_refine.ls_structure_factor_coef                 ? 
_refine.ls_weighting_details                     ? 
_refine.ls_weighting_scheme                      ? 
_refine.ls_wR_factor_all                         ? 
_refine.ls_wR_factor_obs                         ? 
_refine.ls_wR_factor_R_free                      ? 
_refine.ls_wR_factor_R_work                      ? 
_refine.occupancy_max                            ? 
_refine.occupancy_min                            ? 
_refine.solvent_model_details                    'FLAT BULK SOLVENT MODEL' 
_refine.solvent_model_param_bsol                 ? 
_refine.solvent_model_param_ksol                 ? 
_refine.pdbx_R_complete                          ? 
_refine.ls_R_factor_gt                           ? 
_refine.ls_goodness_of_fit_gt                    ? 
_refine.ls_goodness_of_fit_ref                   ? 
_refine.ls_shift_over_su_max                     ? 
_refine.ls_shift_over_su_max_lt                  ? 
_refine.ls_shift_over_su_mean                    ? 
_refine.ls_shift_over_su_mean_lt                 ? 
_refine.pdbx_ls_sigma_I                          ? 
_refine.pdbx_ls_sigma_F                          1.36 
_refine.pdbx_ls_sigma_Fsqd                       ? 
_refine.pdbx_data_cutoff_high_absF               ? 
_refine.pdbx_data_cutoff_high_rms_absF           ? 
_refine.pdbx_data_cutoff_low_absF                ? 
_refine.pdbx_isotropic_thermal_model             ? 
_refine.pdbx_ls_cross_valid_method               THROUGHOUT 
_refine.pdbx_method_to_determine_struct          'MOLECULAR REPLACEMENT' 
_refine.pdbx_starting_model                      ? 
_refine.pdbx_stereochemistry_target_values       ML 
_refine.pdbx_R_Free_selection_details            ? 
_refine.pdbx_stereochem_target_val_spec_case     ? 
_refine.pdbx_overall_ESU_R                       ? 
_refine.pdbx_overall_ESU_R_Free                  ? 
_refine.pdbx_solvent_vdw_probe_radii             1.10 
_refine.pdbx_solvent_ion_probe_radii             ? 
_refine.pdbx_solvent_shrinkage_radii             0.90 
_refine.pdbx_real_space_R                        ? 
_refine.pdbx_density_correlation                 ? 
_refine.pdbx_pd_number_of_powder_patterns        ? 
_refine.pdbx_pd_number_of_points                 ? 
_refine.pdbx_pd_meas_number_of_points            ? 
_refine.pdbx_pd_proc_ls_prof_R_factor            ? 
_refine.pdbx_pd_proc_ls_prof_wR_factor           ? 
_refine.pdbx_pd_Marquardt_correlation_coeff      ? 
_refine.pdbx_pd_Fsqrd_R_factor                   ? 
_refine.pdbx_pd_ls_matrix_band_width             ? 
_refine.pdbx_overall_phase_error                 25.45 
_refine.pdbx_overall_SU_R_free_Cruickshank_DPI   ? 
_refine.pdbx_overall_SU_R_free_Blow_DPI          ? 
_refine.pdbx_overall_SU_R_Blow_DPI               ? 
_refine.pdbx_TLS_residual_ADP_flag               ? 
_refine.pdbx_diffrn_id                           1 
_refine.overall_SU_B                             ? 
_refine.overall_SU_ML                            0.21 
_refine.overall_SU_R_Cruickshank_DPI             ? 
_refine.overall_SU_R_free                        ? 
_refine.overall_FOM_free_R_set                   ? 
_refine.overall_FOM_work_R_set                   ? 
_refine.pdbx_average_fsc_overall                 ? 
_refine.pdbx_average_fsc_work                    ? 
_refine.pdbx_average_fsc_free                    ? 
# 
_refine_hist.pdbx_refine_id                   'X-RAY DIFFRACTION' 
_refine_hist.cycle_id                         LAST 
_refine_hist.details                          ? 
_refine_hist.d_res_high                       1.65 
_refine_hist.d_res_low                        47.75 
_refine_hist.number_atoms_solvent             180 
_refine_hist.number_atoms_total               1379 
_refine_hist.number_reflns_all                ? 
_refine_hist.number_reflns_obs                ? 
_refine_hist.number_reflns_R_free             ? 
_refine_hist.number_reflns_R_work             ? 
_refine_hist.R_factor_all                     ? 
_refine_hist.R_factor_obs                     ? 
_refine_hist.R_factor_R_free                  ? 
_refine_hist.R_factor_R_work                  ? 
_refine_hist.pdbx_number_residues_total       ? 
_refine_hist.pdbx_B_iso_mean_ligand           ? 
_refine_hist.pdbx_B_iso_mean_solvent          ? 
_refine_hist.pdbx_number_atoms_protein        1162 
_refine_hist.pdbx_number_atoms_nucleic_acid   0 
_refine_hist.pdbx_number_atoms_ligand         37 
_refine_hist.pdbx_number_atoms_lipid          ? 
_refine_hist.pdbx_number_atoms_carb           ? 
_refine_hist.pdbx_pseudo_atom_details         ? 
# 
loop_
_refine_ls_restr.pdbx_refine_id 
_refine_ls_restr.criterion 
_refine_ls_restr.dev_ideal 
_refine_ls_restr.dev_ideal_target 
_refine_ls_restr.number 
_refine_ls_restr.rejects 
_refine_ls_restr.type 
_refine_ls_restr.weight 
_refine_ls_restr.pdbx_restraint_function 
'X-RAY DIFFRACTION' ? 0.006  ? 1229 ? f_bond_d           ? ? 
'X-RAY DIFFRACTION' ? 0.838  ? 1654 ? f_angle_d          ? ? 
'X-RAY DIFFRACTION' ? 13.620 ? 477  ? f_dihedral_angle_d ? ? 
'X-RAY DIFFRACTION' ? 0.054  ? 165  ? f_chiral_restr     ? ? 
'X-RAY DIFFRACTION' ? 0.008  ? 216  ? f_plane_restr      ? ? 
# 
loop_
_refine_ls_shell.pdbx_refine_id 
_refine_ls_shell.d_res_high 
_refine_ls_shell.d_res_low 
_refine_ls_shell.number_reflns_all 
_refine_ls_shell.number_reflns_obs 
_refine_ls_shell.number_reflns_R_free 
_refine_ls_shell.number_reflns_R_work 
_refine_ls_shell.percent_reflns_obs 
_refine_ls_shell.percent_reflns_R_free 
_refine_ls_shell.R_factor_all 
_refine_ls_shell.R_factor_obs 
_refine_ls_shell.R_factor_R_free_error 
_refine_ls_shell.R_factor_R_work 
_refine_ls_shell.redundancy_reflns_all 
_refine_ls_shell.redundancy_reflns_obs 
_refine_ls_shell.wR_factor_all 
_refine_ls_shell.wR_factor_obs 
_refine_ls_shell.wR_factor_R_free 
_refine_ls_shell.wR_factor_R_work 
_refine_ls_shell.pdbx_R_complete 
_refine_ls_shell.pdbx_total_number_of_bins_used 
_refine_ls_shell.pdbx_phase_error 
_refine_ls_shell.pdbx_fsc_work 
_refine_ls_shell.pdbx_fsc_free 
_refine_ls_shell.R_factor_R_free 
'X-RAY DIFFRACTION' 1.65 1.72  . . 151 2794 100.00 . . . . 0.3447 . . . . . . . . . . . 0.3878 
'X-RAY DIFFRACTION' 1.72 1.79  . . 140 2763 100.00 . . . . 0.2735 . . . . . . . . . . . 0.2888 
'X-RAY DIFFRACTION' 1.79 1.89  . . 140 2800 100.00 . . . . 0.2513 . . . . . . . . . . . 0.2787 
'X-RAY DIFFRACTION' 1.89 2.01  . . 121 2810 100.00 . . . . 0.2661 . . . . . . . . . . . 0.2658 
'X-RAY DIFFRACTION' 2.01 2.16  . . 132 2827 100.00 . . . . 0.2281 . . . . . . . . . . . 0.2236 
'X-RAY DIFFRACTION' 2.16 2.38  . . 163 2802 100.00 . . . . 0.2230 . . . . . . . . . . . 0.2560 
'X-RAY DIFFRACTION' 2.38 2.72  . . 118 2866 100.00 . . . . 0.2130 . . . . . . . . . . . 0.1917 
'X-RAY DIFFRACTION' 2.72 3.43  . . 163 2850 100.00 . . . . 0.1913 . . . . . . . . . . . 0.2105 
'X-RAY DIFFRACTION' 3.43 47.75 . . 151 2978 100.00 . . . . 0.1683 . . . . . . . . . . . 0.1849 
# 
_struct.entry_id                     8VZ3 
_struct.title                        'Structure of human PIN1 covalently derivatized with SuFEx compound' 
_struct.pdbx_model_details           ? 
_struct.pdbx_formula_weight          ? 
_struct.pdbx_formula_weight_method   ? 
_struct.pdbx_model_type_details      ? 
_struct.pdbx_CASP_flag               N 
# 
_struct_keywords.entry_id        8VZ3 
_struct_keywords.text            'Covalently labeled, ISOMERASE' 
_struct_keywords.pdbx_keywords   ISOMERASE 
# 
loop_
_struct_asym.id 
_struct_asym.pdbx_blank_PDB_chainid_flag 
_struct_asym.pdbx_modified 
_struct_asym.entity_id 
_struct_asym.details 
A N N 1 ? 
B N N 2 ? 
C N N 3 ? 
D N N 3 ? 
E N N 3 ? 
F N N 4 ? 
# 
_struct_ref.id                         1 
_struct_ref.db_name                    UNP 
_struct_ref.db_code                    PIN1_HUMAN 
_struct_ref.pdbx_db_accession          Q13526 
_struct_ref.pdbx_db_isoform            ? 
_struct_ref.entity_id                  1 
_struct_ref.pdbx_seq_one_letter_code   
;MADEEKLPPGWEKRMSRSSGRVYYFNHITNASQWERPSGNSSSGGKNGQGEPARVRCSHLLVKHSQSRRPSSWRQEKITR
TKEEALELINGYIQKIKSGEEDFESLASQFSDCSSAKARGDLGAFSRGQMQKPFEDASFALRTGEMSGPVFTDSGIHIIL
RTE
;
_struct_ref.pdbx_align_begin           1 
# 
_struct_ref_seq.align_id                      1 
_struct_ref_seq.ref_id                        1 
_struct_ref_seq.pdbx_PDB_id_code              8VZ3 
_struct_ref_seq.pdbx_strand_id                A 
_struct_ref_seq.seq_align_beg                 5 
_struct_ref_seq.pdbx_seq_align_beg_ins_code   ? 
_struct_ref_seq.seq_align_end                 167 
_struct_ref_seq.pdbx_seq_align_end_ins_code   ? 
_struct_ref_seq.pdbx_db_accession             Q13526 
_struct_ref_seq.db_align_beg                  1 
_struct_ref_seq.pdbx_db_align_beg_ins_code    ? 
_struct_ref_seq.db_align_end                  163 
_struct_ref_seq.pdbx_db_align_end_ins_code    ? 
_struct_ref_seq.pdbx_auth_seq_align_beg       1 
_struct_ref_seq.pdbx_auth_seq_align_end       163 
# 
loop_
_struct_ref_seq_dif.align_id 
_struct_ref_seq_dif.pdbx_pdb_id_code 
_struct_ref_seq_dif.mon_id 
_struct_ref_seq_dif.pdbx_pdb_strand_id 
_struct_ref_seq_dif.seq_num 
_struct_ref_seq_dif.pdbx_pdb_ins_code 
_struct_ref_seq_dif.pdbx_seq_db_name 
_struct_ref_seq_dif.pdbx_seq_db_accession_code 
_struct_ref_seq_dif.db_mon_id 
_struct_ref_seq_dif.pdbx_seq_db_seq_num 
_struct_ref_seq_dif.details 
_struct_ref_seq_dif.pdbx_auth_seq_num 
_struct_ref_seq_dif.pdbx_ordinal 
1 8VZ3 GLY A 1 ? UNP Q13526 ? ? 'expression tag' -3 1 
1 8VZ3 SER A 2 ? UNP Q13526 ? ? 'expression tag' -2 2 
1 8VZ3 HIS A 3 ? UNP Q13526 ? ? 'expression tag' -1 3 
1 8VZ3 GLY A 4 ? UNP Q13526 ? ? 'expression tag' 0  4 
# 
_pdbx_struct_assembly.id                   1 
_pdbx_struct_assembly.details              author_defined_assembly 
_pdbx_struct_assembly.method_details       ? 
_pdbx_struct_assembly.oligomeric_details   monomeric 
_pdbx_struct_assembly.oligomeric_count     1 
# 
_pdbx_struct_assembly_gen.assembly_id       1 
_pdbx_struct_assembly_gen.oper_expression   1 
_pdbx_struct_assembly_gen.asym_id_list      A,B,C,D,E,F 
# 
_pdbx_struct_assembly_auth_evidence.id                     1 
_pdbx_struct_assembly_auth_evidence.assembly_id            1 
_pdbx_struct_assembly_auth_evidence.experimental_support   'gel filtration' 
_pdbx_struct_assembly_auth_evidence.details                ? 
# 
_pdbx_struct_oper_list.id                   1 
_pdbx_struct_oper_list.type                 'identity operation' 
_pdbx_struct_oper_list.name                 1_555 
_pdbx_struct_oper_list.symmetry_operation   x,y,z 
_pdbx_struct_oper_list.matrix[1][1]         1.0000000000 
_pdbx_struct_oper_list.matrix[1][2]         0.0000000000 
_pdbx_struct_oper_list.matrix[1][3]         0.0000000000 
_pdbx_struct_oper_list.vector[1]            0.0000000000 
_pdbx_struct_oper_list.matrix[2][1]         0.0000000000 
_pdbx_struct_oper_list.matrix[2][2]         1.0000000000 
_pdbx_struct_oper_list.matrix[2][3]         0.0000000000 
_pdbx_struct_oper_list.vector[2]            0.0000000000 
_pdbx_struct_oper_list.matrix[3][1]         0.0000000000 
_pdbx_struct_oper_list.matrix[3][2]         0.0000000000 
_pdbx_struct_oper_list.matrix[3][3]         1.0000000000 
_pdbx_struct_oper_list.vector[3]            0.0000000000 
# 
loop_
_struct_conf.conf_type_id 
_struct_conf.id 
_struct_conf.pdbx_PDB_helix_id 
_struct_conf.beg_label_comp_id 
_struct_conf.beg_label_asym_id 
_struct_conf.beg_label_seq_id 
_struct_conf.pdbx_beg_PDB_ins_code 
_struct_conf.end_label_comp_id 
_struct_conf.end_label_asym_id 
_struct_conf.end_label_seq_id 
_struct_conf.pdbx_end_PDB_ins_code 
_struct_conf.beg_auth_comp_id 
_struct_conf.beg_auth_asym_id 
_struct_conf.beg_auth_seq_id 
_struct_conf.end_auth_comp_id 
_struct_conf.end_auth_asym_id 
_struct_conf.end_auth_seq_id 
_struct_conf.pdbx_PDB_helix_class 
_struct_conf.details 
_struct_conf.pdbx_PDB_helix_length 
HELX_P HELX_P1 AA1 THR A 85  ? SER A 102 ? THR A 81  SER A 98  1 ? 18 
HELX_P HELX_P2 AA2 ASP A 106 ? SER A 115 ? ASP A 102 SER A 111 1 ? 10 
HELX_P HELX_P3 AA3 CYS A 117 ? ARG A 123 ? CYS A 113 ARG A 119 5 ? 7  
HELX_P HELX_P4 AA4 GLN A 135 ? LEU A 145 ? GLN A 131 LEU A 141 1 ? 11 
# 
_struct_conf_type.id          HELX_P 
_struct_conf_type.criteria    ? 
_struct_conf_type.reference   ? 
# 
_struct_conn.id                            covale1 
_struct_conn.conn_type_id                  covale 
_struct_conn.pdbx_leaving_atom_flag        one 
_struct_conn.pdbx_PDB_id                   ? 
_struct_conn.ptnr1_label_asym_id           A 
_struct_conn.ptnr1_label_comp_id           TYR 
_struct_conn.ptnr1_label_seq_id            27 
_struct_conn.ptnr1_label_atom_id           OH 
_struct_conn.pdbx_ptnr1_label_alt_id       ? 
_struct_conn.pdbx_ptnr1_PDB_ins_code       ? 
_struct_conn.pdbx_ptnr1_standard_comp_id   ? 
_struct_conn.ptnr1_symmetry                1_555 
_struct_conn.ptnr2_label_asym_id           B 
_struct_conn.ptnr2_label_comp_id           A1AEL 
_struct_conn.ptnr2_label_seq_id            . 
_struct_conn.ptnr2_label_atom_id           S8 
_struct_conn.pdbx_ptnr2_label_alt_id       ? 
_struct_conn.pdbx_ptnr2_PDB_ins_code       ? 
_struct_conn.ptnr1_auth_asym_id            A 
_struct_conn.ptnr1_auth_comp_id            TYR 
_struct_conn.ptnr1_auth_seq_id             23 
_struct_conn.ptnr2_auth_asym_id            A 
_struct_conn.ptnr2_auth_comp_id            A1AEL 
_struct_conn.ptnr2_auth_seq_id             901 
_struct_conn.ptnr2_symmetry                1_555 
_struct_conn.pdbx_ptnr3_label_atom_id      ? 
_struct_conn.pdbx_ptnr3_label_seq_id       ? 
_struct_conn.pdbx_ptnr3_label_comp_id      ? 
_struct_conn.pdbx_ptnr3_label_asym_id      ? 
_struct_conn.pdbx_ptnr3_label_alt_id       ? 
_struct_conn.pdbx_ptnr3_PDB_ins_code       ? 
_struct_conn.details                       ? 
_struct_conn.pdbx_dist_value               1.625 
_struct_conn.pdbx_value_order              ? 
_struct_conn.pdbx_role                     ? 
# 
_struct_conn_type.id          covale 
_struct_conn_type.criteria    ? 
_struct_conn_type.reference   ? 
# 
_pdbx_modification_feature.ordinal                            1 
_pdbx_modification_feature.label_comp_id                      A1AEL 
_pdbx_modification_feature.label_asym_id                      B 
_pdbx_modification_feature.label_seq_id                       . 
_pdbx_modification_feature.label_alt_id                       ? 
_pdbx_modification_feature.modified_residue_label_comp_id     TYR 
_pdbx_modification_feature.modified_residue_label_asym_id     A 
_pdbx_modification_feature.modified_residue_label_seq_id      27 
_pdbx_modification_feature.modified_residue_label_alt_id      ? 
_pdbx_modification_feature.auth_comp_id                       A1AEL 
_pdbx_modification_feature.auth_asym_id                       A 
_pdbx_modification_feature.auth_seq_id                        901 
_pdbx_modification_feature.PDB_ins_code                       ? 
_pdbx_modification_feature.symmetry                           1_555 
_pdbx_modification_feature.modified_residue_auth_comp_id      TYR 
_pdbx_modification_feature.modified_residue_auth_asym_id      A 
_pdbx_modification_feature.modified_residue_auth_seq_id       23 
_pdbx_modification_feature.modified_residue_PDB_ins_code      ? 
_pdbx_modification_feature.modified_residue_symmetry          1_555 
_pdbx_modification_feature.comp_id_linking_atom               S8 
_pdbx_modification_feature.modified_residue_id_linking_atom   OH 
_pdbx_modification_feature.modified_residue_id                TYR 
_pdbx_modification_feature.ref_pcm_id                         1 
_pdbx_modification_feature.ref_comp_id                        A1AEL 
_pdbx_modification_feature.type                               None 
_pdbx_modification_feature.category                           'Covalent chemical modification' 
# 
loop_
_struct_sheet.id 
_struct_sheet.type 
_struct_sheet.number_strands 
_struct_sheet.details 
AA1 ? 3 ? 
AA2 ? 4 ? 
# 
loop_
_struct_sheet_order.sheet_id 
_struct_sheet_order.range_id_1 
_struct_sheet_order.range_id_2 
_struct_sheet_order.offset 
_struct_sheet_order.sense 
AA1 1 2 ? anti-parallel 
AA1 2 3 ? anti-parallel 
AA2 1 2 ? anti-parallel 
AA2 2 3 ? anti-parallel 
AA2 3 4 ? anti-parallel 
# 
loop_
_struct_sheet_range.sheet_id 
_struct_sheet_range.id 
_struct_sheet_range.beg_label_comp_id 
_struct_sheet_range.beg_label_asym_id 
_struct_sheet_range.beg_label_seq_id 
_struct_sheet_range.pdbx_beg_PDB_ins_code 
_struct_sheet_range.end_label_comp_id 
_struct_sheet_range.end_label_asym_id 
_struct_sheet_range.end_label_seq_id 
_struct_sheet_range.pdbx_end_PDB_ins_code 
_struct_sheet_range.beg_auth_comp_id 
_struct_sheet_range.beg_auth_asym_id 
_struct_sheet_range.beg_auth_seq_id 
_struct_sheet_range.end_auth_comp_id 
_struct_sheet_range.end_auth_asym_id 
_struct_sheet_range.end_auth_seq_id 
AA1 1 TRP A 15  ? MET A 19  ? TRP A 11  MET A 15  
AA1 2 VAL A 26  ? ASN A 30  ? VAL A 22  ASN A 26  
AA1 3 SER A 36  ? GLN A 37  ? SER A 32  GLN A 33  
AA2 1 ASP A 125 ? SER A 130 ? ASP A 121 SER A 126 
AA2 2 ARG A 58  ? VAL A 66  ? ARG A 54  VAL A 62  
AA2 3 GLY A 159 ? ARG A 165 ? GLY A 155 ARG A 161 
AA2 4 VAL A 154 ? THR A 156 ? VAL A 150 THR A 152 
# 
loop_
_pdbx_struct_sheet_hbond.sheet_id 
_pdbx_struct_sheet_hbond.range_id_1 
_pdbx_struct_sheet_hbond.range_id_2 
_pdbx_struct_sheet_hbond.range_1_label_atom_id 
_pdbx_struct_sheet_hbond.range_1_label_comp_id 
_pdbx_struct_sheet_hbond.range_1_label_asym_id 
_pdbx_struct_sheet_hbond.range_1_label_seq_id 
_pdbx_struct_sheet_hbond.range_1_PDB_ins_code 
_pdbx_struct_sheet_hbond.range_1_auth_atom_id 
_pdbx_struct_sheet_hbond.range_1_auth_comp_id 
_pdbx_struct_sheet_hbond.range_1_auth_asym_id 
_pdbx_struct_sheet_hbond.range_1_auth_seq_id 
_pdbx_struct_sheet_hbond.range_2_label_atom_id 
_pdbx_struct_sheet_hbond.range_2_label_comp_id 
_pdbx_struct_sheet_hbond.range_2_label_asym_id 
_pdbx_struct_sheet_hbond.range_2_label_seq_id 
_pdbx_struct_sheet_hbond.range_2_PDB_ins_code 
_pdbx_struct_sheet_hbond.range_2_auth_atom_id 
_pdbx_struct_sheet_hbond.range_2_auth_comp_id 
_pdbx_struct_sheet_hbond.range_2_auth_asym_id 
_pdbx_struct_sheet_hbond.range_2_auth_seq_id 
AA1 1 2 N ARG A 18  ? N ARG A 14  O TYR A 27  ? O TYR A 23  
AA1 2 3 N TYR A 28  ? N TYR A 24  O GLN A 37  ? O GLN A 33  
AA2 1 2 O LEU A 126 ? O LEU A 122 N CYS A 61  ? N CYS A 57  
AA2 2 3 N VAL A 66  ? N VAL A 62  O ILE A 160 ? O ILE A 156 
AA2 3 4 O HIS A 161 ? O HIS A 157 N VAL A 154 ? N VAL A 150 
# 
_pdbx_entry_details.entry_id                   8VZ3 
_pdbx_entry_details.has_ligand_of_interest     Y 
_pdbx_entry_details.compound_details           ? 
_pdbx_entry_details.source_details             ? 
_pdbx_entry_details.nonpolymer_details         ? 
_pdbx_entry_details.sequence_details           ? 
_pdbx_entry_details.has_protein_modification   Y 
# 
loop_
_pdbx_validate_close_contact.id 
_pdbx_validate_close_contact.PDB_model_num 
_pdbx_validate_close_contact.auth_atom_id_1 
_pdbx_validate_close_contact.auth_asym_id_1 
_pdbx_validate_close_contact.auth_comp_id_1 
_pdbx_validate_close_contact.auth_seq_id_1 
_pdbx_validate_close_contact.PDB_ins_code_1 
_pdbx_validate_close_contact.label_alt_id_1 
_pdbx_validate_close_contact.auth_atom_id_2 
_pdbx_validate_close_contact.auth_asym_id_2 
_pdbx_validate_close_contact.auth_comp_id_2 
_pdbx_validate_close_contact.auth_seq_id_2 
_pdbx_validate_close_contact.PDB_ins_code_2 
_pdbx_validate_close_contact.label_alt_id_2 
_pdbx_validate_close_contact.dist 
1  1 O   A HOH 1071 ? ? O A HOH 1164 ? ? 1.82 
2  1 O   A HOH 1099 ? ? O A HOH 1151 ? ? 1.92 
3  1 O   A HOH 1001 ? ? O A HOH 1122 ? ? 1.96 
4  1 OE1 A GLU 35   ? B O A HOH 1001 ? ? 2.00 
5  1 O   A HOH 1130 ? ? O A HOH 1166 ? ? 2.04 
6  1 O   A HOH 1139 ? ? O A HOH 1176 ? ? 2.05 
7  1 O2  A SO4 903  ? ? O A HOH 1002 ? ? 2.07 
8  1 O   A HOH 1020 ? ? O A HOH 1129 ? ? 2.14 
9  1 O   A HOH 1118 ? ? O A HOH 1149 ? ? 2.18 
10 1 O   A HOH 1030 ? ? O A HOH 1112 ? ? 2.19 
# 
loop_
_pdbx_validate_symm_contact.id 
_pdbx_validate_symm_contact.PDB_model_num 
_pdbx_validate_symm_contact.auth_atom_id_1 
_pdbx_validate_symm_contact.auth_asym_id_1 
_pdbx_validate_symm_contact.auth_comp_id_1 
_pdbx_validate_symm_contact.auth_seq_id_1 
_pdbx_validate_symm_contact.PDB_ins_code_1 
_pdbx_validate_symm_contact.label_alt_id_1 
_pdbx_validate_symm_contact.site_symmetry_1 
_pdbx_validate_symm_contact.auth_atom_id_2 
_pdbx_validate_symm_contact.auth_asym_id_2 
_pdbx_validate_symm_contact.auth_comp_id_2 
_pdbx_validate_symm_contact.auth_seq_id_2 
_pdbx_validate_symm_contact.PDB_ins_code_2 
_pdbx_validate_symm_contact.label_alt_id_2 
_pdbx_validate_symm_contact.site_symmetry_2 
_pdbx_validate_symm_contact.dist 
1 1 O A HOH 1059 ? ? 1_555 O A HOH 1149 ? ? 5_665 2.07 
2 1 O A HOH 1116 ? ? 1_555 O A HOH 1159 ? ? 5_555 2.16 
# 
_pdbx_validate_torsion.id              1 
_pdbx_validate_torsion.PDB_model_num   1 
_pdbx_validate_torsion.auth_comp_id    PRO 
_pdbx_validate_torsion.auth_asym_id    A 
_pdbx_validate_torsion.auth_seq_id     8 
_pdbx_validate_torsion.PDB_ins_code    ? 
_pdbx_validate_torsion.label_alt_id    ? 
_pdbx_validate_torsion.phi             -53.84 
_pdbx_validate_torsion.psi             -177.52 
# 
_pdbx_distant_solvent_atoms.id                                1 
_pdbx_distant_solvent_atoms.PDB_model_num                     1 
_pdbx_distant_solvent_atoms.auth_atom_id                      O 
_pdbx_distant_solvent_atoms.label_alt_id                      ? 
_pdbx_distant_solvent_atoms.auth_asym_id                      A 
_pdbx_distant_solvent_atoms.auth_comp_id                      HOH 
_pdbx_distant_solvent_atoms.auth_seq_id                       1180 
_pdbx_distant_solvent_atoms.PDB_ins_code                      ? 
_pdbx_distant_solvent_atoms.neighbor_macromolecule_distance   6.23 
_pdbx_distant_solvent_atoms.neighbor_ligand_distance          . 
# 
loop_
_pdbx_unobs_or_zero_occ_residues.id 
_pdbx_unobs_or_zero_occ_residues.PDB_model_num 
_pdbx_unobs_or_zero_occ_residues.polymer_flag 
_pdbx_unobs_or_zero_occ_residues.occupancy_flag 
_pdbx_unobs_or_zero_occ_residues.auth_asym_id 
_pdbx_unobs_or_zero_occ_residues.auth_comp_id 
_pdbx_unobs_or_zero_occ_residues.auth_seq_id 
_pdbx_unobs_or_zero_occ_residues.PDB_ins_code 
_pdbx_unobs_or_zero_occ_residues.label_asym_id 
_pdbx_unobs_or_zero_occ_residues.label_comp_id 
_pdbx_unobs_or_zero_occ_residues.label_seq_id 
1  1 Y 1 A GLY -3 ? A GLY 1  
2  1 Y 1 A SER -2 ? A SER 2  
3  1 Y 1 A HIS -1 ? A HIS 3  
4  1 Y 1 A GLY 0  ? A GLY 4  
5  1 Y 1 A MET 1  ? A MET 5  
6  1 Y 1 A ALA 2  ? A ALA 6  
7  1 Y 1 A ASP 3  ? A ASP 7  
8  1 Y 1 A GLU 4  ? A GLU 8  
9  1 Y 1 A GLU 5  ? A GLU 9  
10 1 Y 1 A LYS 6  ? A LYS 10 
11 1 Y 1 A GLY 39 ? A GLY 43 
12 1 Y 1 A ASN 40 ? A ASN 44 
13 1 Y 1 A SER 41 ? A SER 45 
14 1 Y 1 A SER 42 ? A SER 46 
15 1 Y 1 A SER 43 ? A SER 47 
16 1 Y 1 A GLY 44 ? A GLY 48 
17 1 Y 1 A GLY 45 ? A GLY 49 
18 1 Y 1 A LYS 46 ? A LYS 50 
19 1 Y 1 A ASN 47 ? A ASN 51 
20 1 Y 1 A GLY 48 ? A GLY 52 
21 1 Y 1 A GLN 49 ? A GLN 53 
22 1 Y 1 A GLY 50 ? A GLY 54 
# 
loop_
_chem_comp_atom.comp_id 
_chem_comp_atom.atom_id 
_chem_comp_atom.type_symbol 
_chem_comp_atom.pdbx_aromatic_flag 
_chem_comp_atom.pdbx_stereo_config 
_chem_comp_atom.pdbx_ordinal 
A1AEL C16  C N N 1   
A1AEL C3   C Y N 2   
A1AEL C2   C Y N 3   
A1AEL C6   C Y N 4   
A1AEL C7   C Y N 5   
A1AEL C1   C N N 6   
A1AEL C5   C Y N 7   
A1AEL C19  C N N 8   
A1AEL C21  C N N 9   
A1AEL C14  C N N 10  
A1AEL C22  C N N 11  
A1AEL C18  C N S 12  
A1AEL C4   C Y N 13  
A1AEL C20  C N N 14  
A1AEL N15  N N N 15  
A1AEL O10  O N N 16  
A1AEL O12  O N N 17  
A1AEL O13  O N N 18  
A1AEL O17  O N N 19  
A1AEL O23  O N N 20  
A1AEL O9   O N N 21  
A1AEL S8   S N N 22  
A1AEL H161 H N N 23  
A1AEL H16  H N N 24  
A1AEL H3   H N N 25  
A1AEL H7   H N N 26  
A1AEL H5   H N N 27  
A1AEL H19  H N N 28  
A1AEL H191 H N N 29  
A1AEL H21  H N N 30  
A1AEL H211 H N N 31  
A1AEL H18  H N N 32  
A1AEL H201 H N N 33  
A1AEL H20  H N N 34  
A1AEL HN15 H N N 35  
A1AEL H2   H N N 36  
A1AEL F1   F N N 37  
ALA   N    N N N 38  
ALA   CA   C N S 39  
ALA   C    C N N 40  
ALA   O    O N N 41  
ALA   CB   C N N 42  
ALA   OXT  O N N 43  
ALA   H    H N N 44  
ALA   H2   H N N 45  
ALA   HA   H N N 46  
ALA   HB1  H N N 47  
ALA   HB2  H N N 48  
ALA   HB3  H N N 49  
ALA   HXT  H N N 50  
ARG   N    N N N 51  
ARG   CA   C N S 52  
ARG   C    C N N 53  
ARG   O    O N N 54  
ARG   CB   C N N 55  
ARG   CG   C N N 56  
ARG   CD   C N N 57  
ARG   NE   N N N 58  
ARG   CZ   C N N 59  
ARG   NH1  N N N 60  
ARG   NH2  N N N 61  
ARG   OXT  O N N 62  
ARG   H    H N N 63  
ARG   H2   H N N 64  
ARG   HA   H N N 65  
ARG   HB2  H N N 66  
ARG   HB3  H N N 67  
ARG   HG2  H N N 68  
ARG   HG3  H N N 69  
ARG   HD2  H N N 70  
ARG   HD3  H N N 71  
ARG   HE   H N N 72  
ARG   HH11 H N N 73  
ARG   HH12 H N N 74  
ARG   HH21 H N N 75  
ARG   HH22 H N N 76  
ARG   HXT  H N N 77  
ASN   N    N N N 78  
ASN   CA   C N S 79  
ASN   C    C N N 80  
ASN   O    O N N 81  
ASN   CB   C N N 82  
ASN   CG   C N N 83  
ASN   OD1  O N N 84  
ASN   ND2  N N N 85  
ASN   OXT  O N N 86  
ASN   H    H N N 87  
ASN   H2   H N N 88  
ASN   HA   H N N 89  
ASN   HB2  H N N 90  
ASN   HB3  H N N 91  
ASN   HD21 H N N 92  
ASN   HD22 H N N 93  
ASN   HXT  H N N 94  
ASP   N    N N N 95  
ASP   CA   C N S 96  
ASP   C    C N N 97  
ASP   O    O N N 98  
ASP   CB   C N N 99  
ASP   CG   C N N 100 
ASP   OD1  O N N 101 
ASP   OD2  O N N 102 
ASP   OXT  O N N 103 
ASP   H    H N N 104 
ASP   H2   H N N 105 
ASP   HA   H N N 106 
ASP   HB2  H N N 107 
ASP   HB3  H N N 108 
ASP   HD2  H N N 109 
ASP   HXT  H N N 110 
CYS   N    N N N 111 
CYS   CA   C N R 112 
CYS   C    C N N 113 
CYS   O    O N N 114 
CYS   CB   C N N 115 
CYS   SG   S N N 116 
CYS   OXT  O N N 117 
CYS   H    H N N 118 
CYS   H2   H N N 119 
CYS   HA   H N N 120 
CYS   HB2  H N N 121 
CYS   HB3  H N N 122 
CYS   HG   H N N 123 
CYS   HXT  H N N 124 
GLN   N    N N N 125 
GLN   CA   C N S 126 
GLN   C    C N N 127 
GLN   O    O N N 128 
GLN   CB   C N N 129 
GLN   CG   C N N 130 
GLN   CD   C N N 131 
GLN   OE1  O N N 132 
GLN   NE2  N N N 133 
GLN   OXT  O N N 134 
GLN   H    H N N 135 
GLN   H2   H N N 136 
GLN   HA   H N N 137 
GLN   HB2  H N N 138 
GLN   HB3  H N N 139 
GLN   HG2  H N N 140 
GLN   HG3  H N N 141 
GLN   HE21 H N N 142 
GLN   HE22 H N N 143 
GLN   HXT  H N N 144 
GLU   N    N N N 145 
GLU   CA   C N S 146 
GLU   C    C N N 147 
GLU   O    O N N 148 
GLU   CB   C N N 149 
GLU   CG   C N N 150 
GLU   CD   C N N 151 
GLU   OE1  O N N 152 
GLU   OE2  O N N 153 
GLU   OXT  O N N 154 
GLU   H    H N N 155 
GLU   H2   H N N 156 
GLU   HA   H N N 157 
GLU   HB2  H N N 158 
GLU   HB3  H N N 159 
GLU   HG2  H N N 160 
GLU   HG3  H N N 161 
GLU   HE2  H N N 162 
GLU   HXT  H N N 163 
GLY   N    N N N 164 
GLY   CA   C N N 165 
GLY   C    C N N 166 
GLY   O    O N N 167 
GLY   OXT  O N N 168 
GLY   H    H N N 169 
GLY   H2   H N N 170 
GLY   HA2  H N N 171 
GLY   HA3  H N N 172 
GLY   HXT  H N N 173 
HIS   N    N N N 174 
HIS   CA   C N S 175 
HIS   C    C N N 176 
HIS   O    O N N 177 
HIS   CB   C N N 178 
HIS   CG   C Y N 179 
HIS   ND1  N Y N 180 
HIS   CD2  C Y N 181 
HIS   CE1  C Y N 182 
HIS   NE2  N Y N 183 
HIS   OXT  O N N 184 
HIS   H    H N N 185 
HIS   H2   H N N 186 
HIS   HA   H N N 187 
HIS   HB2  H N N 188 
HIS   HB3  H N N 189 
HIS   HD1  H N N 190 
HIS   HD2  H N N 191 
HIS   HE1  H N N 192 
HIS   HE2  H N N 193 
HIS   HXT  H N N 194 
HOH   O    O N N 195 
HOH   H1   H N N 196 
HOH   H2   H N N 197 
ILE   N    N N N 198 
ILE   CA   C N S 199 
ILE   C    C N N 200 
ILE   O    O N N 201 
ILE   CB   C N S 202 
ILE   CG1  C N N 203 
ILE   CG2  C N N 204 
ILE   CD1  C N N 205 
ILE   OXT  O N N 206 
ILE   H    H N N 207 
ILE   H2   H N N 208 
ILE   HA   H N N 209 
ILE   HB   H N N 210 
ILE   HG12 H N N 211 
ILE   HG13 H N N 212 
ILE   HG21 H N N 213 
ILE   HG22 H N N 214 
ILE   HG23 H N N 215 
ILE   HD11 H N N 216 
ILE   HD12 H N N 217 
ILE   HD13 H N N 218 
ILE   HXT  H N N 219 
LEU   N    N N N 220 
LEU   CA   C N S 221 
LEU   C    C N N 222 
LEU   O    O N N 223 
LEU   CB   C N N 224 
LEU   CG   C N N 225 
LEU   CD1  C N N 226 
LEU   CD2  C N N 227 
LEU   OXT  O N N 228 
LEU   H    H N N 229 
LEU   H2   H N N 230 
LEU   HA   H N N 231 
LEU   HB2  H N N 232 
LEU   HB3  H N N 233 
LEU   HG   H N N 234 
LEU   HD11 H N N 235 
LEU   HD12 H N N 236 
LEU   HD13 H N N 237 
LEU   HD21 H N N 238 
LEU   HD22 H N N 239 
LEU   HD23 H N N 240 
LEU   HXT  H N N 241 
LYS   N    N N N 242 
LYS   CA   C N S 243 
LYS   C    C N N 244 
LYS   O    O N N 245 
LYS   CB   C N N 246 
LYS   CG   C N N 247 
LYS   CD   C N N 248 
LYS   CE   C N N 249 
LYS   NZ   N N N 250 
LYS   OXT  O N N 251 
LYS   H    H N N 252 
LYS   H2   H N N 253 
LYS   HA   H N N 254 
LYS   HB2  H N N 255 
LYS   HB3  H N N 256 
LYS   HG2  H N N 257 
LYS   HG3  H N N 258 
LYS   HD2  H N N 259 
LYS   HD3  H N N 260 
LYS   HE2  H N N 261 
LYS   HE3  H N N 262 
LYS   HZ1  H N N 263 
LYS   HZ2  H N N 264 
LYS   HZ3  H N N 265 
LYS   HXT  H N N 266 
MET   N    N N N 267 
MET   CA   C N S 268 
MET   C    C N N 269 
MET   O    O N N 270 
MET   CB   C N N 271 
MET   CG   C N N 272 
MET   SD   S N N 273 
MET   CE   C N N 274 
MET   OXT  O N N 275 
MET   H    H N N 276 
MET   H2   H N N 277 
MET   HA   H N N 278 
MET   HB2  H N N 279 
MET   HB3  H N N 280 
MET   HG2  H N N 281 
MET   HG3  H N N 282 
MET   HE1  H N N 283 
MET   HE2  H N N 284 
MET   HE3  H N N 285 
MET   HXT  H N N 286 
PHE   N    N N N 287 
PHE   CA   C N S 288 
PHE   C    C N N 289 
PHE   O    O N N 290 
PHE   CB   C N N 291 
PHE   CG   C Y N 292 
PHE   CD1  C Y N 293 
PHE   CD2  C Y N 294 
PHE   CE1  C Y N 295 
PHE   CE2  C Y N 296 
PHE   CZ   C Y N 297 
PHE   OXT  O N N 298 
PHE   H    H N N 299 
PHE   H2   H N N 300 
PHE   HA   H N N 301 
PHE   HB2  H N N 302 
PHE   HB3  H N N 303 
PHE   HD1  H N N 304 
PHE   HD2  H N N 305 
PHE   HE1  H N N 306 
PHE   HE2  H N N 307 
PHE   HZ   H N N 308 
PHE   HXT  H N N 309 
PRO   N    N N N 310 
PRO   CA   C N S 311 
PRO   C    C N N 312 
PRO   O    O N N 313 
PRO   CB   C N N 314 
PRO   CG   C N N 315 
PRO   CD   C N N 316 
PRO   OXT  O N N 317 
PRO   H    H N N 318 
PRO   HA   H N N 319 
PRO   HB2  H N N 320 
PRO   HB3  H N N 321 
PRO   HG2  H N N 322 
PRO   HG3  H N N 323 
PRO   HD2  H N N 324 
PRO   HD3  H N N 325 
PRO   HXT  H N N 326 
SER   N    N N N 327 
SER   CA   C N S 328 
SER   C    C N N 329 
SER   O    O N N 330 
SER   CB   C N N 331 
SER   OG   O N N 332 
SER   OXT  O N N 333 
SER   H    H N N 334 
SER   H2   H N N 335 
SER   HA   H N N 336 
SER   HB2  H N N 337 
SER   HB3  H N N 338 
SER   HG   H N N 339 
SER   HXT  H N N 340 
SO4   S    S N N 341 
SO4   O1   O N N 342 
SO4   O2   O N N 343 
SO4   O3   O N N 344 
SO4   O4   O N N 345 
THR   N    N N N 346 
THR   CA   C N S 347 
THR   C    C N N 348 
THR   O    O N N 349 
THR   CB   C N R 350 
THR   OG1  O N N 351 
THR   CG2  C N N 352 
THR   OXT  O N N 353 
THR   H    H N N 354 
THR   H2   H N N 355 
THR   HA   H N N 356 
THR   HB   H N N 357 
THR   HG1  H N N 358 
THR   HG21 H N N 359 
THR   HG22 H N N 360 
THR   HG23 H N N 361 
THR   HXT  H N N 362 
TRP   N    N N N 363 
TRP   CA   C N S 364 
TRP   C    C N N 365 
TRP   O    O N N 366 
TRP   CB   C N N 367 
TRP   CG   C Y N 368 
TRP   CD1  C Y N 369 
TRP   CD2  C Y N 370 
TRP   NE1  N Y N 371 
TRP   CE2  C Y N 372 
TRP   CE3  C Y N 373 
TRP   CZ2  C Y N 374 
TRP   CZ3  C Y N 375 
TRP   CH2  C Y N 376 
TRP   OXT  O N N 377 
TRP   H    H N N 378 
TRP   H2   H N N 379 
TRP   HA   H N N 380 
TRP   HB2  H N N 381 
TRP   HB3  H N N 382 
TRP   HD1  H N N 383 
TRP   HE1  H N N 384 
TRP   HE3  H N N 385 
TRP   HZ2  H N N 386 
TRP   HZ3  H N N 387 
TRP   HH2  H N N 388 
TRP   HXT  H N N 389 
TYR   N    N N N 390 
TYR   CA   C N S 391 
TYR   C    C N N 392 
TYR   O    O N N 393 
TYR   CB   C N N 394 
TYR   CG   C Y N 395 
TYR   CD1  C Y N 396 
TYR   CD2  C Y N 397 
TYR   CE1  C Y N 398 
TYR   CE2  C Y N 399 
TYR   CZ   C Y N 400 
TYR   OH   O N N 401 
TYR   OXT  O N N 402 
TYR   H    H N N 403 
TYR   H2   H N N 404 
TYR   HA   H N N 405 
TYR   HB2  H N N 406 
TYR   HB3  H N N 407 
TYR   HD1  H N N 408 
TYR   HD2  H N N 409 
TYR   HE1  H N N 410 
TYR   HE2  H N N 411 
TYR   HH   H N N 412 
TYR   HXT  H N N 413 
VAL   N    N N N 414 
VAL   CA   C N S 415 
VAL   C    C N N 416 
VAL   O    O N N 417 
VAL   CB   C N N 418 
VAL   CG1  C N N 419 
VAL   CG2  C N N 420 
VAL   OXT  O N N 421 
VAL   H    H N N 422 
VAL   H2   H N N 423 
VAL   HA   H N N 424 
VAL   HB   H N N 425 
VAL   HG11 H N N 426 
VAL   HG12 H N N 427 
VAL   HG13 H N N 428 
VAL   HG21 H N N 429 
VAL   HG22 H N N 430 
VAL   HG23 H N N 431 
VAL   HXT  H N N 432 
# 
loop_
_chem_comp_bond.comp_id 
_chem_comp_bond.atom_id_1 
_chem_comp_bond.atom_id_2 
_chem_comp_bond.value_order 
_chem_comp_bond.pdbx_aromatic_flag 
_chem_comp_bond.pdbx_stereo_config 
_chem_comp_bond.pdbx_ordinal 
A1AEL O23 C22  doub N N 1   
A1AEL C22 C21  sing N N 2   
A1AEL C22 C18  sing N N 3   
A1AEL C21 C20  sing N N 4   
A1AEL C18 C16  sing N N 5   
A1AEL C18 C19  sing N N 6   
A1AEL C20 C19  sing N N 7   
A1AEL O17 C14  doub N N 8   
A1AEL C16 N15  sing N N 9   
A1AEL C14 N15  sing N N 10  
A1AEL C14 C6   sing N N 11  
A1AEL O12 C1   doub N N 12  
A1AEL C7  C6   doub Y N 13  
A1AEL C7  C2   sing Y N 14  
A1AEL C6  C5   sing Y N 15  
A1AEL C1  C2   sing N N 16  
A1AEL C1  O13  sing N N 17  
A1AEL C2  C3   doub Y N 18  
A1AEL C5  C4   doub Y N 19  
A1AEL C3  C4   sing Y N 20  
A1AEL C4  S8   sing N N 21  
A1AEL S8  O10  doub N N 22  
A1AEL S8  O9   doub N N 23  
A1AEL C16 H161 sing N N 24  
A1AEL C16 H16  sing N N 25  
A1AEL C3  H3   sing N N 26  
A1AEL C7  H7   sing N N 27  
A1AEL C5  H5   sing N N 28  
A1AEL C19 H19  sing N N 29  
A1AEL C19 H191 sing N N 30  
A1AEL C21 H21  sing N N 31  
A1AEL C21 H211 sing N N 32  
A1AEL C18 H18  sing N N 33  
A1AEL C20 H201 sing N N 34  
A1AEL C20 H20  sing N N 35  
A1AEL N15 HN15 sing N N 36  
A1AEL O13 H2   sing N N 37  
A1AEL S8  F1   sing N N 38  
ALA   N   CA   sing N N 39  
ALA   N   H    sing N N 40  
ALA   N   H2   sing N N 41  
ALA   CA  C    sing N N 42  
ALA   CA  CB   sing N N 43  
ALA   CA  HA   sing N N 44  
ALA   C   O    doub N N 45  
ALA   C   OXT  sing N N 46  
ALA   CB  HB1  sing N N 47  
ALA   CB  HB2  sing N N 48  
ALA   CB  HB3  sing N N 49  
ALA   OXT HXT  sing N N 50  
ARG   N   CA   sing N N 51  
ARG   N   H    sing N N 52  
ARG   N   H2   sing N N 53  
ARG   CA  C    sing N N 54  
ARG   CA  CB   sing N N 55  
ARG   CA  HA   sing N N 56  
ARG   C   O    doub N N 57  
ARG   C   OXT  sing N N 58  
ARG   CB  CG   sing N N 59  
ARG   CB  HB2  sing N N 60  
ARG   CB  HB3  sing N N 61  
ARG   CG  CD   sing N N 62  
ARG   CG  HG2  sing N N 63  
ARG   CG  HG3  sing N N 64  
ARG   CD  NE   sing N N 65  
ARG   CD  HD2  sing N N 66  
ARG   CD  HD3  sing N N 67  
ARG   NE  CZ   sing N N 68  
ARG   NE  HE   sing N N 69  
ARG   CZ  NH1  sing N N 70  
ARG   CZ  NH2  doub N N 71  
ARG   NH1 HH11 sing N N 72  
ARG   NH1 HH12 sing N N 73  
ARG   NH2 HH21 sing N N 74  
ARG   NH2 HH22 sing N N 75  
ARG   OXT HXT  sing N N 76  
ASN   N   CA   sing N N 77  
ASN   N   H    sing N N 78  
ASN   N   H2   sing N N 79  
ASN   CA  C    sing N N 80  
ASN   CA  CB   sing N N 81  
ASN   CA  HA   sing N N 82  
ASN   C   O    doub N N 83  
ASN   C   OXT  sing N N 84  
ASN   CB  CG   sing N N 85  
ASN   CB  HB2  sing N N 86  
ASN   CB  HB3  sing N N 87  
ASN   CG  OD1  doub N N 88  
ASN   CG  ND2  sing N N 89  
ASN   ND2 HD21 sing N N 90  
ASN   ND2 HD22 sing N N 91  
ASN   OXT HXT  sing N N 92  
ASP   N   CA   sing N N 93  
ASP   N   H    sing N N 94  
ASP   N   H2   sing N N 95  
ASP   CA  C    sing N N 96  
ASP   CA  CB   sing N N 97  
ASP   CA  HA   sing N N 98  
ASP   C   O    doub N N 99  
ASP   C   OXT  sing N N 100 
ASP   CB  CG   sing N N 101 
ASP   CB  HB2  sing N N 102 
ASP   CB  HB3  sing N N 103 
ASP   CG  OD1  doub N N 104 
ASP   CG  OD2  sing N N 105 
ASP   OD2 HD2  sing N N 106 
ASP   OXT HXT  sing N N 107 
CYS   N   CA   sing N N 108 
CYS   N   H    sing N N 109 
CYS   N   H2   sing N N 110 
CYS   CA  C    sing N N 111 
CYS   CA  CB   sing N N 112 
CYS   CA  HA   sing N N 113 
CYS   C   O    doub N N 114 
CYS   C   OXT  sing N N 115 
CYS   CB  SG   sing N N 116 
CYS   CB  HB2  sing N N 117 
CYS   CB  HB3  sing N N 118 
CYS   SG  HG   sing N N 119 
CYS   OXT HXT  sing N N 120 
GLN   N   CA   sing N N 121 
GLN   N   H    sing N N 122 
GLN   N   H2   sing N N 123 
GLN   CA  C    sing N N 124 
GLN   CA  CB   sing N N 125 
GLN   CA  HA   sing N N 126 
GLN   C   O    doub N N 127 
GLN   C   OXT  sing N N 128 
GLN   CB  CG   sing N N 129 
GLN   CB  HB2  sing N N 130 
GLN   CB  HB3  sing N N 131 
GLN   CG  CD   sing N N 132 
GLN   CG  HG2  sing N N 133 
GLN   CG  HG3  sing N N 134 
GLN   CD  OE1  doub N N 135 
GLN   CD  NE2  sing N N 136 
GLN   NE2 HE21 sing N N 137 
GLN   NE2 HE22 sing N N 138 
GLN   OXT HXT  sing N N 139 
GLU   N   CA   sing N N 140 
GLU   N   H    sing N N 141 
GLU   N   H2   sing N N 142 
GLU   CA  C    sing N N 143 
GLU   CA  CB   sing N N 144 
GLU   CA  HA   sing N N 145 
GLU   C   O    doub N N 146 
GLU   C   OXT  sing N N 147 
GLU   CB  CG   sing N N 148 
GLU   CB  HB2  sing N N 149 
GLU   CB  HB3  sing N N 150 
GLU   CG  CD   sing N N 151 
GLU   CG  HG2  sing N N 152 
GLU   CG  HG3  sing N N 153 
GLU   CD  OE1  doub N N 154 
GLU   CD  OE2  sing N N 155 
GLU   OE2 HE2  sing N N 156 
GLU   OXT HXT  sing N N 157 
GLY   N   CA   sing N N 158 
GLY   N   H    sing N N 159 
GLY   N   H2   sing N N 160 
GLY   CA  C    sing N N 161 
GLY   CA  HA2  sing N N 162 
GLY   CA  HA3  sing N N 163 
GLY   C   O    doub N N 164 
GLY   C   OXT  sing N N 165 
GLY   OXT HXT  sing N N 166 
HIS   N   CA   sing N N 167 
HIS   N   H    sing N N 168 
HIS   N   H2   sing N N 169 
HIS   CA  C    sing N N 170 
HIS   CA  CB   sing N N 171 
HIS   CA  HA   sing N N 172 
HIS   C   O    doub N N 173 
HIS   C   OXT  sing N N 174 
HIS   CB  CG   sing N N 175 
HIS   CB  HB2  sing N N 176 
HIS   CB  HB3  sing N N 177 
HIS   CG  ND1  sing Y N 178 
HIS   CG  CD2  doub Y N 179 
HIS   ND1 CE1  doub Y N 180 
HIS   ND1 HD1  sing N N 181 
HIS   CD2 NE2  sing Y N 182 
HIS   CD2 HD2  sing N N 183 
HIS   CE1 NE2  sing Y N 184 
HIS   CE1 HE1  sing N N 185 
HIS   NE2 HE2  sing N N 186 
HIS   OXT HXT  sing N N 187 
HOH   O   H1   sing N N 188 
HOH   O   H2   sing N N 189 
ILE   N   CA   sing N N 190 
ILE   N   H    sing N N 191 
ILE   N   H2   sing N N 192 
ILE   CA  C    sing N N 193 
ILE   CA  CB   sing N N 194 
ILE   CA  HA   sing N N 195 
ILE   C   O    doub N N 196 
ILE   C   OXT  sing N N 197 
ILE   CB  CG1  sing N N 198 
ILE   CB  CG2  sing N N 199 
ILE   CB  HB   sing N N 200 
ILE   CG1 CD1  sing N N 201 
ILE   CG1 HG12 sing N N 202 
ILE   CG1 HG13 sing N N 203 
ILE   CG2 HG21 sing N N 204 
ILE   CG2 HG22 sing N N 205 
ILE   CG2 HG23 sing N N 206 
ILE   CD1 HD11 sing N N 207 
ILE   CD1 HD12 sing N N 208 
ILE   CD1 HD13 sing N N 209 
ILE   OXT HXT  sing N N 210 
LEU   N   CA   sing N N 211 
LEU   N   H    sing N N 212 
LEU   N   H2   sing N N 213 
LEU   CA  C    sing N N 214 
LEU   CA  CB   sing N N 215 
LEU   CA  HA   sing N N 216 
LEU   C   O    doub N N 217 
LEU   C   OXT  sing N N 218 
LEU   CB  CG   sing N N 219 
LEU   CB  HB2  sing N N 220 
LEU   CB  HB3  sing N N 221 
LEU   CG  CD1  sing N N 222 
LEU   CG  CD2  sing N N 223 
LEU   CG  HG   sing N N 224 
LEU   CD1 HD11 sing N N 225 
LEU   CD1 HD12 sing N N 226 
LEU   CD1 HD13 sing N N 227 
LEU   CD2 HD21 sing N N 228 
LEU   CD2 HD22 sing N N 229 
LEU   CD2 HD23 sing N N 230 
LEU   OXT HXT  sing N N 231 
LYS   N   CA   sing N N 232 
LYS   N   H    sing N N 233 
LYS   N   H2   sing N N 234 
LYS   CA  C    sing N N 235 
LYS   CA  CB   sing N N 236 
LYS   CA  HA   sing N N 237 
LYS   C   O    doub N N 238 
LYS   C   OXT  sing N N 239 
LYS   CB  CG   sing N N 240 
LYS   CB  HB2  sing N N 241 
LYS   CB  HB3  sing N N 242 
LYS   CG  CD   sing N N 243 
LYS   CG  HG2  sing N N 244 
LYS   CG  HG3  sing N N 245 
LYS   CD  CE   sing N N 246 
LYS   CD  HD2  sing N N 247 
LYS   CD  HD3  sing N N 248 
LYS   CE  NZ   sing N N 249 
LYS   CE  HE2  sing N N 250 
LYS   CE  HE3  sing N N 251 
LYS   NZ  HZ1  sing N N 252 
LYS   NZ  HZ2  sing N N 253 
LYS   NZ  HZ3  sing N N 254 
LYS   OXT HXT  sing N N 255 
MET   N   CA   sing N N 256 
MET   N   H    sing N N 257 
MET   N   H2   sing N N 258 
MET   CA  C    sing N N 259 
MET   CA  CB   sing N N 260 
MET   CA  HA   sing N N 261 
MET   C   O    doub N N 262 
MET   C   OXT  sing N N 263 
MET   CB  CG   sing N N 264 
MET   CB  HB2  sing N N 265 
MET   CB  HB3  sing N N 266 
MET   CG  SD   sing N N 267 
MET   CG  HG2  sing N N 268 
MET   CG  HG3  sing N N 269 
MET   SD  CE   sing N N 270 
MET   CE  HE1  sing N N 271 
MET   CE  HE2  sing N N 272 
MET   CE  HE3  sing N N 273 
MET   OXT HXT  sing N N 274 
PHE   N   CA   sing N N 275 
PHE   N   H    sing N N 276 
PHE   N   H2   sing N N 277 
PHE   CA  C    sing N N 278 
PHE   CA  CB   sing N N 279 
PHE   CA  HA   sing N N 280 
PHE   C   O    doub N N 281 
PHE   C   OXT  sing N N 282 
PHE   CB  CG   sing N N 283 
PHE   CB  HB2  sing N N 284 
PHE   CB  HB3  sing N N 285 
PHE   CG  CD1  doub Y N 286 
PHE   CG  CD2  sing Y N 287 
PHE   CD1 CE1  sing Y N 288 
PHE   CD1 HD1  sing N N 289 
PHE   CD2 CE2  doub Y N 290 
PHE   CD2 HD2  sing N N 291 
PHE   CE1 CZ   doub Y N 292 
PHE   CE1 HE1  sing N N 293 
PHE   CE2 CZ   sing Y N 294 
PHE   CE2 HE2  sing N N 295 
PHE   CZ  HZ   sing N N 296 
PHE   OXT HXT  sing N N 297 
PRO   N   CA   sing N N 298 
PRO   N   CD   sing N N 299 
PRO   N   H    sing N N 300 
PRO   CA  C    sing N N 301 
PRO   CA  CB   sing N N 302 
PRO   CA  HA   sing N N 303 
PRO   C   O    doub N N 304 
PRO   C   OXT  sing N N 305 
PRO   CB  CG   sing N N 306 
PRO   CB  HB2  sing N N 307 
PRO   CB  HB3  sing N N 308 
PRO   CG  CD   sing N N 309 
PRO   CG  HG2  sing N N 310 
PRO   CG  HG3  sing N N 311 
PRO   CD  HD2  sing N N 312 
PRO   CD  HD3  sing N N 313 
PRO   OXT HXT  sing N N 314 
SER   N   CA   sing N N 315 
SER   N   H    sing N N 316 
SER   N   H2   sing N N 317 
SER   CA  C    sing N N 318 
SER   CA  CB   sing N N 319 
SER   CA  HA   sing N N 320 
SER   C   O    doub N N 321 
SER   C   OXT  sing N N 322 
SER   CB  OG   sing N N 323 
SER   CB  HB2  sing N N 324 
SER   CB  HB3  sing N N 325 
SER   OG  HG   sing N N 326 
SER   OXT HXT  sing N N 327 
SO4   S   O1   doub N N 328 
SO4   S   O2   doub N N 329 
SO4   S   O3   sing N N 330 
SO4   S   O4   sing N N 331 
THR   N   CA   sing N N 332 
THR   N   H    sing N N 333 
THR   N   H2   sing N N 334 
THR   CA  C    sing N N 335 
THR   CA  CB   sing N N 336 
THR   CA  HA   sing N N 337 
THR   C   O    doub N N 338 
THR   C   OXT  sing N N 339 
THR   CB  OG1  sing N N 340 
THR   CB  CG2  sing N N 341 
THR   CB  HB   sing N N 342 
THR   OG1 HG1  sing N N 343 
THR   CG2 HG21 sing N N 344 
THR   CG2 HG22 sing N N 345 
THR   CG2 HG23 sing N N 346 
THR   OXT HXT  sing N N 347 
TRP   N   CA   sing N N 348 
TRP   N   H    sing N N 349 
TRP   N   H2   sing N N 350 
TRP   CA  C    sing N N 351 
TRP   CA  CB   sing N N 352 
TRP   CA  HA   sing N N 353 
TRP   C   O    doub N N 354 
TRP   C   OXT  sing N N 355 
TRP   CB  CG   sing N N 356 
TRP   CB  HB2  sing N N 357 
TRP   CB  HB3  sing N N 358 
TRP   CG  CD1  doub Y N 359 
TRP   CG  CD2  sing Y N 360 
TRP   CD1 NE1  sing Y N 361 
TRP   CD1 HD1  sing N N 362 
TRP   CD2 CE2  doub Y N 363 
TRP   CD2 CE3  sing Y N 364 
TRP   NE1 CE2  sing Y N 365 
TRP   NE1 HE1  sing N N 366 
TRP   CE2 CZ2  sing Y N 367 
TRP   CE3 CZ3  doub Y N 368 
TRP   CE3 HE3  sing N N 369 
TRP   CZ2 CH2  doub Y N 370 
TRP   CZ2 HZ2  sing N N 371 
TRP   CZ3 CH2  sing Y N 372 
TRP   CZ3 HZ3  sing N N 373 
TRP   CH2 HH2  sing N N 374 
TRP   OXT HXT  sing N N 375 
TYR   N   CA   sing N N 376 
TYR   N   H    sing N N 377 
TYR   N   H2   sing N N 378 
TYR   CA  C    sing N N 379 
TYR   CA  CB   sing N N 380 
TYR   CA  HA   sing N N 381 
TYR   C   O    doub N N 382 
TYR   C   OXT  sing N N 383 
TYR   CB  CG   sing N N 384 
TYR   CB  HB2  sing N N 385 
TYR   CB  HB3  sing N N 386 
TYR   CG  CD1  doub Y N 387 
TYR   CG  CD2  sing Y N 388 
TYR   CD1 CE1  sing Y N 389 
TYR   CD1 HD1  sing N N 390 
TYR   CD2 CE2  doub Y N 391 
TYR   CD2 HD2  sing N N 392 
TYR   CE1 CZ   doub Y N 393 
TYR   CE1 HE1  sing N N 394 
TYR   CE2 CZ   sing Y N 395 
TYR   CE2 HE2  sing N N 396 
TYR   CZ  OH   sing N N 397 
TYR   OH  HH   sing N N 398 
TYR   OXT HXT  sing N N 399 
VAL   N   CA   sing N N 400 
VAL   N   H    sing N N 401 
VAL   N   H2   sing N N 402 
VAL   CA  C    sing N N 403 
VAL   CA  CB   sing N N 404 
VAL   CA  HA   sing N N 405 
VAL   C   O    doub N N 406 
VAL   C   OXT  sing N N 407 
VAL   CB  CG1  sing N N 408 
VAL   CB  CG2  sing N N 409 
VAL   CB  HB   sing N N 410 
VAL   CG1 HG11 sing N N 411 
VAL   CG1 HG12 sing N N 412 
VAL   CG1 HG13 sing N N 413 
VAL   CG2 HG21 sing N N 414 
VAL   CG2 HG22 sing N N 415 
VAL   CG2 HG23 sing N N 416 
VAL   OXT HXT  sing N N 417 
# 
_pdbx_audit_support.funding_organization   'Not funded' 
_pdbx_audit_support.country                ? 
_pdbx_audit_support.grant_number           ? 
_pdbx_audit_support.ordinal                1 
# 
_pdbx_initial_refinement_model.id               1 
_pdbx_initial_refinement_model.entity_id_list   A 
_pdbx_initial_refinement_model.type             'experimental model' 
_pdbx_initial_refinement_model.source_name      PDB 
_pdbx_initial_refinement_model.accession_code   2ITK 
_pdbx_initial_refinement_model.details          ? 
# 
_atom_sites.entry_id                    8VZ3 
_atom_sites.Cartn_transf_matrix[1][1]   ? 
_atom_sites.Cartn_transf_matrix[1][2]   ? 
_atom_sites.Cartn_transf_matrix[1][3]   ? 
_atom_sites.Cartn_transf_matrix[2][1]   ? 
_atom_sites.Cartn_transf_matrix[2][2]   ? 
_atom_sites.Cartn_transf_matrix[2][3]   ? 
_atom_sites.Cartn_transf_matrix[3][1]   ? 
_atom_sites.Cartn_transf_matrix[3][2]   ? 
_atom_sites.Cartn_transf_matrix[3][3]   ? 
_atom_sites.Cartn_transf_vector[1]      ? 
_atom_sites.Cartn_transf_vector[2]      ? 
_atom_sites.Cartn_transf_vector[3]      ? 
_atom_sites.Cartn_transform_axes        ? 
_atom_sites.fract_transf_matrix[1][1]   0.00757671 
_atom_sites.fract_transf_matrix[1][2]   0.01298080 
_atom_sites.fract_transf_matrix[1][3]   -0.00742445 
_atom_sites.fract_transf_matrix[2][1]   0.00988201 
_atom_sites.fract_transf_matrix[2][2]   -0.00254981 
_atom_sites.fract_transf_matrix[2][3]   -0.01329948 
_atom_sites.fract_transf_matrix[3][1]   -0.00988070 
_atom_sites.fract_transf_matrix[3][2]   0.00141312 
_atom_sites.fract_transf_matrix[3][3]   -0.00761266 
_atom_sites.fract_transf_vector[1]      0.634034 
_atom_sites.fract_transf_vector[2]      0.237203 
_atom_sites.fract_transf_vector[3]      0.352221 
_atom_sites.solution_primary            ? 
_atom_sites.solution_secondary          ? 
_atom_sites.solution_hydrogens          ? 
_atom_sites.special_details             ? 
# 
loop_
_atom_type.symbol 
C 
H 
N 
O 
S 
# 
loop_
_atom_site.group_PDB 
_atom_site.id 
_atom_site.type_symbol 
_atom_site.label_atom_id 
_atom_site.label_alt_id 
_atom_site.label_comp_id 
_atom_site.label_asym_id 
_atom_site.label_entity_id 
_atom_site.label_seq_id 
_atom_site.pdbx_PDB_ins_code 
_atom_site.Cartn_x 
_atom_site.Cartn_y 
_atom_site.Cartn_z 
_atom_site.occupancy 
_atom_site.B_iso_or_equiv 
_atom_site.pdbx_formal_charge 
_atom_site.auth_seq_id 
_atom_site.auth_comp_id 
_atom_site.auth_asym_id 
_atom_site.auth_atom_id 
_atom_site.pdbx_PDB_model_num 
ATOM   1    N N    . LEU   A 1 11  ? -9.962  20.210  1.723   1.00 49.00 ? 7    LEU   A N    1 
ATOM   2    C CA   . LEU   A 1 11  ? -9.322  18.931  2.013   1.00 46.82 ? 7    LEU   A CA   1 
ATOM   3    C C    . LEU   A 1 11  ? -7.958  18.841  1.340   1.00 45.08 ? 7    LEU   A C    1 
ATOM   4    O O    . LEU   A 1 11  ? -7.787  19.292  0.212   1.00 52.11 ? 7    LEU   A O    1 
ATOM   5    C CB   . LEU   A 1 11  ? -10.219 17.768  1.564   1.00 44.38 ? 7    LEU   A CB   1 
ATOM   6    C CG   . LEU   A 1 11  ? -11.542 17.601  2.320   1.00 45.35 ? 7    LEU   A CG   1 
ATOM   7    C CD1  . LEU   A 1 11  ? -12.397 16.483  1.729   1.00 37.83 ? 7    LEU   A CD1  1 
ATOM   8    C CD2  . LEU   A 1 11  ? -11.273 17.352  3.797   1.00 43.44 ? 7    LEU   A CD2  1 
ATOM   9    N N    . PRO   A 1 12  ? -6.988  18.259  2.034   1.00 45.26 ? 8    PRO   A N    1 
ATOM   10   C CA   . PRO   A 1 12  ? -5.643  18.108  1.466   1.00 46.72 ? 8    PRO   A CA   1 
ATOM   11   C C    . PRO   A 1 12  ? -5.689  17.412  0.116   1.00 47.90 ? 8    PRO   A C    1 
ATOM   12   O O    . PRO   A 1 12  ? -6.773  17.089  -0.393  1.00 47.25 ? 8    PRO   A O    1 
ATOM   13   C CB   . PRO   A 1 12  ? -4.913  17.254  2.511   1.00 46.52 ? 8    PRO   A CB   1 
ATOM   14   C CG   . PRO   A 1 12  ? -5.633  17.538  3.784   1.00 46.22 ? 8    PRO   A CG   1 
ATOM   15   C CD   . PRO   A 1 12  ? -7.069  17.765  3.419   1.00 46.05 ? 8    PRO   A CD   1 
ATOM   16   N N    . PRO   A 1 13  ? -4.529  17.162  -0.494  1.00 48.51 ? 9    PRO   A N    1 
ATOM   17   C CA   . PRO   A 1 13  ? -4.511  16.598  -1.855  1.00 45.31 ? 9    PRO   A CA   1 
ATOM   18   C C    . PRO   A 1 13  ? -5.105  15.200  -1.886  1.00 39.56 ? 9    PRO   A C    1 
ATOM   19   O O    . PRO   A 1 13  ? -4.628  14.287  -1.202  1.00 40.97 ? 9    PRO   A O    1 
ATOM   20   C CB   . PRO   A 1 13  ? -3.017  16.579  -2.215  1.00 47.38 ? 9    PRO   A CB   1 
ATOM   21   C CG   . PRO   A 1 13  ? -2.351  17.496  -1.235  1.00 49.76 ? 9    PRO   A CG   1 
ATOM   22   C CD   . PRO   A 1 13  ? -3.168  17.402  0.019   1.00 48.29 ? 9    PRO   A CD   1 
ATOM   23   N N    . GLY   A 1 14  ? -6.144  15.033  -2.702  1.00 36.92 ? 10   GLY   A N    1 
ATOM   24   C CA   . GLY   A 1 14  ? -6.637  13.720  -3.055  1.00 32.06 ? 10   GLY   A CA   1 
ATOM   25   C C    . GLY   A 1 14  ? -7.767  13.194  -2.203  1.00 28.36 ? 10   GLY   A C    1 
ATOM   26   O O    . GLY   A 1 14  ? -8.245  12.081  -2.457  1.00 27.30 ? 10   GLY   A O    1 
ATOM   27   N N    . TRP   A 1 15  ? -8.220  13.955  -1.219  1.00 31.15 ? 11   TRP   A N    1 
ATOM   28   C CA   . TRP   A 1 15  ? -9.228  13.486  -0.284  1.00 29.28 ? 11   TRP   A CA   1 
ATOM   29   C C    . TRP   A 1 15  ? -10.618 13.851  -0.764  1.00 31.63 ? 11   TRP   A C    1 
ATOM   30   O O    . TRP   A 1 15  ? -10.838 14.925  -1.336  1.00 33.66 ? 11   TRP   A O    1 
ATOM   31   C CB   . TRP   A 1 15  ? -8.989  14.074  1.104   1.00 32.84 ? 11   TRP   A CB   1 
ATOM   32   C CG   . TRP   A 1 15  ? -7.852  13.453  1.808   1.00 29.99 ? 11   TRP   A CG   1 
ATOM   33   C CD1  . TRP   A 1 15  ? -6.618  13.990  2.003   1.00 32.18 ? 11   TRP   A CD1  1 
ATOM   34   C CD2  . TRP   A 1 15  ? -7.834  12.169  2.427   1.00 27.17 ? 11   TRP   A CD2  1 
ATOM   35   N NE1  . TRP   A 1 15  ? -5.827  13.119  2.701   1.00 31.59 ? 11   TRP   A NE1  1 
ATOM   36   C CE2  . TRP   A 1 15  ? -6.552  11.991  2.981   1.00 29.53 ? 11   TRP   A CE2  1 
ATOM   37   C CE3  . TRP   A 1 15  ? -8.780  11.146  2.567   1.00 24.01 ? 11   TRP   A CE3  1 
ATOM   38   C CZ2  . TRP   A 1 15  ? -6.189  10.836  3.668   1.00 25.10 ? 11   TRP   A CZ2  1 
ATOM   39   C CZ3  . TRP   A 1 15  ? -8.423  10.004  3.245   1.00 19.59 ? 11   TRP   A CZ3  1 
ATOM   40   C CH2  . TRP   A 1 15  ? -7.136  9.853   3.792   1.00 24.82 ? 11   TRP   A CH2  1 
ATOM   41   N N    . GLU   A 1 16  ? -11.558 12.947  -0.537  1.00 24.74 ? 12   GLU   A N    1 
ATOM   42   C CA   . GLU   A 1 16  ? -12.951 13.231  -0.819  1.00 28.87 ? 12   GLU   A CA   1 
ATOM   43   C C    . GLU   A 1 16  ? -13.788 12.767  0.362   1.00 30.03 ? 12   GLU   A C    1 
ATOM   44   O O    . GLU   A 1 16  ? -13.414 11.840  1.091   1.00 25.96 ? 12   GLU   A O    1 
ATOM   45   C CB   . GLU   A 1 16  ? -13.411 12.576  -2.131  1.00 32.12 ? 12   GLU   A CB   1 
ATOM   46   C CG   . GLU   A 1 16  ? -13.212 11.092  -2.205  1.00 32.56 ? 12   GLU   A CG   1 
ATOM   47   C CD   . GLU   A 1 16  ? -13.290 10.561  -3.622  1.00 33.38 ? 12   GLU   A CD   1 
ATOM   48   O OE1  . GLU   A 1 16  ? -12.420 10.914  -4.455  1.00 34.66 ? 12   GLU   A OE1  1 
ATOM   49   O OE2  . GLU   A 1 16  ? -14.221 9.783   -3.905  1.00 34.63 ? 12   GLU   A OE2  1 
ATOM   50   N N    . LYS   A 1 17  ? -14.899 13.457  0.577   1.00 30.97 ? 13   LYS   A N    1 
ATOM   51   C CA   . LYS   A 1 17  ? -15.847 13.069  1.607   1.00 30.87 ? 13   LYS   A CA   1 
ATOM   52   C C    . LYS   A 1 17  ? -16.809 12.048  1.014   1.00 30.17 ? 13   LYS   A C    1 
ATOM   53   O O    . LYS   A 1 17  ? -17.348 12.247  -0.082  1.00 30.71 ? 13   LYS   A O    1 
ATOM   54   C CB   . LYS   A 1 17  ? -16.598 14.288  2.156   1.00 32.35 ? 13   LYS   A CB   1 
ATOM   55   C CG   . LYS   A 1 17  ? -17.690 13.931  3.166   1.00 33.82 ? 13   LYS   A CG   1 
ATOM   56   C CD   . LYS   A 1 17  ? -18.505 15.151  3.607   1.00 42.09 ? 13   LYS   A CD   1 
ATOM   57   C CE   . LYS   A 1 17  ? -17.738 16.017  4.591   1.00 48.42 ? 13   LYS   A CE   1 
ATOM   58   N NZ   . LYS   A 1 17  ? -18.478 17.273  4.912   1.00 58.56 ? 13   LYS   A NZ   1 
ATOM   59   N N    . ARG   A 1 18  ? -17.014 10.955  1.738   1.00 24.99 ? 14   ARG   A N    1 
ATOM   60   C CA   . ARG   A 1 18  ? -17.795 9.823   1.273   1.00 28.49 ? 14   ARG   A CA   1 
ATOM   61   C C    . ARG   A 1 18  ? -18.783 9.418   2.355   1.00 26.59 ? 14   ARG   A C    1 
ATOM   62   O O    . ARG   A 1 18  ? -18.690 9.844   3.506   1.00 28.04 ? 14   ARG   A O    1 
ATOM   63   C CB   . ARG   A 1 18  ? -16.901 8.629   0.918   1.00 32.25 ? 14   ARG   A CB   1 
ATOM   64   C CG   . ARG   A 1 18  ? -16.013 8.822   -0.288  1.00 31.02 ? 14   ARG   A CG   1 
ATOM   65   C CD   . ARG   A 1 18  ? -16.764 8.518   -1.555  1.00 35.28 ? 14   ARG   A CD   1 
ATOM   66   N NE   . ARG   A 1 18  ? -15.839 8.284   -2.652  1.00 35.74 ? 14   ARG   A NE   1 
ATOM   67   C CZ   . ARG   A 1 18  ? -15.424 7.086   -3.039  1.00 33.33 ? 14   ARG   A CZ   1 
ATOM   68   N NH1  . ARG   A 1 18  ? -15.839 5.981   -2.440  1.00 32.62 ? 14   ARG   A NH1  1 
ATOM   69   N NH2  . ARG   A 1 18  ? -14.586 6.994   -4.067  1.00 32.48 ? 14   ARG   A NH2  1 
ATOM   70   N N    . MET   A 1 19  ? -19.724 8.566   1.966   1.00 30.11 ? 15   MET   A N    1 
ATOM   71   C CA   . MET   A 1 19  ? -20.788 8.082   2.838   1.00 31.38 ? 15   MET   A CA   1 
ATOM   72   C C    . MET   A 1 19  ? -20.593 6.594   3.081   1.00 31.25 ? 15   MET   A C    1 
ATOM   73   O O    . MET   A 1 19  ? -20.551 5.812   2.127   1.00 31.89 ? 15   MET   A O    1 
ATOM   74   C CB   . MET   A 1 19  ? -22.156 8.331   2.201   1.00 34.40 ? 15   MET   A CB   1 
ATOM   75   C CG   . MET   A 1 19  ? -23.305 7.776   3.008   1.00 40.50 ? 15   MET   A CG   1 
ATOM   76   S SD   . MET   A 1 19  ? -23.395 8.684   4.548   1.00 45.62 ? 15   MET   A SD   1 
ATOM   77   C CE   . MET   A 1 19  ? -23.925 10.288  3.932   1.00 39.51 ? 15   MET   A CE   1 
ATOM   78   N N    . SER   A 1 20  ? -20.490 6.199   4.348   1.00 31.01 ? 16   SER   A N    1 
ATOM   79   C CA   . SER   A 1 20  ? -20.406 4.777   4.650   1.00 31.61 ? 16   SER   A CA   1 
ATOM   80   C C    . SER   A 1 20  ? -21.720 4.091   4.316   1.00 33.45 ? 16   SER   A C    1 
ATOM   81   O O    . SER   A 1 20  ? -22.784 4.512   4.776   1.00 31.02 ? 16   SER   A O    1 
ATOM   82   C CB   . SER   A 1 20  ? -20.077 4.533   6.117   1.00 30.21 ? 16   SER   A CB   1 
ATOM   83   O OG   . SER   A 1 20  ? -20.325 3.167   6.412   1.00 32.85 ? 16   SER   A OG   1 
ATOM   84   N N    . ARG   A 1 21  ? -21.637 3.021   3.529   1.00 32.55 ? 17   ARG   A N    1 
ATOM   85   C CA   . ARG   A 1 21  ? -22.838 2.336   3.078   1.00 37.80 ? 17   ARG   A CA   1 
ATOM   86   C C    . ARG   A 1 21  ? -23.518 1.604   4.227   1.00 35.09 ? 17   ARG   A C    1 
ATOM   87   O O    . ARG   A 1 21  ? -24.750 1.527   4.283   1.00 37.54 ? 17   ARG   A O    1 
ATOM   88   C CB   . ARG   A 1 21  ? -22.475 1.367   1.953   1.00 38.85 ? 17   ARG   A CB   1 
ATOM   89   C CG   . ARG   A 1 21  ? -23.655 0.677   1.304   1.00 40.45 ? 17   ARG   A CG   1 
ATOM   90   C CD   . ARG   A 1 21  ? -23.262 0.163   -0.070  1.00 41.53 ? 17   ARG   A CD   1 
ATOM   91   N NE   . ARG   A 1 21  ? -22.502 1.174   -0.799  1.00 43.62 ? 17   ARG   A NE   1 
ATOM   92   C CZ   . ARG   A 1 21  ? -22.304 1.172   -2.110  1.00 39.71 ? 17   ARG   A CZ   1 
ATOM   93   N NH1  . ARG   A 1 21  ? -22.811 0.228   -2.885  1.00 39.45 ? 17   ARG   A NH1  1 
ATOM   94   N NH2  . ARG   A 1 21  ? -21.579 2.146   -2.656  1.00 37.02 ? 17   ARG   A NH2  1 
ATOM   95   N N    . SER   A 1 22  ? -22.735 1.054   5.149   1.00 32.80 ? 18   SER   A N    1 
ATOM   96   C CA   . SER   A 1 22  ? -23.328 0.213   6.181   1.00 33.75 ? 18   SER   A CA   1 
ATOM   97   C C    . SER   A 1 22  ? -23.832 1.028   7.367   1.00 36.49 ? 18   SER   A C    1 
ATOM   98   O O    . SER   A 1 22  ? -24.856 0.679   7.966   1.00 37.71 ? 18   SER   A O    1 
ATOM   99   C CB   . SER   A 1 22  ? -22.316 -0.846  6.634   1.00 38.00 ? 18   SER   A CB   1 
ATOM   100  O OG   . SER   A 1 22  ? -21.040 -0.260  6.792   1.00 39.24 ? 18   SER   A OG   1 
ATOM   101  N N    . SER   A 1 23  ? -23.148 2.117   7.717   1.00 32.07 ? 19   SER   A N    1 
ATOM   102  C CA   . SER   A 1 23  ? -23.528 2.902   8.884   1.00 30.61 ? 19   SER   A CA   1 
ATOM   103  C C    . SER   A 1 23  ? -24.151 4.246   8.548   1.00 28.91 ? 19   SER   A C    1 
ATOM   104  O O    . SER   A 1 23  ? -24.790 4.847   9.417   1.00 25.75 ? 19   SER   A O    1 
ATOM   105  C CB   . SER   A 1 23  ? -22.308 3.143   9.784   1.00 31.18 ? 19   SER   A CB   1 
ATOM   106  O OG   . SER   A 1 23  ? -21.452 4.121   9.223   1.00 32.46 ? 19   SER   A OG   1 
ATOM   107  N N    . GLY   A 1 24  ? -24.008 4.728   7.315   1.00 27.19 ? 20   GLY   A N    1 
ATOM   108  C CA   . GLY   A 1 24  ? -24.458 6.078   7.038   1.00 31.56 ? 20   GLY   A CA   1 
ATOM   109  C C    . GLY   A 1 24  ? -23.608 7.175   7.638   1.00 31.75 ? 20   GLY   A C    1 
ATOM   110  O O    . GLY   A 1 24  ? -23.979 8.351   7.553   1.00 29.94 ? 20   GLY   A O    1 
ATOM   111  N N    . ARG   A 1 25  ? -22.489 6.838   8.268   1.00 27.39 ? 21   ARG   A N    1 
ATOM   112  C CA   . ARG   A 1 25  ? -21.585 7.841   8.791   1.00 25.23 ? 21   ARG   A CA   1 
ATOM   113  C C    . ARG   A 1 25  ? -20.619 8.260   7.685   1.00 26.22 ? 21   ARG   A C    1 
ATOM   114  O O    . ARG   A 1 25  ? -20.285 7.468   6.801   1.00 23.65 ? 21   ARG   A O    1 
ATOM   115  C CB   . ARG   A 1 25  ? -20.831 7.275   10.000  1.00 28.30 ? 21   ARG   A CB   1 
ATOM   116  C CG   . ARG   A 1 25  ? -20.150 8.292   10.872  1.00 31.83 ? 21   ARG   A CG   1 
ATOM   117  C CD   . ARG   A 1 25  ? -19.989 7.772   12.300  1.00 32.33 ? 21   ARG   A CD   1 
ATOM   118  N NE   . ARG   A 1 25  ? -19.844 6.321   12.371  1.00 30.34 ? 21   ARG   A NE   1 
ATOM   119  C CZ   . ARG   A 1 25  ? -18.686 5.684   12.489  1.00 26.01 ? 21   ARG   A CZ   1 
ATOM   120  N NH1  . ARG   A 1 25  ? -17.531 6.335   12.500  1.00 24.81 ? 21   ARG   A NH1  1 
ATOM   121  N NH2  . ARG   A 1 25  ? -18.687 4.358   12.611  1.00 25.89 ? 21   ARG   A NH2  1 
ATOM   122  N N    . VAL   A 1 26  ? -20.208 9.528   7.712   1.00 26.19 ? 22   VAL   A N    1 
ATOM   123  C CA   . VAL   A 1 26  ? -19.276 10.010  6.698   1.00 27.92 ? 22   VAL   A CA   1 
ATOM   124  C C    . VAL   A 1 26  ? -17.885 9.460   6.988   1.00 23.66 ? 22   VAL   A C    1 
ATOM   125  O O    . VAL   A 1 26  ? -17.499 9.253   8.145   1.00 23.81 ? 22   VAL   A O    1 
ATOM   126  C CB   . VAL   A 1 26  ? -19.240 11.548  6.634   1.00 30.74 ? 22   VAL   A CB   1 
ATOM   127  C CG1  . VAL   A 1 26  ? -20.633 12.108  6.454   1.00 32.60 ? 22   VAL   A CG1  1 
ATOM   128  C CG2  . VAL   A 1 26  ? -18.598 12.111  7.885   1.00 34.74 ? 22   VAL   A CG2  1 
ATOM   129  N N    . TYR   A 1 27  ? -17.124 9.221   5.924   1.00 23.32 ? 23   TYR   A N    1 
ATOM   130  C CA   . TYR   A 1 27  ? -15.704 8.918   6.043   1.00 22.15 ? 23   TYR   A CA   1 
ATOM   131  C C    . TYR   A 1 27  ? -14.972 9.659   4.937   1.00 24.11 ? 23   TYR   A C    1 
ATOM   132  O O    . TYR   A 1 27  ? -15.578 10.356  4.123   1.00 23.82 ? 23   TYR   A O    1 
ATOM   133  C CB   . TYR   A 1 27  ? -15.422 7.409   5.978   1.00 24.04 ? 23   TYR   A CB   1 
ATOM   134  C CG   . TYR   A 1 27  ? -15.646 6.714   4.635   1.00 24.34 ? 23   TYR   A CG   1 
ATOM   135  C CD1  . TYR   A 1 27  ? -16.926 6.402   4.209   1.00 28.38 ? 23   TYR   A CD1  1 
ATOM   136  C CD2  . TYR   A 1 27  ? -14.577 6.305   3.820   1.00 24.71 ? 23   TYR   A CD2  1 
ATOM   137  C CE1  . TYR   A 1 27  ? -17.166 5.741   3.013   1.00 31.71 ? 23   TYR   A CE1  1 
ATOM   138  C CE2  . TYR   A 1 27  ? -14.817 5.623   2.589   1.00 29.30 ? 23   TYR   A CE2  1 
ATOM   139  C CZ   . TYR   A 1 27  ? -16.117 5.347   2.228   1.00 34.69 ? 23   TYR   A CZ   1 
ATOM   140  O OH   . TYR   A 1 27  ? -16.445 4.682   1.008   1.00 46.11 ? 23   TYR   A OH   1 
ATOM   141  N N    . TYR   A 1 28  ? -13.653 9.500   4.902   1.00 21.55 ? 24   TYR   A N    1 
ATOM   142  C CA   . TYR   A 1 28  ? -12.830 10.180  3.919   1.00 22.01 ? 24   TYR   A CA   1 
ATOM   143  C C    . TYR   A 1 28  ? -11.985 9.160   3.175   1.00 21.62 ? 24   TYR   A C    1 
ATOM   144  O O    . TYR   A 1 28  ? -11.443 8.225   3.777   1.00 19.87 ? 24   TYR   A O    1 
ATOM   145  C CB   . TYR   A 1 28  ? -11.967 11.245  4.592   1.00 25.01 ? 24   TYR   A CB   1 
ATOM   146  C CG   . TYR   A 1 28  ? -12.832 12.258  5.300   1.00 26.93 ? 24   TYR   A CG   1 
ATOM   147  C CD1  . TYR   A 1 28  ? -13.369 13.343  4.616   1.00 29.19 ? 24   TYR   A CD1  1 
ATOM   148  C CD2  . TYR   A 1 28  ? -13.169 12.092  6.631   1.00 26.42 ? 24   TYR   A CD2  1 
ATOM   149  C CE1  . TYR   A 1 28  ? -14.185 14.260  5.255   1.00 31.73 ? 24   TYR   A CE1  1 
ATOM   150  C CE2  . TYR   A 1 28  ? -13.988 13.001  7.285   1.00 29.71 ? 24   TYR   A CE2  1 
ATOM   151  C CZ   . TYR   A 1 28  ? -14.490 14.085  6.593   1.00 35.06 ? 24   TYR   A CZ   1 
ATOM   152  O OH   . TYR   A 1 28  ? -15.305 14.989  7.240   1.00 38.66 ? 24   TYR   A OH   1 
ATOM   153  N N    . PHE   A 1 29  ? -11.919 9.334   1.852   1.00 18.60 ? 25   PHE   A N    1 
ATOM   154  C CA   . PHE   A 1 29  ? -11.204 8.450   0.946   1.00 20.97 ? 25   PHE   A CA   1 
ATOM   155  C C    . PHE   A 1 29  ? -10.209 9.287   0.154   1.00 22.35 ? 25   PHE   A C    1 
ATOM   156  O O    . PHE   A 1 29  ? -10.535 10.394  -0.285  1.00 20.11 ? 25   PHE   A O    1 
ATOM   157  C CB   . PHE   A 1 29  ? -12.191 7.726   0.000   1.00 19.75 ? 25   PHE   A CB   1 
ATOM   158  C CG   . PHE   A 1 29  ? -11.534 6.813   -0.993  1.00 17.90 ? 25   PHE   A CG   1 
ATOM   159  C CD1  . PHE   A 1 29  ? -11.105 5.543   -0.620  1.00 20.95 ? 25   PHE   A CD1  1 
ATOM   160  C CD2  . PHE   A 1 29  ? -11.340 7.221   -2.305  1.00 19.91 ? 25   PHE   A CD2  1 
ATOM   161  C CE1  . PHE   A 1 29  ? -10.500 4.692   -1.552  1.00 16.85 ? 25   PHE   A CE1  1 
ATOM   162  C CE2  . PHE   A 1 29  ? -10.740 6.387   -3.214  1.00 19.37 ? 25   PHE   A CE2  1 
ATOM   163  C CZ   . PHE   A 1 29  ? -10.308 5.127   -2.838  1.00 20.37 ? 25   PHE   A CZ   1 
ATOM   164  N N    . ASN   A 1 30  ? -8.997  8.773   -0.013  1.00 18.35 ? 26   ASN   A N    1 
ATOM   165  C CA   . ASN   A 1 30  ? -7.965  9.424   -0.816  1.00 19.26 ? 26   ASN   A CA   1 
ATOM   166  C C    . ASN   A 1 30  ? -7.807  8.651   -2.116  1.00 17.45 ? 26   ASN   A C    1 
ATOM   167  O O    . ASN   A 1 30  ? -7.481  7.456   -2.095  1.00 17.37 ? 26   ASN   A O    1 
ATOM   168  C CB   . ASN   A 1 30  ? -6.634  9.466   -0.056  1.00 16.27 ? 26   ASN   A CB   1 
ATOM   169  C CG   . ASN   A 1 30  ? -5.621  10.374  -0.731  1.00 20.14 ? 26   ASN   A CG   1 
ATOM   170  O OD1  . ASN   A 1 30  ? -5.218  10.127  -1.862  1.00 20.85 ? 26   ASN   A OD1  1 
ATOM   171  N ND2  . ASN   A 1 30  ? -5.213  11.432  -0.037  1.00 24.13 ? 26   ASN   A ND2  1 
ATOM   172  N N    . HIS   A 1 31  ? -8.083  9.309   -3.250  1.00 18.17 ? 27   HIS   A N    1 
ATOM   173  C CA   . HIS   A 1 31  ? -8.010  8.588   -4.513  1.00 17.30 ? 27   HIS   A CA   1 
ATOM   174  C C    . HIS   A 1 31  ? -6.598  8.521   -5.078  1.00 17.96 ? 27   HIS   A C    1 
ATOM   175  O O    . HIS   A 1 31  ? -6.417  7.945   -6.153  1.00 18.09 ? 27   HIS   A O    1 
ATOM   176  C CB   . HIS   A 1 31  ? -8.962  9.202   -5.557  1.00 17.59 ? 27   HIS   A CB   1 
ATOM   177  C CG   . HIS   A 1 31  ? -8.718  10.651  -5.826  1.00 22.52 ? 27   HIS   A CG   1 
ATOM   178  N ND1  . HIS   A 1 31  ? -9.613  11.636  -5.466  1.00 28.36 ? 27   HIS   A ND1  1 
ATOM   179  C CD2  . HIS   A 1 31  ? -7.684  11.284  -6.429  1.00 22.87 ? 27   HIS   A CD2  1 
ATOM   180  C CE1  . HIS   A 1 31  ? -9.135  12.815  -5.825  1.00 29.53 ? 27   HIS   A CE1  1 
ATOM   181  N NE2  . HIS   A 1 31  ? -7.965  12.628  -6.410  1.00 26.21 ? 27   HIS   A NE2  1 
ATOM   182  N N    . ILE   A 1 32  ? -5.602  9.050   -4.372  1.00 17.16 ? 28   ILE   A N    1 
ATOM   183  C CA   . ILE   A 1 32  ? -4.209  8.885   -4.764  1.00 21.11 ? 28   ILE   A CA   1 
ATOM   184  C C    . ILE   A 1 32  ? -3.553  7.731   -4.019  1.00 18.50 ? 28   ILE   A C    1 
ATOM   185  O O    . ILE   A 1 32  ? -2.783  6.969   -4.602  1.00 18.66 ? 28   ILE   A O    1 
ATOM   186  C CB   . ILE   A 1 32  ? -3.415  10.193  -4.554  1.00 20.73 ? 28   ILE   A CB   1 
ATOM   187  C CG1  . ILE   A 1 32  ? -4.119  11.373  -5.224  1.00 23.50 ? 28   ILE   A CG1  1 
ATOM   188  C CG2  . ILE   A 1 32  ? -1.997  10.042  -5.114  1.00 21.22 ? 28   ILE   A CG2  1 
ATOM   189  C CD1  . ILE   A 1 32  ? -3.530  12.710  -4.851  1.00 26.25 ? 28   ILE   A CD1  1 
ATOM   190  N N    . THR   A 1 33  ? -3.864  7.572   -2.734  1.00 17.17 ? 29   THR   A N    1 
ATOM   191  C CA   . THR   A 1 33  ? -3.266  6.515   -1.923  1.00 16.65 ? 29   THR   A CA   1 
ATOM   192  C C    . THR   A 1 33  ? -4.206  5.340   -1.718  1.00 16.80 ? 29   THR   A C    1 
ATOM   193  O O    . THR   A 1 33  ? -3.768  4.286   -1.253  1.00 16.82 ? 29   THR   A O    1 
ATOM   194  C CB   . THR   A 1 33  ? -2.888  7.054   -0.553  1.00 19.65 ? 29   THR   A CB   1 
ATOM   195  O OG1  . THR   A 1 33  ? -4.104  7.403   0.129   1.00 16.15 ? 29   THR   A OG1  1 
ATOM   196  C CG2  . THR   A 1 33  ? -1.995  8.283   -0.676  1.00 18.57 ? 29   THR   A CG2  1 
ATOM   197  N N    . ASN   A 1 34  ? -5.485  5.517   -2.043  1.00 15.98 ? 30   ASN   A N    1 
ATOM   198  C CA   . ASN   A 1 34  ? -6.550  4.550   -1.807  1.00 18.11 ? 30   ASN   A CA   1 
ATOM   199  C C    . ASN   A 1 34  ? -6.786  4.281   -0.320  1.00 15.68 ? 30   ASN   A C    1 
ATOM   200  O O    . ASN   A 1 34  ? -7.446  3.295   0.033   1.00 16.11 ? 30   ASN   A O    1 
ATOM   201  C CB   . ASN   A 1 34  ? -6.289  3.251   -2.582  1.00 13.48 ? 30   ASN   A CB   1 
ATOM   202  C CG   . ASN   A 1 34  ? -6.567  3.415   -4.069  1.00 14.87 ? 30   ASN   A CG   1 
ATOM   203  O OD1  . ASN   A 1 34  ? -7.399  4.247   -4.444  1.00 20.19 ? 30   ASN   A OD1  1 
ATOM   204  N ND2  . ASN   A 1 34  ? -5.893  2.637   -4.912  1.00 14.05 ? 30   ASN   A ND2  1 
ATOM   205  N N    . ALA   A 1 35  ? -6.302  5.154   0.564   1.00 15.55 ? 31   ALA   A N    1 
ATOM   206  C CA   . ALA   A 1 35  ? -6.568  5.006   1.994   1.00 18.20 ? 31   ALA   A CA   1 
ATOM   207  C C    . ALA   A 1 35  ? -7.940  5.579   2.353   1.00 18.67 ? 31   ALA   A C    1 
ATOM   208  O O    . ALA   A 1 35  ? -8.447  6.494   1.701   1.00 18.41 ? 31   ALA   A O    1 
ATOM   209  C CB   . ALA   A 1 35  ? -5.486  5.709   2.815   1.00 19.42 ? 31   ALA   A CB   1 
ATOM   210  N N    . SER   A 1 36  ? -8.538  5.028   3.412   1.00 17.25 ? 32   SER   A N    1 
ATOM   211  C CA   . SER   A 1 36  ? -9.785  5.538   3.964   1.00 18.37 ? 32   SER   A CA   1 
ATOM   212  C C    . SER   A 1 36  ? -9.628  5.712   5.467   1.00 19.49 ? 32   SER   A C    1 
ATOM   213  O O    . SER   A 1 36  ? -8.894  4.962   6.119   1.00 20.96 ? 32   SER   A O    1 
ATOM   214  C CB   . SER   A 1 36  ? -10.950 4.597   3.664   1.00 23.12 ? 32   SER   A CB   1 
ATOM   215  O OG   . SER   A 1 36  ? -10.571 3.269   3.959   1.00 28.22 ? 32   SER   A OG   1 
ATOM   216  N N    . GLN   A 1 37  ? -10.287 6.731   6.013   1.00 18.34 ? 33   GLN   A N    1 
ATOM   217  C CA   . GLN   A 1 37  ? -10.228 6.970   7.458   1.00 19.84 ? 33   GLN   A CA   1 
ATOM   218  C C    . GLN   A 1 37  ? -11.500 7.689   7.890   1.00 23.23 ? 33   GLN   A C    1 
ATOM   219  O O    . GLN   A 1 37  ? -12.163 8.336   7.083   1.00 21.71 ? 33   GLN   A O    1 
ATOM   220  C CB   . GLN   A 1 37  ? -8.997  7.789   7.869   1.00 20.85 ? 33   GLN   A CB   1 
ATOM   221  C CG   . GLN   A 1 37  ? -8.954  9.195   7.274   1.00 25.51 ? 33   GLN   A CG   1 
ATOM   222  C CD   . GLN   A 1 37  ? -7.714  9.962   7.676   1.00 28.10 ? 33   GLN   A CD   1 
ATOM   223  O OE1  . GLN   A 1 37  ? -6.583  9.492   7.486   1.00 25.33 ? 33   GLN   A OE1  1 
ATOM   224  N NE2  . GLN   A 1 37  ? -7.913  11.150  8.246   1.00 26.87 ? 33   GLN   A NE2  1 
ATOM   225  N N    . TRP   A 1 38  ? -11.827 7.579   9.185   1.00 21.95 ? 34   TRP   A N    1 
ATOM   226  C CA   . TRP   A 1 38  ? -13.032 8.226   9.710   1.00 24.57 ? 34   TRP   A CA   1 
ATOM   227  C C    . TRP   A 1 38  ? -12.817 9.698   10.040  1.00 24.37 ? 34   TRP   A C    1 
ATOM   228  O O    . TRP   A 1 38  ? -13.731 10.504  9.848   1.00 25.54 ? 34   TRP   A O    1 
ATOM   229  C CB   . TRP   A 1 38  ? -13.536 7.503   10.962  1.00 18.25 ? 34   TRP   A CB   1 
ATOM   230  C CG   . TRP   A 1 38  ? -14.073 6.096   10.722  1.00 20.79 ? 34   TRP   A CG   1 
ATOM   231  C CD1  . TRP   A 1 38  ? -13.478 4.921   11.081  1.00 22.12 ? 34   TRP   A CD1  1 
ATOM   232  C CD2  . TRP   A 1 38  ? -15.305 5.738   10.091  1.00 20.55 ? 34   TRP   A CD2  1 
ATOM   233  N NE1  . TRP   A 1 38  ? -14.252 3.858   10.710  1.00 20.76 ? 34   TRP   A NE1  1 
ATOM   234  C CE2  . TRP   A 1 38  ? -15.385 4.327   10.102  1.00 21.91 ? 34   TRP   A CE2  1 
ATOM   235  C CE3  . TRP   A 1 38  ? -16.345 6.468   9.502   1.00 24.79 ? 34   TRP   A CE3  1 
ATOM   236  C CZ2  . TRP   A 1 38  ? -16.450 3.637   9.543   1.00 22.38 ? 34   TRP   A CZ2  1 
ATOM   237  C CZ3  . TRP   A 1 38  ? -17.422 5.776   8.960   1.00 22.04 ? 34   TRP   A CZ3  1 
ATOM   238  C CH2  . TRP   A 1 38  ? -17.461 4.372   8.982   1.00 23.14 ? 34   TRP   A CH2  1 
ATOM   239  N N    . GLU   A 1 39  ? -11.632 10.064  10.524  1.00 24.37 ? 35   GLU   A N    1 
ATOM   240  C CA   A GLU   A 1 39  ? -11.338 11.425  10.946  0.50 28.21 ? 35   GLU   A CA   1 
ATOM   241  C CA   B GLU   A 1 39  ? -11.380 11.438  10.937  0.50 27.21 ? 35   GLU   A CA   1 
ATOM   242  C C    . GLU   A 1 39  ? -11.100 12.326  9.734   1.00 29.99 ? 35   GLU   A C    1 
ATOM   243  O O    . GLU   A 1 39  ? -10.581 11.884  8.710   1.00 27.87 ? 35   GLU   A O    1 
ATOM   244  C CB   A GLU   A 1 39  ? -10.106 11.412  11.852  0.50 29.88 ? 35   GLU   A CB   1 
ATOM   245  C CB   B GLU   A 1 39  ? -10.202 11.513  11.905  0.50 29.89 ? 35   GLU   A CB   1 
ATOM   246  C CG   A GLU   A 1 39  ? -10.135 10.350  12.978  0.50 28.08 ? 35   GLU   A CG   1 
ATOM   247  C CG   B GLU   A 1 39  ? -10.510 11.033  13.307  0.50 28.63 ? 35   GLU   A CG   1 
ATOM   248  C CD   A GLU   A 1 39  ? -9.760  8.918   12.538  0.50 28.30 ? 35   GLU   A CD   1 
ATOM   249  C CD   B GLU   A 1 39  ? -9.323  11.180  14.237  0.50 31.27 ? 35   GLU   A CD   1 
ATOM   250  O OE1  A GLU   A 1 39  ? -9.288  8.706   11.399  0.50 22.97 ? 35   GLU   A OE1  1 
ATOM   251  O OE1  B GLU   A 1 39  ? -8.601  12.194  14.134  0.50 34.92 ? 35   GLU   A OE1  1 
ATOM   252  O OE2  A GLU   A 1 39  ? -9.937  7.990   13.357  0.50 29.33 ? 35   GLU   A OE2  1 
ATOM   253  O OE2  B GLU   A 1 39  ? -9.102  10.276  15.065  0.50 31.88 ? 35   GLU   A OE2  1 
ATOM   254  N N    . ARG   A 1 40  ? -11.472 13.601  9.860   1.00 29.56 ? 36   ARG   A N    1 
ATOM   255  C CA   . ARG   A 1 40  ? -11.256 14.526  8.745   1.00 31.93 ? 36   ARG   A CA   1 
ATOM   256  C C    . ARG   A 1 40  ? -9.761  14.771  8.570   1.00 34.80 ? 36   ARG   A C    1 
ATOM   257  O O    . ARG   A 1 40  ? -9.086  15.161  9.534   1.00 35.52 ? 36   ARG   A O    1 
ATOM   258  C CB   . ARG   A 1 40  ? -11.999 15.845  8.957   1.00 33.96 ? 36   ARG   A CB   1 
ATOM   259  C CG   . ARG   A 1 40  ? -11.953 16.783  7.747   1.00 37.24 ? 36   ARG   A CG   1 
ATOM   260  C CD   . ARG   A 1 40  ? -12.607 18.126  8.054   1.00 43.81 ? 36   ARG   A CD   1 
ATOM   261  N NE   . ARG   A 1 40  ? -12.521 19.048  6.928   1.00 46.63 ? 36   ARG   A NE   1 
ATOM   262  C CZ   . ARG   A 1 40  ? -13.429 19.148  5.967   1.00 49.03 ? 36   ARG   A CZ   1 
ATOM   263  N NH1  . ARG   A 1 40  ? -14.516 18.394  5.958   1.00 48.04 ? 36   ARG   A NH1  1 
ATOM   264  N NH2  . ARG   A 1 40  ? -13.240 20.029  4.987   1.00 53.65 ? 36   ARG   A NH2  1 
ATOM   265  N N    . PRO   A 1 41  ? -9.202  14.542  7.383   1.00 35.53 ? 37   PRO   A N    1 
ATOM   266  C CA   . PRO   A 1 41  ? -7.754  14.705  7.209   1.00 38.09 ? 37   PRO   A CA   1 
ATOM   267  C C    . PRO   A 1 41  ? -7.334  16.161  7.364   1.00 42.56 ? 37   PRO   A C    1 
ATOM   268  O O    . PRO   A 1 41  ? -8.033  17.082  6.929   1.00 42.56 ? 37   PRO   A O    1 
ATOM   269  C CB   . PRO   A 1 41  ? -7.505  14.191  5.784   1.00 35.02 ? 37   PRO   A CB   1 
ATOM   270  C CG   . PRO   A 1 41  ? -8.806  14.312  5.092   1.00 34.38 ? 37   PRO   A CG   1 
ATOM   271  C CD   . PRO   A 1 41  ? -9.873  14.120  6.142   1.00 32.89 ? 37   PRO   A CD   1 
ATOM   272  N N    . SER   A 1 42  ? -6.172  16.363  7.979   1.00 48.48 ? 38   SER   A N    1 
ATOM   273  C CA   . SER   A 1 42  ? -5.682  17.710  8.269   1.00 56.62 ? 38   SER   A CA   1 
ATOM   274  C C    . SER   A 1 42  ? -4.857  18.287  7.116   1.00 56.30 ? 38   SER   A C    1 
ATOM   275  O O    . SER   A 1 42  ? -3.761  17.806  6.818   1.00 54.60 ? 38   SER   A O    1 
ATOM   276  C CB   . SER   A 1 42  ? -4.850  17.705  9.556   1.00 58.26 ? 38   SER   A CB   1 
ATOM   277  O OG   . SER   A 1 42  ? -4.433  19.017  9.901   1.00 68.13 ? 38   SER   A OG   1 
ATOM   278  N N    . GLU   A 1 55  ? 5.615   20.064  -1.730  1.00 56.02 ? 51   GLU   A N    1 
ATOM   279  C CA   . GLU   A 1 55  ? 5.910   18.727  -1.222  1.00 52.77 ? 51   GLU   A CA   1 
ATOM   280  C C    . GLU   A 1 55  ? 7.411   18.539  -1.040  1.00 54.08 ? 51   GLU   A C    1 
ATOM   281  O O    . GLU   A 1 55  ? 8.209   19.294  -1.601  1.00 56.44 ? 51   GLU   A O    1 
ATOM   282  C CB   . GLU   A 1 55  ? 5.356   17.649  -2.164  1.00 53.24 ? 51   GLU   A CB   1 
ATOM   283  C CG   . GLU   A 1 55  ? 6.158   17.470  -3.446  1.00 49.89 ? 51   GLU   A CG   1 
ATOM   284  C CD   . GLU   A 1 55  ? 5.616   16.370  -4.348  1.00 43.68 ? 51   GLU   A CD   1 
ATOM   285  O OE1  . GLU   A 1 55  ? 4.386   16.131  -4.361  1.00 42.26 ? 51   GLU   A OE1  1 
ATOM   286  O OE2  . GLU   A 1 55  ? 6.435   15.736  -5.048  1.00 41.89 ? 51   GLU   A OE2  1 
ATOM   287  N N    . PRO   A 1 56  ? 7.795   17.533  -0.256  1.00 53.32 ? 52   PRO   A N    1 
ATOM   288  C CA   . PRO   A 1 56  ? 9.220   17.291  -0.010  1.00 48.81 ? 52   PRO   A CA   1 
ATOM   289  C C    . PRO   A 1 56  ? 9.907   16.707  -1.235  1.00 44.51 ? 52   PRO   A C    1 
ATOM   290  O O    . PRO   A 1 56  ? 9.277   16.149  -2.134  1.00 47.05 ? 52   PRO   A O    1 
ATOM   291  C CB   . PRO   A 1 56  ? 9.217   16.295  1.154   1.00 46.68 ? 52   PRO   A CB   1 
ATOM   292  C CG   . PRO   A 1 56  ? 7.913   15.578  1.022   1.00 45.48 ? 52   PRO   A CG   1 
ATOM   293  C CD   . PRO   A 1 56  ? 6.934   16.592  0.482   1.00 50.18 ? 52   PRO   A CD   1 
ATOM   294  N N    . ALA   A 1 57  ? 11.233  16.841  -1.251  1.00 42.00 ? 53   ALA   A N    1 
ATOM   295  C CA   . ALA   A 1 57  ? 12.000  16.384  -2.402  1.00 40.95 ? 53   ALA   A CA   1 
ATOM   296  C C    . ALA   A 1 57  ? 12.111  14.866  -2.427  1.00 40.22 ? 53   ALA   A C    1 
ATOM   297  O O    . ALA   A 1 57  ? 12.123  14.257  -3.504  1.00 40.23 ? 53   ALA   A O    1 
ATOM   298  C CB   . ALA   A 1 57  ? 13.387  17.026  -2.399  1.00 44.70 ? 53   ALA   A CB   1 
ATOM   299  N N    . ARG   A 1 58  ? 12.218  14.239  -1.257  1.00 37.57 ? 54   ARG   A N    1 
ATOM   300  C CA   . ARG   A 1 58  ? 12.319  12.792  -1.175  1.00 35.51 ? 54   ARG   A CA   1 
ATOM   301  C C    . ARG   A 1 58  ? 11.447  12.289  -0.033  1.00 28.86 ? 54   ARG   A C    1 
ATOM   302  O O    . ARG   A 1 58  ? 11.144  13.020  0.912   1.00 31.38 ? 54   ARG   A O    1 
ATOM   303  C CB   . ARG   A 1 58  ? 13.775  12.334  -0.986  1.00 37.95 ? 54   ARG   A CB   1 
ATOM   304  C CG   . ARG   A 1 58  ? 14.715  12.843  -2.069  1.00 40.87 ? 54   ARG   A CG   1 
ATOM   305  C CD   . ARG   A 1 58  ? 15.831  11.848  -2.377  1.00 38.30 ? 54   ARG   A CD   1 
ATOM   306  N NE   . ARG   A 1 58  ? 16.696  11.603  -1.231  1.00 45.08 ? 54   ARG   A NE   1 
ATOM   307  C CZ   . ARG   A 1 58  ? 17.581  10.616  -1.164  1.00 49.92 ? 54   ARG   A CZ   1 
ATOM   308  N NH1  . ARG   A 1 58  ? 17.736  9.757   -2.160  1.00 49.91 ? 54   ARG   A NH1  1 
ATOM   309  N NH2  . ARG   A 1 58  ? 18.325  10.484  -0.069  1.00 50.90 ? 54   ARG   A NH2  1 
ATOM   310  N N    . VAL   A 1 59  ? 11.020  11.032  -0.154  1.00 27.75 ? 55   VAL   A N    1 
ATOM   311  C CA   . VAL   A 1 59  ? 10.336  10.319  0.916   1.00 26.52 ? 55   VAL   A CA   1 
ATOM   312  C C    . VAL   A 1 59  ? 11.004  8.965   1.075   1.00 24.67 ? 55   VAL   A C    1 
ATOM   313  O O    . VAL   A 1 59  ? 11.725  8.493   0.194   1.00 26.14 ? 55   VAL   A O    1 
ATOM   314  C CB   . VAL   A 1 59  ? 8.822   10.142  0.649   1.00 23.77 ? 55   VAL   A CB   1 
ATOM   315  C CG1  . VAL   A 1 59  ? 8.146   11.490  0.530   1.00 27.56 ? 55   VAL   A CG1  1 
ATOM   316  C CG2  . VAL   A 1 59  ? 8.581   9.301   -0.606  1.00 25.35 ? 55   VAL   A CG2  1 
ATOM   317  N N    . ARG   A 1 60  ? 10.747  8.331   2.220   1.00 19.09 ? 56   ARG   A N    1 
ATOM   318  C CA   . ARG   A 1 60  ? 11.190  6.971   2.473   1.00 20.75 ? 56   ARG   A CA   1 
ATOM   319  C C    . ARG   A 1 60  ? 9.948   6.139   2.738   1.00 22.85 ? 56   ARG   A C    1 
ATOM   320  O O    . ARG   A 1 60  ? 9.081   6.555   3.511   1.00 22.78 ? 56   ARG   A O    1 
ATOM   321  C CB   . ARG   A 1 60  ? 12.139  6.908   3.672   1.00 23.36 ? 56   ARG   A CB   1 
ATOM   322  C CG   . ARG   A 1 60  ? 12.689  5.524   3.943   1.00 24.04 ? 56   ARG   A CG   1 
ATOM   323  C CD   . ARG   A 1 60  ? 13.555  5.539   5.206   1.00 26.13 ? 56   ARG   A CD   1 
ATOM   324  N NE   . ARG   A 1 60  ? 14.147  4.239   5.479   1.00 24.20 ? 56   ARG   A NE   1 
ATOM   325  C CZ   . ARG   A 1 60  ? 15.017  4.016   6.453   1.00 32.00 ? 56   ARG   A CZ   1 
ATOM   326  N NH1  . ARG   A 1 60  ? 15.386  4.977   7.281   1.00 31.51 ? 56   ARG   A NH1  1 
ATOM   327  N NH2  . ARG   A 1 60  ? 15.521  2.796   6.605   1.00 28.03 ? 56   ARG   A NH2  1 
ATOM   328  N N    . CYS   A 1 61  ? 9.855   4.983   2.086   1.00 20.28 ? 57   CYS   A N    1 
ATOM   329  C CA   . CYS   A 1 61  ? 8.680   4.137   2.210   1.00 18.79 ? 57   CYS   A CA   1 
ATOM   330  C C    . CYS   A 1 61  ? 9.107   2.692   2.351   1.00 19.35 ? 57   CYS   A C    1 
ATOM   331  O O    . CYS   A 1 61  ? 10.154  2.276   1.846   1.00 19.60 ? 57   CYS   A O    1 
ATOM   332  C CB   . CYS   A 1 61  ? 7.747   4.276   0.984   1.00 16.32 ? 57   CYS   A CB   1 
ATOM   333  S SG   . CYS   A 1 61  ? 6.976   5.865   0.906   1.00 21.17 ? 57   CYS   A SG   1 
ATOM   334  N N    . SER   A 1 62  ? 8.280   1.926   3.047   1.00 14.94 ? 58   SER   A N    1 
ATOM   335  C CA   . SER   A 1 62  ? 8.307   0.480   2.967   1.00 15.53 ? 58   SER   A CA   1 
ATOM   336  C C    . SER   A 1 62  ? 7.072   0.023   2.203   1.00 16.67 ? 58   SER   A C    1 
ATOM   337  O O    . SER   A 1 62  ? 6.131   0.790   2.015   1.00 16.89 ? 58   SER   A O    1 
ATOM   338  C CB   . SER   A 1 62  ? 8.341   -0.145  4.360   1.00 19.13 ? 58   SER   A CB   1 
ATOM   339  O OG   . SER   A 1 62  ? 9.406   0.431   5.113   1.00 19.19 ? 58   SER   A OG   1 
ATOM   340  N N    . HIS   A 1 63  ? 7.091   -1.216  1.734   1.00 15.50 ? 59   HIS   A N    1 
ATOM   341  C CA   . HIS   A 1 63  ? 5.901   -1.730  1.069   1.00 15.40 ? 59   HIS   A CA   1 
ATOM   342  C C    . HIS   A 1 63  ? 5.797   -3.234  1.265   1.00 15.07 ? 59   HIS   A C    1 
ATOM   343  O O    . HIS   A 1 63  ? 6.755   -3.919  1.633   1.00 17.82 ? 59   HIS   A O    1 
ATOM   344  C CB   . HIS   A 1 63  ? 5.885   -1.353  -0.430  1.00 16.93 ? 59   HIS   A CB   1 
ATOM   345  C CG   . HIS   A 1 63  ? 6.772   -2.193  -1.294  1.00 18.75 ? 59   HIS   A CG   1 
ATOM   346  N ND1  . HIS   A 1 63  ? 6.368   -2.674  -2.520  1.00 18.81 ? 59   HIS   A ND1  1 
ATOM   347  C CD2  . HIS   A 1 63  ? 8.051   -2.614  -1.131  1.00 20.08 ? 59   HIS   A CD2  1 
ATOM   348  C CE1  . HIS   A 1 63  ? 7.346   -3.377  -3.063  1.00 23.46 ? 59   HIS   A CE1  1 
ATOM   349  N NE2  . HIS   A 1 63  ? 8.383   -3.351  -2.243  1.00 19.97 ? 59   HIS   A NE2  1 
ATOM   350  N N    . LEU   A 1 64  ? 4.593   -3.738  1.032   1.00 13.87 ? 60   LEU   A N    1 
ATOM   351  C CA   . LEU   A 1 64  ? 4.305   -5.154  0.985   1.00 14.60 ? 60   LEU   A CA   1 
ATOM   352  C C    . LEU   A 1 64  ? 3.683   -5.383  -0.379  1.00 16.65 ? 60   LEU   A C    1 
ATOM   353  O O    . LEU   A 1 64  ? 2.687   -4.737  -0.717  1.00 15.69 ? 60   LEU   A O    1 
ATOM   354  C CB   . LEU   A 1 64  ? 3.354   -5.561  2.113   1.00 14.75 ? 60   LEU   A CB   1 
ATOM   355  C CG   . LEU   A 1 64  ? 3.040   -7.027  2.372   1.00 15.87 ? 60   LEU   A CG   1 
ATOM   356  C CD1  . LEU   A 1 64  ? 2.288   -7.133  3.698   1.00 14.84 ? 60   LEU   A CD1  1 
ATOM   357  C CD2  . LEU   A 1 64  ? 2.183   -7.607  1.255   1.00 14.97 ? 60   LEU   A CD2  1 
ATOM   358  N N    . LEU   A 1 65  ? 4.301   -6.240  -1.180  1.00 14.99 ? 61   LEU   A N    1 
ATOM   359  C CA   . LEU   A 1 65  ? 3.835   -6.516  -2.535  1.00 15.97 ? 61   LEU   A CA   1 
ATOM   360  C C    . LEU   A 1 65  ? 3.215   -7.902  -2.590  1.00 15.07 ? 61   LEU   A C    1 
ATOM   361  O O    . LEU   A 1 65  ? 3.789   -8.869  -2.089  1.00 17.10 ? 61   LEU   A O    1 
ATOM   362  C CB   . LEU   A 1 65  ? 4.996   -6.420  -3.533  1.00 19.30 ? 61   LEU   A CB   1 
ATOM   363  C CG   . LEU   A 1 65  ? 4.734   -6.902  -4.963  1.00 18.50 ? 61   LEU   A CG   1 
ATOM   364  C CD1  . LEU   A 1 65  ? 3.717   -6.006  -5.625  1.00 19.75 ? 61   LEU   A CD1  1 
ATOM   365  C CD2  . LEU   A 1 65  ? 6.053   -6.930  -5.747  1.00 22.33 ? 61   LEU   A CD2  1 
ATOM   366  N N    . VAL   A 1 66  ? 2.045   -8.014  -3.216  1.00 15.38 ? 62   VAL   A N    1 
ATOM   367  C CA   . VAL   A 1 66  ? 1.471   -9.313  -3.512  1.00 16.04 ? 62   VAL   A CA   1 
ATOM   368  C C    . VAL   A 1 66  ? 1.382   -9.407  -5.018  1.00 19.07 ? 62   VAL   A C    1 
ATOM   369  O O    . VAL   A 1 66  ? 0.691   -8.596  -5.651  1.00 18.52 ? 62   VAL   A O    1 
ATOM   370  C CB   . VAL   A 1 66  ? 0.098   -9.518  -2.862  1.00 18.09 ? 62   VAL   A CB   1 
ATOM   371  C CG1  . VAL   A 1 66  ? -0.422  -10.895 -3.198  1.00 19.36 ? 62   VAL   A CG1  1 
ATOM   372  C CG2  . VAL   A 1 66  ? 0.227   -9.386  -1.359  1.00 19.41 ? 62   VAL   A CG2  1 
ATOM   373  N N    . LYS   A 1 67  ? 2.093   -10.374 -5.593  1.00 20.72 ? 63   LYS   A N    1 
ATOM   374  C CA   . LYS   A 1 67  ? 2.070   -10.541 -7.038  1.00 19.93 ? 63   LYS   A CA   1 
ATOM   375  C C    . LYS   A 1 67  ? 0.918   -11.465 -7.434  1.00 20.11 ? 63   LYS   A C    1 
ATOM   376  O O    . LYS   A 1 67  ? 0.306   -12.143 -6.600  1.00 21.80 ? 63   LYS   A O    1 
ATOM   377  C CB   . LYS   A 1 67  ? 3.422   -11.077 -7.528  1.00 19.62 ? 63   LYS   A CB   1 
ATOM   378  C CG   . LYS   A 1 67  ? 4.515   -10.026 -7.579  1.00 21.35 ? 63   LYS   A CG   1 
ATOM   379  C CD   . LYS   A 1 67  ? 5.780   -10.548 -8.295  1.00 23.23 ? 63   LYS   A CD   1 
ATOM   380  C CE   . LYS   A 1 67  ? 6.703   -9.399  -8.677  1.00 29.99 ? 63   LYS   A CE   1 
ATOM   381  N NZ   . LYS   A 1 67  ? 7.921   -9.877  -9.430  1.00 30.52 ? 63   LYS   A NZ   1 
ATOM   382  N N    . HIS   A 1 68  ? 0.624   -11.496 -8.734  1.00 24.09 ? 64   HIS   A N    1 
ATOM   383  C CA   . HIS   A 1 68  ? -0.429  -12.352 -9.267  1.00 25.37 ? 64   HIS   A CA   1 
ATOM   384  C C    . HIS   A 1 68  ? -0.017  -12.802 -10.662 1.00 26.29 ? 64   HIS   A C    1 
ATOM   385  O O    . HIS   A 1 68  ? 1.041   -12.424 -11.166 1.00 24.53 ? 64   HIS   A O    1 
ATOM   386  C CB   . HIS   A 1 68  ? -1.788  -11.625 -9.294  1.00 22.56 ? 64   HIS   A CB   1 
ATOM   387  C CG   . HIS   A 1 68  ? -1.729  -10.261 -9.896  1.00 22.57 ? 64   HIS   A CG   1 
ATOM   388  N ND1  . HIS   A 1 68  ? -1.659  -10.046 -11.258 1.00 24.09 ? 64   HIS   A ND1  1 
ATOM   389  C CD2  . HIS   A 1 68  ? -1.729  -9.035  -9.323  1.00 23.58 ? 64   HIS   A CD2  1 
ATOM   390  C CE1  . HIS   A 1 68  ? -1.606  -8.749  -11.494 1.00 24.70 ? 64   HIS   A CE1  1 
ATOM   391  N NE2  . HIS   A 1 68  ? -1.650  -8.112  -10.335 1.00 24.48 ? 64   HIS   A NE2  1 
ATOM   392  N N    . SER   A 1 69  ? -0.873  -13.607 -11.300 1.00 27.77 ? 65   SER   A N    1 
ATOM   393  C CA   . SER   A 1 69  ? -0.507  -14.154 -12.604 1.00 28.49 ? 65   SER   A CA   1 
ATOM   394  C C    . SER   A 1 69  ? -0.370  -13.085 -13.693 1.00 31.20 ? 65   SER   A C    1 
ATOM   395  O O    . SER   A 1 69  ? 0.278   -13.344 -14.714 1.00 33.58 ? 65   SER   A O    1 
ATOM   396  C CB   . SER   A 1 69  ? -1.520  -15.222 -13.030 1.00 31.96 ? 65   SER   A CB   1 
ATOM   397  O OG   . SER   A 1 69  ? -2.795  -14.653 -13.251 1.00 32.50 ? 65   SER   A OG   1 
ATOM   398  N N    . GLN   A 1 70  ? -0.935  -11.895 -13.520 1.00 28.23 ? 66   GLN   A N    1 
ATOM   399  C CA   . GLN   A 1 70  ? -0.761  -10.848 -14.520 1.00 29.05 ? 66   GLN   A CA   1 
ATOM   400  C C    . GLN   A 1 70  ? 0.348   -9.866  -14.173 1.00 29.04 ? 66   GLN   A C    1 
ATOM   401  O O    . GLN   A 1 70  ? 0.535   -8.886  -14.898 1.00 29.93 ? 66   GLN   A O    1 
ATOM   402  C CB   . GLN   A 1 70  ? -2.082  -10.092 -14.755 1.00 32.65 ? 66   GLN   A CB   1 
ATOM   403  C CG   . GLN   A 1 70  ? -3.069  -10.850 -15.642 1.00 34.41 ? 66   GLN   A CG   1 
ATOM   404  C CD   . GLN   A 1 70  ? -4.153  -9.954  -16.246 1.00 35.76 ? 66   GLN   A CD   1 
ATOM   405  O OE1  . GLN   A 1 70  ? -3.891  -8.818  -16.663 1.00 31.66 ? 66   GLN   A OE1  1 
ATOM   406  N NE2  . GLN   A 1 70  ? -5.375  -10.471 -16.304 1.00 38.45 ? 66   GLN   A NE2  1 
ATOM   407  N N    . SER   A 1 71  ? 1.109   -10.105 -13.105 1.00 28.55 ? 67   SER   A N    1 
ATOM   408  C CA   . SER   A 1 71  ? 2.254   -9.251  -12.840 1.00 24.82 ? 67   SER   A CA   1 
ATOM   409  C C    . SER   A 1 71  ? 3.220   -9.294  -14.016 1.00 28.51 ? 67   SER   A C    1 
ATOM   410  O O    . SER   A 1 71  ? 3.332   -10.303 -14.715 1.00 31.72 ? 67   SER   A O    1 
ATOM   411  C CB   . SER   A 1 71  ? 2.976   -9.698  -11.569 1.00 25.81 ? 67   SER   A CB   1 
ATOM   412  O OG   . SER   A 1 71  ? 2.191   -9.450  -10.418 1.00 24.34 ? 67   SER   A OG   1 
ATOM   413  N N    . ARG   A 1 72  ? 3.940   -8.191  -14.216 1.00 28.80 ? 68   ARG   A N    1 
ATOM   414  C CA   . ARG   A 1 72  ? 4.961   -8.158  -15.259 1.00 33.47 ? 68   ARG   A CA   1 
ATOM   415  C C    . ARG   A 1 72  ? 5.867   -9.381  -15.173 1.00 36.07 ? 68   ARG   A C    1 
ATOM   416  O O    . ARG   A 1 72  ? 6.085   -10.077 -16.175 1.00 32.27 ? 68   ARG   A O    1 
ATOM   417  C CB   . ARG   A 1 72  ? 5.767   -6.867  -15.157 1.00 35.26 ? 68   ARG   A CB   1 
ATOM   418  C CG   . ARG   A 1 72  ? 6.864   -6.747  -16.192 1.00 40.65 ? 68   ARG   A CG   1 
ATOM   419  C CD   . ARG   A 1 72  ? 7.548   -5.414  -16.054 1.00 47.62 ? 68   ARG   A CD   1 
ATOM   420  N NE   . ARG   A 1 72  ? 7.642   -5.028  -14.650 1.00 49.87 ? 68   ARG   A NE   1 
ATOM   421  C CZ   . ARG   A 1 72  ? 8.091   -3.857  -14.224 1.00 50.85 ? 68   ARG   A CZ   1 
ATOM   422  N NH1  . ARG   A 1 72  ? 8.498   -2.922  -15.068 1.00 57.19 ? 68   ARG   A NH1  1 
ATOM   423  N NH2  . ARG   A 1 72  ? 8.132   -3.615  -12.916 1.00 48.69 ? 68   ARG   A NH2  1 
ATOM   424  N N    . ARG   A 1 73  ? 6.405   -9.665  -13.983 1.00 32.45 ? 69   ARG   A N    1 
ATOM   425  C CA   . ARG   A 1 73  ? 7.123   -10.918 -13.722 1.00 30.82 ? 69   ARG   A CA   1 
ATOM   426  C C    . ARG   A 1 73  ? 6.387   -11.748 -12.681 1.00 31.00 ? 69   ARG   A C    1 
ATOM   427  O O    . ARG   A 1 73  ? 6.518   -11.492 -11.469 1.00 29.11 ? 69   ARG   A O    1 
ATOM   428  C CB   . ARG   A 1 73  ? 8.556   -10.663 -13.261 1.00 36.84 ? 69   ARG   A CB   1 
ATOM   429  C CG   . ARG   A 1 73  ? 9.528   -10.344 -14.386 1.00 44.91 ? 69   ARG   A CG   1 
ATOM   430  C CD   . ARG   A 1 73  ? 10.954  -10.456 -13.877 1.00 47.07 ? 69   ARG   A CD   1 
ATOM   431  N NE   . ARG   A 1 73  ? 11.180  -9.635  -12.692 1.00 49.51 ? 69   ARG   A NE   1 
ATOM   432  C CZ   . ARG   A 1 73  ? 11.245  -8.310  -12.707 1.00 51.70 ? 69   ARG   A CZ   1 
ATOM   433  N NH1  . ARG   A 1 73  ? 11.065  -7.621  -13.825 1.00 52.63 ? 69   ARG   A NH1  1 
ATOM   434  N NH2  . ARG   A 1 73  ? 11.483  -7.658  -11.571 1.00 54.77 ? 69   ARG   A NH2  1 
ATOM   435  N N    . PRO   A 1 74  ? 5.619   -12.747 -13.095 1.00 29.87 ? 70   PRO   A N    1 
ATOM   436  C CA   . PRO   A 1 74  ? 4.891   -13.625 -12.161 1.00 27.75 ? 70   PRO   A CA   1 
ATOM   437  C C    . PRO   A 1 74  ? 5.808   -14.599 -11.431 1.00 29.06 ? 70   PRO   A C    1 
ATOM   438  O O    . PRO   A 1 74  ? 5.618   -15.823 -11.469 1.00 27.17 ? 70   PRO   A O    1 
ATOM   439  C CB   . PRO   A 1 74  ? 3.906   -14.343 -13.093 1.00 33.88 ? 70   PRO   A CB   1 
ATOM   440  C CG   . PRO   A 1 74  ? 4.614   -14.388 -14.414 1.00 32.82 ? 70   PRO   A CG   1 
ATOM   441  C CD   . PRO   A 1 74  ? 5.404   -13.131 -14.504 1.00 31.90 ? 70   PRO   A CD   1 
ATOM   442  N N    . SER   A 1 75  ? 6.812   -14.042 -10.752 1.00 26.18 ? 71   SER   A N    1 
ATOM   443  C CA   . SER   A 1 75  ? 7.813   -14.784 -9.996  1.00 28.04 ? 71   SER   A CA   1 
ATOM   444  C C    . SER   A 1 75  ? 8.315   -13.877 -8.885  1.00 25.59 ? 71   SER   A C    1 
ATOM   445  O O    . SER   A 1 75  ? 8.365   -12.656 -9.053  1.00 23.98 ? 71   SER   A O    1 
ATOM   446  C CB   . SER   A 1 75  ? 8.970   -15.204 -10.905 1.00 27.07 ? 71   SER   A CB   1 
ATOM   447  O OG   . SER   A 1 75  ? 9.922   -15.988 -10.222 1.00 31.00 ? 71   SER   A OG   1 
ATOM   448  N N    . SER   A 1 76  ? 8.712   -14.476 -7.759  1.00 26.19 ? 72   SER   A N    1 
ATOM   449  C CA   . SER   A 1 76  ? 9.324   -13.691 -6.689  1.00 28.43 ? 72   SER   A CA   1 
ATOM   450  C C    . SER   A 1 76  ? 10.346  -14.537 -5.944  1.00 25.40 ? 72   SER   A C    1 
ATOM   451  O O    . SER   A 1 76  ? 10.318  -15.768 -6.006  1.00 27.06 ? 72   SER   A O    1 
ATOM   452  C CB   . SER   A 1 76  ? 8.289   -13.170 -5.686  1.00 25.29 ? 72   SER   A CB   1 
ATOM   453  O OG   . SER   A 1 76  ? 7.782   -14.223 -4.878  1.00 22.84 ? 72   SER   A OG   1 
ATOM   454  N N    . TRP   A 1 77  ? 11.208  -13.858 -5.177  1.00 30.20 ? 73   TRP   A N    1 
ATOM   455  C CA   . TRP   A 1 77  ? 12.159  -14.546 -4.306  1.00 27.11 ? 73   TRP   A CA   1 
ATOM   456  C C    . TRP   A 1 77  ? 11.501  -15.630 -3.464  1.00 28.24 ? 73   TRP   A C    1 
ATOM   457  O O    . TRP   A 1 77  ? 12.178  -16.561 -3.019  1.00 27.76 ? 73   TRP   A O    1 
ATOM   458  C CB   . TRP   A 1 77  ? 12.853  -13.518 -3.394  1.00 28.50 ? 73   TRP   A CB   1 
ATOM   459  C CG   . TRP   A 1 77  ? 12.062  -13.155 -2.142  1.00 24.99 ? 73   TRP   A CG   1 
ATOM   460  C CD1  . TRP   A 1 77  ? 10.912  -12.422 -2.077  1.00 26.17 ? 73   TRP   A CD1  1 
ATOM   461  C CD2  . TRP   A 1 77  ? 12.372  -13.532 -0.793  1.00 25.58 ? 73   TRP   A CD2  1 
ATOM   462  N NE1  . TRP   A 1 77  ? 10.481  -12.325 -0.766  1.00 23.37 ? 73   TRP   A NE1  1 
ATOM   463  C CE2  . TRP   A 1 77  ? 11.364  -12.998 0.038   1.00 24.34 ? 73   TRP   A CE2  1 
ATOM   464  C CE3  . TRP   A 1 77  ? 13.407  -14.269 -0.209  1.00 24.45 ? 73   TRP   A CE3  1 
ATOM   465  C CZ2  . TRP   A 1 77  ? 11.362  -13.169 1.420   1.00 23.39 ? 73   TRP   A CZ2  1 
ATOM   466  C CZ3  . TRP   A 1 77  ? 13.402  -14.447 1.168   1.00 23.70 ? 73   TRP   A CZ3  1 
ATOM   467  C CH2  . TRP   A 1 77  ? 12.388  -13.895 1.967   1.00 23.21 ? 73   TRP   A CH2  1 
ATOM   468  N N    . ARG   A 1 78  ? 10.202  -15.531 -3.241  1.00 26.65 ? 74   ARG   A N    1 
ATOM   469  C CA   . ARG   A 1 78  ? 9.466   -16.379 -2.327  1.00 26.82 ? 74   ARG   A CA   1 
ATOM   470  C C    . ARG   A 1 78  ? 8.743   -17.522 -3.026  1.00 28.31 ? 74   ARG   A C    1 
ATOM   471  O O    . ARG   A 1 78  ? 8.391   -18.504 -2.366  1.00 32.08 ? 74   ARG   A O    1 
ATOM   472  C CB   . ARG   A 1 78  ? 8.465   -15.487 -1.568  1.00 33.44 ? 74   ARG   A CB   1 
ATOM   473  C CG   . ARG   A 1 78  ? 7.529   -16.134 -0.575  1.00 37.27 ? 74   ARG   A CG   1 
ATOM   474  C CD   . ARG   A 1 78  ? 6.542   -15.072 -0.073  1.00 27.85 ? 74   ARG   A CD   1 
ATOM   475  N NE   . ARG   A 1 78  ? 7.206   -13.903 0.509   1.00 26.84 ? 74   ARG   A NE   1 
ATOM   476  C CZ   . ARG   A 1 78  ? 7.840   -13.905 1.676   1.00 25.06 ? 74   ARG   A CZ   1 
ATOM   477  N NH1  . ARG   A 1 78  ? 8.018   -15.023 2.362   1.00 27.21 ? 74   ARG   A NH1  1 
ATOM   478  N NH2  . ARG   A 1 78  ? 8.292   -12.754 2.176   1.00 22.48 ? 74   ARG   A NH2  1 
ATOM   479  N N    . GLN   A 1 79  ? 8.516   -17.422 -4.335  1.00 27.74 ? 75   GLN   A N    1 
ATOM   480  C CA   . GLN   A 1 79  ? 7.713   -18.400 -5.065  1.00 28.76 ? 75   GLN   A CA   1 
ATOM   481  C C    . GLN   A 1 79  ? 8.099   -18.318 -6.532  1.00 28.98 ? 75   GLN   A C    1 
ATOM   482  O O    . GLN   A 1 79  ? 7.968   -17.255 -7.149  1.00 27.56 ? 75   GLN   A O    1 
ATOM   483  C CB   . GLN   A 1 79  ? 6.225   -18.118 -4.879  1.00 32.32 ? 75   GLN   A CB   1 
ATOM   484  C CG   . GLN   A 1 79  ? 5.323   -19.209 -5.393  1.00 31.28 ? 75   GLN   A CG   1 
ATOM   485  C CD   . GLN   A 1 79  ? 3.858   -18.892 -5.157  1.00 36.09 ? 75   GLN   A CD   1 
ATOM   486  O OE1  . GLN   A 1 79  ? 3.429   -17.740 -5.287  1.00 29.82 ? 75   GLN   A OE1  1 
ATOM   487  N NE2  . GLN   A 1 79  ? 3.084   -19.908 -4.790  1.00 36.89 ? 75   GLN   A NE2  1 
ATOM   488  N N    . GLU   A 1 80  ? 8.585   -19.430 -7.087  1.00 30.80 ? 76   GLU   A N    1 
ATOM   489  C CA   . GLU   A 1 80  ? 9.165   -19.386 -8.424  1.00 28.28 ? 76   GLU   A CA   1 
ATOM   490  C C    . GLU   A 1 80  ? 8.110   -19.098 -9.486  1.00 27.76 ? 76   GLU   A C    1 
ATOM   491  O O    . GLU   A 1 80  ? 8.369   -18.342 -10.429 1.00 27.84 ? 76   GLU   A O    1 
ATOM   492  C CB   . GLU   A 1 80  ? 9.884   -20.699 -8.726  1.00 33.12 ? 76   GLU   A CB   1 
ATOM   493  C CG   . GLU   A 1 80  ? 10.488  -20.750 -10.118 1.00 34.30 ? 76   GLU   A CG   1 
ATOM   494  C CD   . GLU   A 1 80  ? 11.350  -21.981 -10.340 1.00 37.33 ? 76   GLU   A CD   1 
ATOM   495  O OE1  . GLU   A 1 80  ? 11.152  -22.993 -9.624  1.00 36.68 ? 76   GLU   A OE1  1 
ATOM   496  O OE2  . GLU   A 1 80  ? 12.232  -21.929 -11.223 1.00 41.04 ? 76   GLU   A OE2  1 
ATOM   497  N N    . LYS   A 1 81  ? 6.922   -19.684 -9.349  1.00 31.17 ? 77   LYS   A N    1 
ATOM   498  C CA   . LYS   A 1 81  ? 5.812   -19.479 -10.279 1.00 32.17 ? 77   LYS   A CA   1 
ATOM   499  C C    . LYS   A 1 81  ? 4.607   -18.989 -9.482  1.00 29.29 ? 77   LYS   A C    1 
ATOM   500  O O    . LYS   A 1 81  ? 4.011   -19.755 -8.713  1.00 32.05 ? 77   LYS   A O    1 
ATOM   501  C CB   . LYS   A 1 81  ? 5.497   -20.769 -11.038 1.00 31.34 ? 77   LYS   A CB   1 
ATOM   502  C CG   . LYS   A 1 81  ? 4.298   -20.694 -11.995 1.00 36.08 ? 77   LYS   A CG   1 
ATOM   503  C CD   . LYS   A 1 81  ? 3.897   -22.101 -12.444 1.00 36.16 ? 77   LYS   A CD   1 
ATOM   504  C CE   . LYS   A 1 81  ? 2.711   -22.088 -13.407 1.00 38.99 ? 77   LYS   A CE   1 
ATOM   505  N NZ   . LYS   A 1 81  ? 2.963   -21.240 -14.614 1.00 39.50 ? 77   LYS   A NZ   1 
ATOM   506  N N    . ILE   A 1 82  ? 4.254   -17.720 -9.659  1.00 27.70 ? 78   ILE   A N    1 
ATOM   507  C CA   . ILE   A 1 82  ? 3.112   -17.128 -8.971  1.00 27.19 ? 78   ILE   A CA   1 
ATOM   508  C C    . ILE   A 1 82  ? 1.865   -17.397 -9.801  1.00 27.87 ? 78   ILE   A C    1 
ATOM   509  O O    . ILE   A 1 82  ? 1.747   -16.920 -10.933 1.00 31.14 ? 78   ILE   A O    1 
ATOM   510  C CB   . ILE   A 1 82  ? 3.327   -15.627 -8.736  1.00 26.93 ? 78   ILE   A CB   1 
ATOM   511  C CG1  . ILE   A 1 82  ? 4.428   -15.446 -7.679  1.00 26.36 ? 78   ILE   A CG1  1 
ATOM   512  C CG2  . ILE   A 1 82  ? 2.028   -14.946 -8.290  1.00 25.76 ? 78   ILE   A CG2  1 
ATOM   513  C CD1  . ILE   A 1 82  ? 4.958   -14.048 -7.559  1.00 26.17 ? 78   ILE   A CD1  1 
ATOM   514  N N    . THR   A 1 83  ? 0.942   -18.166 -9.237  1.00 29.02 ? 79   THR   A N    1 
ATOM   515  C CA   . THR   A 1 83  ? -0.236  -18.599 -9.968  1.00 32.30 ? 79   THR   A CA   1 
ATOM   516  C C    . THR   A 1 83  ? -1.528  -17.947 -9.495  1.00 32.87 ? 79   THR   A C    1 
ATOM   517  O O    . THR   A 1 83  ? -2.568  -18.142 -10.135 1.00 35.53 ? 79   THR   A O    1 
ATOM   518  C CB   . THR   A 1 83  ? -0.376  -20.123 -9.878  1.00 33.49 ? 79   THR   A CB   1 
ATOM   519  O OG1  . THR   A 1 83  ? -0.480  -20.515 -8.506  1.00 39.22 ? 79   THR   A OG1  1 
ATOM   520  C CG2  . THR   A 1 83  ? 0.836   -20.801 -10.494 1.00 35.83 ? 79   THR   A CG2  1 
ATOM   521  N N    . ARG   A 1 84  ? -1.501  -17.182 -8.406  1.00 31.29 ? 80   ARG   A N    1 
ATOM   522  C CA   . ARG   A 1 84  ? -2.742  -16.621 -7.887  1.00 28.30 ? 80   ARG   A CA   1 
ATOM   523  C C    . ARG   A 1 84  ? -3.303  -15.569 -8.838  1.00 30.14 ? 80   ARG   A C    1 
ATOM   524  O O    . ARG   A 1 84  ? -2.565  -14.871 -9.544  1.00 24.62 ? 80   ARG   A O    1 
ATOM   525  C CB   . ARG   A 1 84  ? -2.519  -16.028 -6.488  1.00 26.90 ? 80   ARG   A CB   1 
ATOM   526  C CG   . ARG   A 1 84  ? -1.719  -14.730 -6.459  1.00 26.62 ? 80   ARG   A CG   1 
ATOM   527  C CD   . ARG   A 1 84  ? -1.614  -14.192 -5.021  1.00 22.56 ? 80   ARG   A CD   1 
ATOM   528  N NE   . ARG   A 1 84  ? -0.794  -15.040 -4.157  1.00 26.92 ? 80   ARG   A NE   1 
ATOM   529  C CZ   . ARG   A 1 84  ? 0.511   -14.876 -3.969  1.00 23.95 ? 80   ARG   A CZ   1 
ATOM   530  N NH1  . ARG   A 1 84  ? 1.191   -13.931 -4.608  1.00 21.83 ? 80   ARG   A NH1  1 
ATOM   531  N NH2  . ARG   A 1 84  ? 1.149   -15.675 -3.112  1.00 25.08 ? 80   ARG   A NH2  1 
ATOM   532  N N    . THR   A 1 85  ? -4.633  -15.472 -8.868  1.00 26.60 ? 81   THR   A N    1 
ATOM   533  C CA   . THR   A 1 85  ? -5.278  -14.471 -9.698  1.00 30.21 ? 81   THR   A CA   1 
ATOM   534  C C    . THR   A 1 85  ? -5.142  -13.086 -9.078  1.00 26.48 ? 81   THR   A C    1 
ATOM   535  O O    . THR   A 1 85  ? -4.892  -12.929 -7.877  1.00 25.85 ? 81   THR   A O    1 
ATOM   536  C CB   . THR   A 1 85  ? -6.762  -14.792 -9.900  1.00 28.23 ? 81   THR   A CB   1 
ATOM   537  O OG1  . THR   A 1 85  ? -7.466  -14.666 -8.652  1.00 28.43 ? 81   THR   A OG1  1 
ATOM   538  C CG2  . THR   A 1 85  ? -6.919  -16.203 -10.423 1.00 32.83 ? 81   THR   A CG2  1 
ATOM   539  N N    . LYS   A 1 86  ? -5.307  -12.073 -9.926  1.00 25.43 ? 82   LYS   A N    1 
ATOM   540  C CA   . LYS   A 1 86  ? -5.335  -10.698 -9.439  1.00 25.42 ? 82   LYS   A CA   1 
ATOM   541  C C    . LYS   A 1 86  ? -6.411  -10.512 -8.374  1.00 29.07 ? 82   LYS   A C    1 
ATOM   542  O O    . LYS   A 1 86  ? -6.222  -9.761  -7.408  1.00 24.86 ? 82   LYS   A O    1 
ATOM   543  C CB   . LYS   A 1 86  ? -5.545  -9.737  -10.609 1.00 28.07 ? 82   LYS   A CB   1 
ATOM   544  C CG   . LYS   A 1 86  ? -5.595  -8.264  -10.207 1.00 32.26 ? 82   LYS   A CG   1 
ATOM   545  C CD   . LYS   A 1 86  ? -6.189  -7.365  -11.310 1.00 41.73 ? 82   LYS   A CD   1 
ATOM   546  C CE   . LYS   A 1 86  ? -5.129  -6.817  -12.272 1.00 45.27 ? 82   LYS   A CE   1 
ATOM   547  N NZ   . LYS   A 1 86  ? -5.603  -5.597  -13.021 1.00 38.94 ? 82   LYS   A NZ   1 
ATOM   548  N N    . GLU   A 1 87  ? -7.551  -11.191 -8.529  1.00 27.64 ? 83   GLU   A N    1 
ATOM   549  C CA   . GLU   A 1 87  ? -8.615  -11.078 -7.540  1.00 27.31 ? 83   GLU   A CA   1 
ATOM   550  C C    . GLU   A 1 87  ? -8.210  -11.723 -6.219  1.00 27.23 ? 83   GLU   A C    1 
ATOM   551  O O    . GLU   A 1 87  ? -8.524  -11.202 -5.137  1.00 25.54 ? 83   GLU   A O    1 
ATOM   552  C CB   . GLU   A 1 87  ? -9.889  -11.710 -8.103  1.00 28.26 ? 83   GLU   A CB   1 
ATOM   553  C CG   . GLU   A 1 87  ? -10.446 -10.982 -9.349  1.00 33.17 ? 83   GLU   A CG   1 
ATOM   554  C CD   . GLU   A 1 87  ? -9.625  -11.186 -10.636 1.00 35.79 ? 83   GLU   A CD   1 
ATOM   555  O OE1  . GLU   A 1 87  ? -8.889  -12.199 -10.759 1.00 31.31 ? 83   GLU   A OE1  1 
ATOM   556  O OE2  . GLU   A 1 87  ? -9.730  -10.323 -11.540 1.00 40.86 ? 83   GLU   A OE2  1 
ATOM   557  N N    . GLU   A 1 88  ? -7.514  -12.862 -6.288  1.00 26.00 ? 84   GLU   A N    1 
ATOM   558  C CA   . GLU   A 1 88  ? -6.990  -13.504 -5.087  1.00 27.08 ? 84   GLU   A CA   1 
ATOM   559  C C    . GLU   A 1 88  ? -5.927  -12.644 -4.410  1.00 23.72 ? 84   GLU   A C    1 
ATOM   560  O O    . GLU   A 1 88  ? -5.843  -12.606 -3.177  1.00 22.00 ? 84   GLU   A O    1 
ATOM   561  C CB   . GLU   A 1 88  ? -6.414  -14.878 -5.446  1.00 27.80 ? 84   GLU   A CB   1 
ATOM   562  C CG   . GLU   A 1 88  ? -7.466  -15.971 -5.599  1.00 31.12 ? 84   GLU   A CG   1 
ATOM   563  C CD   . GLU   A 1 88  ? -6.959  -17.213 -6.325  1.00 35.50 ? 84   GLU   A CD   1 
ATOM   564  O OE1  . GLU   A 1 88  ? -5.855  -17.173 -6.915  1.00 33.09 ? 84   GLU   A OE1  1 
ATOM   565  O OE2  . GLU   A 1 88  ? -7.687  -18.234 -6.303  1.00 36.63 ? 84   GLU   A OE2  1 
ATOM   566  N N    . ALA   A 1 89  ? -5.102  -11.957 -5.199  1.00 22.11 ? 85   ALA   A N    1 
ATOM   567  C CA   . ALA   A 1 89  ? -4.079  -11.097 -4.611  1.00 21.71 ? 85   ALA   A CA   1 
ATOM   568  C C    . ALA   A 1 89  ? -4.710  -9.919  -3.885  1.00 22.09 ? 85   ALA   A C    1 
ATOM   569  O O    . ALA   A 1 89  ? -4.239  -9.519  -2.812  1.00 21.70 ? 85   ALA   A O    1 
ATOM   570  C CB   . ALA   A 1 89  ? -3.118  -10.615 -5.696  1.00 21.67 ? 85   ALA   A CB   1 
ATOM   571  N N    . LEU   A 1 90  ? -5.783  -9.355  -4.445  1.00 22.10 ? 86   LEU   A N    1 
ATOM   572  C CA   . LEU   A 1 90  ? -6.443  -8.241  -3.771  1.00 18.87 ? 86   LEU   A CA   1 
ATOM   573  C C    . LEU   A 1 90  ? -7.072  -8.696  -2.460  1.00 21.57 ? 86   LEU   A C    1 
ATOM   574  O O    . LEU   A 1 90  ? -7.063  -7.953  -1.474  1.00 20.88 ? 86   LEU   A O    1 
ATOM   575  C CB   . LEU   A 1 90  ? -7.496  -7.616  -4.692  1.00 19.14 ? 86   LEU   A CB   1 
ATOM   576  C CG   . LEU   A 1 90  ? -8.249  -6.405  -4.148  1.00 20.22 ? 86   LEU   A CG   1 
ATOM   577  C CD1  . LEU   A 1 90  ? -7.277  -5.299  -3.733  1.00 18.30 ? 86   LEU   A CD1  1 
ATOM   578  C CD2  . LEU   A 1 90  ? -9.230  -5.874  -5.173  1.00 22.97 ? 86   LEU   A CD2  1 
ATOM   579  N N    . GLU   A 1 91  ? -7.648  -9.906  -2.430  1.00 20.55 ? 87   GLU   A N    1 
ATOM   580  C CA   . GLU   A 1 91  ? -8.216  -10.410 -1.180  1.00 26.15 ? 87   GLU   A CA   1 
ATOM   581  C C    . GLU   A 1 91  ? -7.138  -10.599 -0.120  1.00 24.75 ? 87   GLU   A C    1 
ATOM   582  O O    . GLU   A 1 91  ? -7.356  -10.294 1.065   1.00 21.09 ? 87   GLU   A O    1 
ATOM   583  C CB   . GLU   A 1 91  ? -8.981  -11.711 -1.432  1.00 29.92 ? 87   GLU   A CB   1 
ATOM   584  C CG   . GLU   A 1 91  ? -10.186 -11.496 -2.354  1.00 37.42 ? 87   GLU   A CG   1 
ATOM   585  C CD   . GLU   A 1 91  ? -10.903 -12.785 -2.759  1.00 47.19 ? 87   GLU   A CD   1 
ATOM   586  O OE1  . GLU   A 1 91  ? -10.431 -13.884 -2.391  1.00 46.78 ? 87   GLU   A OE1  1 
ATOM   587  O OE2  . GLU   A 1 91  ? -11.945 -12.691 -3.456  1.00 49.37 ? 87   GLU   A OE2  1 
ATOM   588  N N    . LEU   A 1 92  ? -5.967  -11.097 -0.523  1.00 22.02 ? 88   LEU   A N    1 
ATOM   589  C CA   . LEU   A 1 92  ? -4.858  -11.221 0.418   1.00 22.32 ? 88   LEU   A CA   1 
ATOM   590  C C    . LEU   A 1 92  ? -4.451  -9.863  0.961   1.00 19.75 ? 88   LEU   A C    1 
ATOM   591  O O    . LEU   A 1 92  ? -4.280  -9.695  2.177   1.00 18.29 ? 88   LEU   A O    1 
ATOM   592  C CB   . LEU   A 1 92  ? -3.664  -11.901 -0.254  1.00 22.40 ? 88   LEU   A CB   1 
ATOM   593  C CG   . LEU   A 1 92  ? -3.759  -13.415 -0.437  1.00 27.83 ? 88   LEU   A CG   1 
ATOM   594  C CD1  . LEU   A 1 92  ? -2.663  -13.902 -1.381  1.00 25.80 ? 88   LEU   A CD1  1 
ATOM   595  C CD2  . LEU   A 1 92  ? -3.658  -14.113 0.904   1.00 25.46 ? 88   LEU   A CD2  1 
ATOM   596  N N    . ILE   A 1 93  ? -4.262  -8.885  0.064   1.00 17.75 ? 89   ILE   A N    1 
ATOM   597  C CA   . ILE   A 1 93  ? -3.878  -7.532  0.468   1.00 17.10 ? 89   ILE   A CA   1 
ATOM   598  C C    . ILE   A 1 93  ? -4.897  -6.966  1.445   1.00 19.91 ? 89   ILE   A C    1 
ATOM   599  O O    . ILE   A 1 93  ? -4.545  -6.362  2.464   1.00 18.21 ? 89   ILE   A O    1 
ATOM   600  C CB   . ILE   A 1 93  ? -3.732  -6.623  -0.773  1.00 18.12 ? 89   ILE   A CB   1 
ATOM   601  C CG1  . ILE   A 1 93  ? -2.430  -6.901  -1.526  1.00 20.73 ? 89   ILE   A CG1  1 
ATOM   602  C CG2  . ILE   A 1 93  ? -3.918  -5.134  -0.421  1.00 17.61 ? 89   ILE   A CG2  1 
ATOM   603  C CD1  . ILE   A 1 93  ? -1.211  -6.179  -0.955  1.00 16.54 ? 89   ILE   A CD1  1 
ATOM   604  N N    . ASN   A 1 94  ? -6.184  -7.133  1.135   1.00 18.00 ? 90   ASN   A N    1 
ATOM   605  C CA   . ASN   A 1 94  ? -7.212  -6.560  1.992   1.00 19.83 ? 90   ASN   A CA   1 
ATOM   606  C C    . ASN   A 1 94  ? -7.211  -7.210  3.367   1.00 19.46 ? 90   ASN   A C    1 
ATOM   607  O O    . ASN   A 1 94  ? -7.479  -6.543  4.374   1.00 17.91 ? 90   ASN   A O    1 
ATOM   608  C CB   . ASN   A 1 94  ? -8.568  -6.687  1.306   1.00 22.15 ? 90   ASN   A CB   1 
ATOM   609  C CG   . ASN   A 1 94  ? -8.754  -5.637  0.232   1.00 23.65 ? 90   ASN   A CG   1 
ATOM   610  O OD1  . ASN   A 1 94  ? -8.170  -4.548  0.317   1.00 25.87 ? 90   ASN   A OD1  1 
ATOM   611  N ND2  . ASN   A 1 94  ? -9.557  -5.949  -0.788  1.00 25.38 ? 90   ASN   A ND2  1 
ATOM   612  N N    . GLY   A 1 95  ? -6.868  -8.493  3.436   1.00 18.74 ? 91   GLY   A N    1 
ATOM   613  C CA   . GLY   A 1 95  ? -6.714  -9.136  4.726   1.00 19.45 ? 91   GLY   A CA   1 
ATOM   614  C C    . GLY   A 1 95  ? -5.526  -8.607  5.502   1.00 20.48 ? 91   GLY   A C    1 
ATOM   615  O O    . GLY   A 1 95  ? -5.604  -8.427  6.720   1.00 18.59 ? 91   GLY   A O    1 
ATOM   616  N N    . TYR   A 1 96  ? -4.405  -8.351  4.814   1.00 17.60 ? 92   TYR   A N    1 
ATOM   617  C CA   . TYR   A 1 96  ? -3.252  -7.806  5.527   1.00 15.66 ? 92   TYR   A CA   1 
ATOM   618  C C    . TYR   A 1 96  ? -3.549  -6.403  6.034   1.00 14.76 ? 92   TYR   A C    1 
ATOM   619  O O    . TYR   A 1 96  ? -3.144  -6.043  7.145   1.00 15.05 ? 92   TYR   A O    1 
ATOM   620  C CB   . TYR   A 1 96  ? -2.003  -7.783  4.640   1.00 16.48 ? 92   TYR   A CB   1 
ATOM   621  C CG   . TYR   A 1 96  ? -1.584  -9.130  4.104   1.00 18.80 ? 92   TYR   A CG   1 
ATOM   622  C CD1  . TYR   A 1 96  ? -1.780  -10.298 4.841   1.00 21.37 ? 92   TYR   A CD1  1 
ATOM   623  C CD2  . TYR   A 1 96  ? -0.970  -9.235  2.858   1.00 17.23 ? 92   TYR   A CD2  1 
ATOM   624  C CE1  . TYR   A 1 96  ? -1.382  -11.530 4.337   1.00 21.43 ? 92   TYR   A CE1  1 
ATOM   625  C CE2  . TYR   A 1 96  ? -0.572  -10.467 2.355   1.00 16.91 ? 92   TYR   A CE2  1 
ATOM   626  C CZ   . TYR   A 1 96  ? -0.791  -11.599 3.085   1.00 22.67 ? 92   TYR   A CZ   1 
ATOM   627  O OH   . TYR   A 1 96  ? -0.396  -12.813 2.565   1.00 25.04 ? 92   TYR   A OH   1 
ATOM   628  N N    . ILE   A 1 97  ? -4.262  -5.607  5.236   1.00 16.73 ? 93   ILE   A N    1 
ATOM   629  C CA   . ILE   A 1 97  ? -4.635  -4.263  5.667   1.00 15.17 ? 93   ILE   A CA   1 
ATOM   630  C C    . ILE   A 1 97  ? -5.503  -4.332  6.918   1.00 16.05 ? 93   ILE   A C    1 
ATOM   631  O O    . ILE   A 1 97  ? -5.289  -3.590  7.887   1.00 15.45 ? 93   ILE   A O    1 
ATOM   632  C CB   . ILE   A 1 97  ? -5.338  -3.512  4.525   1.00 14.08 ? 93   ILE   A CB   1 
ATOM   633  C CG1  . ILE   A 1 97  ? -4.318  -3.143  3.441   1.00 17.05 ? 93   ILE   A CG1  1 
ATOM   634  C CG2  . ILE   A 1 97  ? -5.999  -2.252  5.049   1.00 16.60 ? 93   ILE   A CG2  1 
ATOM   635  C CD1  . ILE   A 1 97  ? -4.971  -2.524  2.199   1.00 16.89 ? 93   ILE   A CD1  1 
ATOM   636  N N    . GLN   A 1 98  ? -6.504  -5.218  6.917   1.00 16.59 ? 94   GLN   A N    1 
ATOM   637  C CA   . GLN   A 1 98  ? -7.344  -5.352  8.107   1.00 16.03 ? 94   GLN   A CA   1 
ATOM   638  C C    . GLN   A 1 98  ? -6.514  -5.684  9.335   1.00 19.51 ? 94   GLN   A C    1 
ATOM   639  O O    . GLN   A 1 98  ? -6.707  -5.094  10.405  1.00 17.92 ? 94   GLN   A O    1 
ATOM   640  C CB   . GLN   A 1 98  ? -8.410  -6.419  7.893   1.00 19.54 ? 94   GLN   A CB   1 
ATOM   641  C CG   . GLN   A 1 98  ? -9.478  -5.979  6.952   1.00 23.00 ? 94   GLN   A CG   1 
ATOM   642  C CD   . GLN   A 1 98  ? -10.616 -6.956  6.907   1.00 29.64 ? 94   GLN   A CD   1 
ATOM   643  O OE1  . GLN   A 1 98  ? -10.435 -8.145  7.177   1.00 34.10 ? 94   GLN   A OE1  1 
ATOM   644  N NE2  . GLN   A 1 98  ? -11.806 -6.464  6.573   1.00 31.16 ? 94   GLN   A NE2  1 
ATOM   645  N N    . LYS   A 1 99  ? -5.580  -6.626  9.202   1.00 18.78 ? 95   LYS   A N    1 
ATOM   646  C CA   . LYS   A 1 99  ? -4.798  -7.030  10.358  1.00 18.55 ? 95   LYS   A CA   1 
ATOM   647  C C    . LYS   A 1 99  ? -3.894  -5.910  10.836  1.00 19.18 ? 95   LYS   A C    1 
ATOM   648  O O    . LYS   A 1 99  ? -3.740  -5.714  12.041  1.00 18.98 ? 95   LYS   A O    1 
ATOM   649  C CB   . LYS   A 1 99  ? -3.982  -8.279  10.038  1.00 22.05 ? 95   LYS   A CB   1 
ATOM   650  C CG   . LYS   A 1 99  ? -4.842  -9.539  10.018  1.00 31.14 ? 95   LYS   A CG   1 
ATOM   651  C CD   . LYS   A 1 99  ? -4.060  -10.787 10.388  1.00 40.16 ? 95   LYS   A CD   1 
ATOM   652  C CE   . LYS   A 1 99  ? -5.002  -11.966 10.586  1.00 44.02 ? 95   LYS   A CE   1 
ATOM   653  N NZ   . LYS   A 1 99  ? -4.269  -13.257 10.635  1.00 52.43 ? 95   LYS   A NZ   1 
ATOM   654  N N    . ILE   A 1 100 ? -3.285  -5.160  9.911   1.00 17.23 ? 96   ILE   A N    1 
ATOM   655  C CA   . ILE   A 1 100 ? -2.423  -4.057  10.328  1.00 14.53 ? 96   ILE   A CA   1 
ATOM   656  C C    . ILE   A 1 100 ? -3.247  -2.936  10.963  1.00 15.96 ? 96   ILE   A C    1 
ATOM   657  O O    . ILE   A 1 100 ? -2.851  -2.361  11.982  1.00 18.62 ? 96   ILE   A O    1 
ATOM   658  C CB   . ILE   A 1 100 ? -1.585  -3.557  9.130   1.00 14.94 ? 96   ILE   A CB   1 
ATOM   659  C CG1  . ILE   A 1 100 ? -0.620  -4.659  8.662   1.00 16.79 ? 96   ILE   A CG1  1 
ATOM   660  C CG2  . ILE   A 1 100 ? -0.801  -2.316  9.499   1.00 16.35 ? 96   ILE   A CG2  1 
ATOM   661  C CD1  . ILE   A 1 100 ? -0.112  -4.450  7.208   1.00 16.65 ? 96   ILE   A CD1  1 
ATOM   662  N N    . LYS   A 1 101 ? -4.388  -2.588  10.361  1.00 15.62 ? 97   LYS   A N    1 
ATOM   663  C CA   . LYS   A 1 101 ? -5.195  -1.502  10.923  1.00 16.03 ? 97   LYS   A CA   1 
ATOM   664  C C    . LYS   A 1 101 ? -5.774  -1.873  12.277  1.00 19.95 ? 97   LYS   A C    1 
ATOM   665  O O    . LYS   A 1 101 ? -5.972  -0.999  13.135  1.00 19.25 ? 97   LYS   A O    1 
ATOM   666  C CB   . LYS   A 1 101 ? -6.326  -1.132  9.969   1.00 20.54 ? 97   LYS   A CB   1 
ATOM   667  C CG   . LYS   A 1 101 ? -5.919  -0.295  8.786   1.00 19.02 ? 97   LYS   A CG   1 
ATOM   668  C CD   . LYS   A 1 101 ? -7.200  0.153   8.124   1.00 24.87 ? 97   LYS   A CD   1 
ATOM   669  C CE   . LYS   A 1 101 ? -7.000  1.317   7.185   1.00 26.85 ? 97   LYS   A CE   1 
ATOM   670  N NZ   . LYS   A 1 101 ? -8.354  1.804   6.745   1.00 23.67 ? 97   LYS   A NZ   1 
ATOM   671  N N    . SER   A 1 102 ? -6.053  -3.156  12.479  1.00 17.25 ? 98   SER   A N    1 
ATOM   672  C CA   . SER   A 1 102 ? -6.591  -3.617  13.749  1.00 17.98 ? 98   SER   A CA   1 
ATOM   673  C C    . SER   A 1 102 ? -5.593  -3.447  14.881  1.00 22.73 ? 98   SER   A C    1 
ATOM   674  O O    . SER   A 1 102 ? -5.996  -3.439  16.049  1.00 25.27 ? 98   SER   A O    1 
ATOM   675  C CB   . SER   A 1 102 ? -7.004  -5.080  13.630  1.00 21.04 ? 98   SER   A CB   1 
ATOM   676  O OG   . SER   A 1 102 ? -5.870  -5.933  13.761  1.00 21.27 ? 98   SER   A OG   1 
ATOM   677  N N    . GLY   A 1 103 ? -4.300  -3.300  14.562  1.00 21.86 ? 99   GLY   A N    1 
ATOM   678  C CA   . GLY   A 1 103 ? -3.254  -3.278  15.557  1.00 21.88 ? 99   GLY   A CA   1 
ATOM   679  C C    . GLY   A 1 103 ? -2.717  -4.641  15.934  1.00 24.27 ? 99   GLY   A C    1 
ATOM   680  O O    . GLY   A 1 103 ? -1.712  -4.725  16.658  1.00 25.96 ? 99   GLY   A O    1 
ATOM   681  N N    . GLU   A 1 104 ? -3.347  -5.709  15.451  1.00 23.24 ? 100  GLU   A N    1 
ATOM   682  C CA   . GLU   A 1 104 ? -2.950  -7.062  15.814  1.00 25.78 ? 100  GLU   A CA   1 
ATOM   683  C C    . GLU   A 1 104 ? -1.577  -7.427  15.259  1.00 28.53 ? 100  GLU   A C    1 
ATOM   684  O O    . GLU   A 1 104 ? -0.846  -8.202  15.883  1.00 28.30 ? 100  GLU   A O    1 
ATOM   685  C CB   . GLU   A 1 104 ? -4.003  -8.037  15.310  1.00 29.16 ? 100  GLU   A CB   1 
ATOM   686  C CG   . GLU   A 1 104 ? -3.750  -9.482  15.659  1.00 39.24 ? 100  GLU   A CG   1 
ATOM   687  C CD   . GLU   A 1 104 ? -4.794  -10.398 15.052  1.00 48.42 ? 100  GLU   A CD   1 
ATOM   688  O OE1  . GLU   A 1 104 ? -5.792  -9.880  14.503  1.00 46.05 ? 100  GLU   A OE1  1 
ATOM   689  O OE2  . GLU   A 1 104 ? -4.615  -11.634 15.118  1.00 59.38 ? 100  GLU   A OE2  1 
ATOM   690  N N    . GLU   A 1 105 ? -1.217  -6.893  14.095  1.00 25.27 ? 101  GLU   A N    1 
ATOM   691  C CA   . GLU   A 1 105 ? 0.069   -7.159  13.458  1.00 23.02 ? 101  GLU   A CA   1 
ATOM   692  C C    . GLU   A 1 105 ? 0.667   -5.840  12.997  1.00 22.32 ? 101  GLU   A C    1 
ATOM   693  O O    . GLU   A 1 105 ? -0.053  -4.970  12.497  1.00 21.76 ? 101  GLU   A O    1 
ATOM   694  C CB   . GLU   A 1 105 ? -0.076  -8.098  12.245  1.00 29.60 ? 101  GLU   A CB   1 
ATOM   695  C CG   . GLU   A 1 105 ? -0.498  -9.520  12.562  1.00 33.33 ? 101  GLU   A CG   1 
ATOM   696  C CD   . GLU   A 1 105 ? 0.687   -10.433 12.803  1.00 38.10 ? 101  GLU   A CD   1 
ATOM   697  O OE1  . GLU   A 1 105 ? 1.739   -9.949  13.276  1.00 37.73 ? 101  GLU   A OE1  1 
ATOM   698  O OE2  . GLU   A 1 105 ? 0.572   -11.636 12.499  1.00 45.56 ? 101  GLU   A OE2  1 
ATOM   699  N N    . ASP   A 1 106 ? 1.981   -5.697  13.165  1.00 18.51 ? 102  ASP   A N    1 
ATOM   700  C CA   . ASP   A 1 106 ? 2.717   -4.573  12.597  1.00 21.22 ? 102  ASP   A CA   1 
ATOM   701  C C    . ASP   A 1 106 ? 2.871   -4.755  11.093  1.00 16.87 ? 102  ASP   A C    1 
ATOM   702  O O    . ASP   A 1 106 ? 3.011   -5.875  10.596  1.00 20.79 ? 102  ASP   A O    1 
ATOM   703  C CB   . ASP   A 1 106 ? 4.127   -4.467  13.198  1.00 22.10 ? 102  ASP   A CB   1 
ATOM   704  C CG   . ASP   A 1 106 ? 4.136   -4.099  14.671  1.00 32.20 ? 102  ASP   A CG   1 
ATOM   705  O OD1  . ASP   A 1 106 ? 3.209   -3.398  15.150  1.00 31.65 ? 102  ASP   A OD1  1 
ATOM   706  O OD2  . ASP   A 1 106 ? 5.118   -4.503  15.344  1.00 31.45 ? 102  ASP   A OD2  1 
ATOM   707  N N    . PHE   A 1 107 ? 2.861   -3.635  10.368  1.00 16.03 ? 103  PHE   A N    1 
ATOM   708  C CA   . PHE   A 1 107 ? 3.202   -3.658  8.949   1.00 17.77 ? 103  PHE   A CA   1 
ATOM   709  C C    . PHE   A 1 107 ? 4.476   -4.454  8.695   1.00 17.68 ? 103  PHE   A C    1 
ATOM   710  O O    . PHE   A 1 107 ? 4.523   -5.318  7.814   1.00 18.49 ? 103  PHE   A O    1 
ATOM   711  C CB   . PHE   A 1 107 ? 3.360   -2.230  8.431   1.00 16.83 ? 103  PHE   A CB   1 
ATOM   712  C CG   . PHE   A 1 107 ? 3.822   -2.163  7.001   1.00 18.41 ? 103  PHE   A CG   1 
ATOM   713  C CD1  . PHE   A 1 107 ? 5.180   -2.186  6.704   1.00 22.29 ? 103  PHE   A CD1  1 
ATOM   714  C CD2  . PHE   A 1 107 ? 2.910   -2.133  5.974   1.00 21.78 ? 103  PHE   A CD2  1 
ATOM   715  C CE1  . PHE   A 1 107 ? 5.615   -2.147  5.395   1.00 22.53 ? 103  PHE   A CE1  1 
ATOM   716  C CE2  . PHE   A 1 107 ? 3.336   -2.089  4.658   1.00 20.98 ? 103  PHE   A CE2  1 
ATOM   717  C CZ   . PHE   A 1 107 ? 4.694   -2.103  4.377   1.00 20.21 ? 103  PHE   A CZ   1 
ATOM   718  N N    . GLU   A 1 108 ? 5.533   -4.160  9.454   1.00 17.66 ? 104  GLU   A N    1 
ATOM   719  C CA   . GLU   A 1 108 ? 6.814   -4.830  9.235   1.00 17.73 ? 104  GLU   A CA   1 
ATOM   720  C C    . GLU   A 1 108 ? 6.682   -6.342  9.300   1.00 19.35 ? 104  GLU   A C    1 
ATOM   721  O O    . GLU   A 1 108 ? 7.378   -7.063  8.574   1.00 21.08 ? 104  GLU   A O    1 
ATOM   722  C CB   . GLU   A 1 108 ? 7.820   -4.365  10.282  1.00 17.71 ? 104  GLU   A CB   1 
ATOM   723  C CG   . GLU   A 1 108 ? 8.230   -2.918  10.161  1.00 23.84 ? 104  GLU   A CG   1 
ATOM   724  C CD   . GLU   A 1 108 ? 7.338   -1.979  10.953  1.00 26.48 ? 104  GLU   A CD   1 
ATOM   725  O OE1  . GLU   A 1 108 ? 6.190   -2.360  11.292  1.00 22.20 ? 104  GLU   A OE1  1 
ATOM   726  O OE2  . GLU   A 1 108 ? 7.787   -0.852  11.219  1.00 26.38 ? 104  GLU   A OE2  1 
ATOM   727  N N    . SER   A 1 109 ? 5.850   -6.839  10.219  1.00 18.88 ? 105  SER   A N    1 
ATOM   728  C CA   . SER   A 1 109 ? 5.725   -8.273  10.418  1.00 17.96 ? 105  SER   A CA   1 
ATOM   729  C C    . SER   A 1 109 ? 5.108   -8.937  9.193   1.00 21.00 ? 105  SER   A C    1 
ATOM   730  O O    . SER   A 1 109 ? 5.562   -10.002 8.757   1.00 19.19 ? 105  SER   A O    1 
ATOM   731  C CB   . SER   A 1 109 ? 4.894   -8.536  11.669  1.00 25.47 ? 105  SER   A CB   1 
ATOM   732  O OG   . SER   A 1 109 ? 4.621   -9.910  11.806  1.00 35.73 ? 105  SER   A OG   1 
ATOM   733  N N    . LEU   A 1 110 ? 4.087   -8.317  8.614   1.00 17.44 ? 106  LEU   A N    1 
ATOM   734  C CA   . LEU   A 1 110 ? 3.488   -8.897  7.416   1.00 16.38 ? 106  LEU   A CA   1 
ATOM   735  C C    . LEU   A 1 110 ? 4.336   -8.660  6.169   1.00 18.48 ? 106  LEU   A C    1 
ATOM   736  O O    . LEU   A 1 110 ? 4.363   -9.519  5.275   1.00 18.37 ? 106  LEU   A O    1 
ATOM   737  C CB   . LEU   A 1 110 ? 2.075   -8.352  7.216   1.00 17.81 ? 106  LEU   A CB   1 
ATOM   738  C CG   . LEU   A 1 110 ? 1.069   -8.649  8.337   1.00 21.33 ? 106  LEU   A CG   1 
ATOM   739  C CD1  . LEU   A 1 110 ? -0.341  -8.271  7.912   1.00 17.16 ? 106  LEU   A CD1  1 
ATOM   740  C CD2  . LEU   A 1 110 ? 1.112   -10.098 8.743   1.00 21.01 ? 106  LEU   A CD2  1 
ATOM   741  N N    . ALA   A 1 111 ? 5.018   -7.519  6.062   1.00 14.98 ? 107  ALA   A N    1 
ATOM   742  C CA   . ALA   A 1 111 ? 5.928   -7.335  4.936   1.00 14.22 ? 107  ALA   A CA   1 
ATOM   743  C C    . ALA   A 1 111 ? 7.013   -8.417  4.945   1.00 18.86 ? 107  ALA   A C    1 
ATOM   744  O O    . ALA   A 1 111 ? 7.252   -9.093  3.930   1.00 17.10 ? 107  ALA   A O    1 
ATOM   745  C CB   . ALA   A 1 111 ? 6.531   -5.926  4.961   1.00 16.66 ? 107  ALA   A CB   1 
ATOM   746  N N    . SER   A 1 112 ? 7.641   -8.643  6.101   1.00 16.66 ? 108  SER   A N    1 
ATOM   747  C CA   . SER   A 1 112 ? 8.686   -9.665  6.169   1.00 19.17 ? 108  SER   A CA   1 
ATOM   748  C C    . SER   A 1 112 ? 8.157   -11.034 5.771   1.00 19.27 ? 108  SER   A C    1 
ATOM   749  O O    . SER   A 1 112 ? 8.824   -11.782 5.047   1.00 20.09 ? 108  SER   A O    1 
ATOM   750  C CB   . SER   A 1 112 ? 9.278   -9.753  7.577   1.00 18.97 ? 108  SER   A CB   1 
ATOM   751  O OG   . SER   A 1 112 ? 9.822   -8.515  7.984   1.00 21.75 ? 108  SER   A OG   1 
ATOM   752  N N    . GLN   A 1 113 ? 6.965   -11.388 6.241   1.00 20.45 ? 109  GLN   A N    1 
ATOM   753  C CA   . GLN   A 1 113 ? 6.475   -12.751 6.059   1.00 22.98 ? 109  GLN   A CA   1 
ATOM   754  C C    . GLN   A 1 113 ? 5.859   -12.999 4.689   1.00 22.78 ? 109  GLN   A C    1 
ATOM   755  O O    . GLN   A 1 113 ? 5.876   -14.142 4.222   1.00 23.70 ? 109  GLN   A O    1 
ATOM   756  C CB   . GLN   A 1 113 ? 5.441   -13.082 7.129   1.00 22.65 ? 109  GLN   A CB   1 
ATOM   757  C CG   . GLN   A 1 113 ? 6.027   -13.156 8.534   1.00 25.32 ? 109  GLN   A CG   1 
ATOM   758  C CD   . GLN   A 1 113 ? 4.969   -13.397 9.586   1.00 32.28 ? 109  GLN   A CD   1 
ATOM   759  O OE1  . GLN   A 1 113 ? 4.614   -12.489 10.337  1.00 37.72 ? 109  GLN   A OE1  1 
ATOM   760  N NE2  . GLN   A 1 113 ? 4.466   -14.624 9.657   1.00 29.74 ? 109  GLN   A NE2  1 
ATOM   761  N N    . PHE   A 1 114 ? 5.292   -11.979 4.040   1.00 20.79 ? 110  PHE   A N    1 
ATOM   762  C CA   . PHE   A 1 114 ? 4.436   -12.233 2.879   1.00 21.28 ? 110  PHE   A CA   1 
ATOM   763  C C    . PHE   A 1 114 ? 4.738   -11.419 1.629   1.00 20.47 ? 110  PHE   A C    1 
ATOM   764  O O    . PHE   A 1 114 ? 4.198   -11.750 0.563   1.00 22.70 ? 110  PHE   A O    1 
ATOM   765  C CB   . PHE   A 1 114 ? 2.963   -12.016 3.257   1.00 22.35 ? 110  PHE   A CB   1 
ATOM   766  C CG   . PHE   A 1 114 ? 2.505   -12.897 4.370   1.00 23.05 ? 110  PHE   A CG   1 
ATOM   767  C CD1  . PHE   A 1 114 ? 2.437   -14.269 4.200   1.00 24.68 ? 110  PHE   A CD1  1 
ATOM   768  C CD2  . PHE   A 1 114 ? 2.163   -12.356 5.603   1.00 25.21 ? 110  PHE   A CD2  1 
ATOM   769  C CE1  . PHE   A 1 114 ? 2.030   -15.088 5.245   1.00 29.40 ? 110  PHE   A CE1  1 
ATOM   770  C CE2  . PHE   A 1 114 ? 1.756   -13.163 6.646   1.00 26.58 ? 110  PHE   A CE2  1 
ATOM   771  C CZ   . PHE   A 1 114 ? 1.684   -14.533 6.469   1.00 29.80 ? 110  PHE   A CZ   1 
ATOM   772  N N    . SER   A 1 115 ? 5.565   -10.384 1.697   1.00 17.47 ? 111  SER   A N    1 
ATOM   773  C CA   . SER   A 1 115 ? 5.810   -9.578  0.512   1.00 17.78 ? 111  SER   A CA   1 
ATOM   774  C C    . SER   A 1 115 ? 6.561   -10.389 -0.543  1.00 20.63 ? 111  SER   A C    1 
ATOM   775  O O    . SER   A 1 115 ? 7.517   -11.103 -0.228  1.00 20.19 ? 111  SER   A O    1 
ATOM   776  C CB   . SER   A 1 115 ? 6.588   -8.319  0.867   1.00 15.70 ? 111  SER   A CB   1 
ATOM   777  O OG   . SER   A 1 115 ? 6.768   -7.485  -0.271  1.00 16.66 ? 111  SER   A OG   1 
ATOM   778  N N    . ASP   A 1 116 ? 6.108   -10.276 -1.800  1.00 19.66 ? 112  ASP   A N    1 
ATOM   779  C CA   . ASP   A 1 116 ? 6.734   -10.910 -2.963  1.00 20.14 ? 112  ASP   A CA   1 
ATOM   780  C C    . ASP   A 1 116 ? 7.851   -10.053 -3.546  1.00 24.52 ? 112  ASP   A C    1 
ATOM   781  O O    . ASP   A 1 116 ? 8.165   -10.152 -4.736  1.00 31.69 ? 112  ASP   A O    1 
ATOM   782  C CB   . ASP   A 1 116 ? 5.691   -11.152 -4.063  1.00 19.22 ? 112  ASP   A CB   1 
ATOM   783  C CG   . ASP   A 1 116 ? 4.883   -12.420 -3.858  1.00 20.51 ? 112  ASP   A CG   1 
ATOM   784  O OD1  . ASP   A 1 116 ? 5.459   -13.474 -3.523  1.00 25.02 ? 112  ASP   A OD1  1 
ATOM   785  O OD2  . ASP   A 1 116 ? 3.636   -12.370 -4.066  1.00 21.26 ? 112  ASP   A OD2  1 
ATOM   786  N N    . CYS   A 1 117 ? 8.434   -9.185  -2.734  1.00 22.14 ? 113  CYS   A N    1 
ATOM   787  C CA   . CYS   A 1 117 ? 9.579   -8.371  -3.096  1.00 19.64 ? 113  CYS   A CA   1 
ATOM   788  C C    . CYS   A 1 117 ? 10.699  -8.728  -2.133  1.00 21.35 ? 113  CYS   A C    1 
ATOM   789  O O    . CYS   A 1 117 ? 10.440  -8.993  -0.960  1.00 19.49 ? 113  CYS   A O    1 
ATOM   790  C CB   . CYS   A 1 117 ? 9.254   -6.872  -2.984  1.00 18.42 ? 113  CYS   A CB   1 
ATOM   791  S SG   . CYS   A 1 117 ? 10.580  -5.713  -3.351  1.00 24.28 ? 113  CYS   A SG   1 
ATOM   792  N N    . SER   A 1 118 ? 11.937  -8.770  -2.628  1.00 21.12 ? 114  SER   A N    1 
ATOM   793  C CA   . SER   A 1 118 ? 13.042  -9.132  -1.741  1.00 22.71 ? 114  SER   A CA   1 
ATOM   794  C C    . SER   A 1 118 ? 13.260  -8.102  -0.640  1.00 22.91 ? 114  SER   A C    1 
ATOM   795  O O    . SER   A 1 118 ? 13.922  -8.415  0.365   1.00 20.85 ? 114  SER   A O    1 
ATOM   796  C CB   . SER   A 1 118 ? 14.322  -9.332  -2.562  1.00 25.16 ? 114  SER   A CB   1 
ATOM   797  O OG   . SER   A 1 118 ? 14.639  -8.161  -3.294  1.00 35.15 ? 114  SER   A OG   1 
ATOM   798  N N    . SER   A 1 119 ? 12.723  -6.886  -0.792  1.00 18.67 ? 115  SER   A N    1 
ATOM   799  C CA   . SER   A 1 119 ? 12.718  -5.932  0.306   1.00 17.52 ? 115  SER   A CA   1 
ATOM   800  C C    . SER   A 1 119 ? 12.025  -6.475  1.545   1.00 16.69 ? 115  SER   A C    1 
ATOM   801  O O    . SER   A 1 119 ? 12.162  -5.861  2.607   1.00 18.33 ? 115  SER   A O    1 
ATOM   802  C CB   . SER   A 1 119 ? 12.065  -4.615  -0.120  1.00 19.74 ? 115  SER   A CB   1 
ATOM   803  O OG   . SER   A 1 119 ? 10.742  -4.840  -0.609  1.00 20.38 ? 115  SER   A OG   1 
ATOM   804  N N    . ALA   A 1 120 ? 11.300  -7.597  1.437   1.00 17.78 ? 116  ALA   A N    1 
ATOM   805  C CA   . ALA   A 1 120 ? 10.692  -8.254  2.590   1.00 15.05 ? 116  ALA   A CA   1 
ATOM   806  C C    . ALA   A 1 120 ? 11.708  -8.492  3.691   1.00 18.53 ? 116  ALA   A C    1 
ATOM   807  O O    . ALA   A 1 120 ? 11.386  -8.398  4.881   1.00 16.70 ? 116  ALA   A O    1 
ATOM   808  C CB   . ALA   A 1 120 ? 10.083  -9.594  2.167   1.00 15.19 ? 116  ALA   A CB   1 
ATOM   809  N N    . LYS   A 1 121 ? 12.939  -8.795  3.310   1.00 17.38 ? 117  LYS   A N    1 
ATOM   810  C CA   . LYS   A 1 121 ? 13.965  -9.131  4.282   1.00 16.29 ? 117  LYS   A CA   1 
ATOM   811  C C    . LYS   A 1 121 ? 14.504  -7.910  5.008   1.00 17.77 ? 117  LYS   A C    1 
ATOM   812  O O    . LYS   A 1 121 ? 15.264  -8.074  5.976   1.00 18.19 ? 117  LYS   A O    1 
ATOM   813  C CB   . LYS   A 1 121 ? 15.082  -9.898  3.559   1.00 20.58 ? 117  LYS   A CB   1 
ATOM   814  C CG   . LYS   A 1 121 ? 14.655  -11.295 3.097   1.00 20.88 ? 117  LYS   A CG   1 
ATOM   815  C CD   . LYS   A 1 121 ? 15.761  -12.016 2.307   1.00 22.70 ? 117  LYS   A CD   1 
ATOM   816  C CE   . LYS   A 1 121 ? 15.910  -11.429 0.914   1.00 25.52 ? 117  LYS   A CE   1 
ATOM   817  N NZ   . LYS   A 1 121 ? 17.034  -12.061 0.147   1.00 28.86 ? 117  LYS   A NZ   1 
ATOM   818  N N    . ALA   A 1 122 ? 14.132  -6.706  4.559   1.00 15.98 ? 118  ALA   A N    1 
ATOM   819  C CA   . ALA   A 1 122 ? 14.368  -5.443  5.245   1.00 16.04 ? 118  ALA   A CA   1 
ATOM   820  C C    . ALA   A 1 122 ? 13.061  -4.873  5.789   1.00 16.59 ? 118  ALA   A C    1 
ATOM   821  O O    . ALA   A 1 122 ? 12.882  -3.657  5.849   1.00 16.07 ? 118  ALA   A O    1 
ATOM   822  C CB   . ALA   A 1 122 ? 15.041  -4.438  4.313   1.00 16.80 ? 118  ALA   A CB   1 
ATOM   823  N N    . ARG   A 1 123 ? 12.143  -5.755  6.182   1.00 15.92 ? 119  ARG   A N    1 
ATOM   824  C CA   . ARG   A 1 123 ? 10.843  -5.356  6.723   1.00 15.54 ? 119  ARG   A CA   1 
ATOM   825  C C    . ARG   A 1 123 ? 10.075  -4.485  5.738   1.00 16.63 ? 119  ARG   A C    1 
ATOM   826  O O    . ARG   A 1 123 ? 9.235   -3.665  6.135   1.00 17.31 ? 119  ARG   A O    1 
ATOM   827  C CB   . ARG   A 1 123 ? 10.995  -4.648  8.076   1.00 16.80 ? 119  ARG   A CB   1 
ATOM   828  C CG   . ARG   A 1 123 ? 11.688  -5.538  9.095   1.00 18.12 ? 119  ARG   A CG   1 
ATOM   829  C CD   . ARG   A 1 123 ? 11.935  -4.874  10.469  1.00 23.15 ? 119  ARG   A CD   1 
ATOM   830  N NE   . ARG   A 1 123 ? 12.497  -5.885  11.361  1.00 27.29 ? 119  ARG   A NE   1 
ATOM   831  C CZ   . ARG   A 1 123 ? 12.147  -6.063  12.631  1.00 30.72 ? 119  ARG   A CZ   1 
ATOM   832  N NH1  . ARG   A 1 123 ? 11.308  -5.239  13.245  1.00 32.32 ? 119  ARG   A NH1  1 
ATOM   833  N NH2  . ARG   A 1 123 ? 12.635  -7.106  13.297  1.00 29.33 ? 119  ARG   A NH2  1 
ATOM   834  N N    . GLY   A 1 124 ? 10.353  -4.655  4.444   1.00 16.60 ? 120  GLY   A N    1 
ATOM   835  C CA   . GLY   A 1 124 ? 9.661   -3.904  3.407   1.00 18.51 ? 120  GLY   A CA   1 
ATOM   836  C C    . GLY   A 1 124 ? 10.300  -2.595  2.993   1.00 19.14 ? 120  GLY   A C    1 
ATOM   837  O O    . GLY   A 1 124 ? 9.829   -1.970  2.035   1.00 19.28 ? 120  GLY   A O    1 
ATOM   838  N N    . ASP   A 1 125 ? 11.377  -2.168  3.658   1.00 15.74 ? 121  ASP   A N    1 
ATOM   839  C CA   . ASP   A 1 125 ? 11.944  -0.848  3.419   1.00 18.78 ? 121  ASP   A CA   1 
ATOM   840  C C    . ASP   A 1 125 ? 12.582  -0.790  2.039   1.00 19.73 ? 121  ASP   A C    1 
ATOM   841  O O    . ASP   A 1 125 ? 13.364  -1.676  1.669   1.00 20.40 ? 121  ASP   A O    1 
ATOM   842  C CB   . ASP   A 1 125 ? 12.989  -0.520  4.497   1.00 19.03 ? 121  ASP   A CB   1 
ATOM   843  C CG   . ASP   A 1 125 ? 13.688  0.823   4.277   1.00 24.24 ? 121  ASP   A CG   1 
ATOM   844  O OD1  . ASP   A 1 125 ? 13.028  1.842   3.980   1.00 19.73 ? 121  ASP   A OD1  1 
ATOM   845  O OD2  . ASP   A 1 125 ? 14.936  0.877   4.464   1.00 25.30 ? 121  ASP   A OD2  1 
ATOM   846  N N    . LEU   A 1 126 ? 12.268  0.274   1.299   1.00 18.56 ? 122  LEU   A N    1 
ATOM   847  C CA   . LEU   A 1 126 ? 12.879  0.571   0.012   1.00 22.32 ? 122  LEU   A CA   1 
ATOM   848  C C    . LEU   A 1 126 ? 13.899  1.693   0.100   1.00 23.67 ? 122  LEU   A C    1 
ATOM   849  O O    . LEU   A 1 126 ? 14.528  2.023   -0.907  1.00 26.62 ? 122  LEU   A O    1 
ATOM   850  C CB   . LEU   A 1 126 ? 11.812  0.949   -1.011  1.00 22.18 ? 122  LEU   A CB   1 
ATOM   851  C CG   . LEU   A 1 126 ? 10.797  -0.143  -1.327  1.00 20.88 ? 122  LEU   A CG   1 
ATOM   852  C CD1  . LEU   A 1 126 ? 9.627   0.400   -2.181  1.00 23.49 ? 122  LEU   A CD1  1 
ATOM   853  C CD2  . LEU   A 1 126 ? 11.468  -1.286  -2.039  1.00 21.19 ? 122  LEU   A CD2  1 
ATOM   854  N N    . GLY   A 1 127 ? 14.065  2.294   1.265   1.00 24.82 ? 123  GLY   A N    1 
ATOM   855  C CA   . GLY   A 1 127 ? 14.884  3.473   1.381   1.00 26.89 ? 123  GLY   A CA   1 
ATOM   856  C C    . GLY   A 1 127 ? 14.211  4.713   0.828   1.00 28.03 ? 123  GLY   A C    1 
ATOM   857  O O    . GLY   A 1 127 ? 13.018  4.749   0.486   1.00 21.41 ? 123  GLY   A O    1 
ATOM   858  N N    . ALA   A 1 128 ? 15.012  5.765   0.764   1.00 24.50 ? 124  ALA   A N    1 
ATOM   859  C CA   . ALA   A 1 128 ? 14.557  7.061   0.296   1.00 27.31 ? 124  ALA   A CA   1 
ATOM   860  C C    . ALA   A 1 128 ? 14.601  7.125   -1.223  1.00 31.95 ? 124  ALA   A C    1 
ATOM   861  O O    . ALA   A 1 128 ? 15.422  6.464   -1.865  1.00 31.94 ? 124  ALA   A O    1 
ATOM   862  C CB   . ALA   A 1 128 ? 15.425  8.165   0.896   1.00 30.44 ? 124  ALA   A CB   1 
ATOM   863  N N    . PHE   A 1 129 ? 13.700  7.924   -1.796  1.00 26.77 ? 125  PHE   A N    1 
ATOM   864  C CA   . PHE   A 1 129 ? 13.661  8.100   -3.244  1.00 32.53 ? 125  PHE   A CA   1 
ATOM   865  C C    . PHE   A 1 129 ? 12.959  9.404   -3.585  1.00 30.88 ? 125  PHE   A C    1 
ATOM   866  O O    . PHE   A 1 129 ? 12.264  9.995   -2.758  1.00 29.38 ? 125  PHE   A O    1 
ATOM   867  C CB   . PHE   A 1 129 ? 12.976  6.921   -3.946  1.00 29.64 ? 125  PHE   A CB   1 
ATOM   868  C CG   . PHE   A 1 129 ? 11.571  6.627   -3.455  1.00 26.77 ? 125  PHE   A CG   1 
ATOM   869  C CD1  . PHE   A 1 129 ? 10.479  7.248   -4.034  1.00 29.22 ? 125  PHE   A CD1  1 
ATOM   870  C CD2  . PHE   A 1 129 ? 11.352  5.690   -2.453  1.00 26.00 ? 125  PHE   A CD2  1 
ATOM   871  C CE1  . PHE   A 1 129 ? 9.178   6.968   -3.603  1.00 25.92 ? 125  PHE   A CE1  1 
ATOM   872  C CE2  . PHE   A 1 129 ? 10.060  5.399   -2.013  1.00 26.22 ? 125  PHE   A CE2  1 
ATOM   873  C CZ   . PHE   A 1 129 ? 8.970   6.045   -2.601  1.00 22.75 ? 125  PHE   A CZ   1 
ATOM   874  N N    . SER   A 1 130 ? 13.177  9.866   -4.809  1.00 32.03 ? 126  SER   A N    1 
ATOM   875  C CA   . SER   A 1 130 ? 12.533  11.070  -5.290  1.00 34.01 ? 126  SER   A CA   1 
ATOM   876  C C    . SER   A 1 130 ? 11.565  10.702  -6.403  1.00 29.53 ? 126  SER   A C    1 
ATOM   877  O O    . SER   A 1 130 ? 11.458  9.541   -6.815  1.00 31.57 ? 126  SER   A O    1 
ATOM   878  C CB   . SER   A 1 130 ? 13.571  12.080  -5.780  1.00 37.50 ? 126  SER   A CB   1 
ATOM   879  O OG   . SER   A 1 130 ? 14.127  11.646  -7.006  1.00 36.46 ? 126  SER   A OG   1 
ATOM   880  N N    . ARG   A 1 131 ? 10.858  11.707  -6.892  1.00 32.74 ? 127  ARG   A N    1 
ATOM   881  C CA   . ARG   A 1 131 ? 10.048  11.497  -8.080  1.00 34.29 ? 127  ARG   A CA   1 
ATOM   882  C C    . ARG   A 1 131 ? 10.959  11.178  -9.258  1.00 37.49 ? 127  ARG   A C    1 
ATOM   883  O O    . ARG   A 1 131 ? 12.123  11.592  -9.301  1.00 35.20 ? 127  ARG   A O    1 
ATOM   884  C CB   . ARG   A 1 131 ? 9.186   12.724  -8.366  1.00 34.59 ? 127  ARG   A CB   1 
ATOM   885  C CG   . ARG   A 1 131 ? 8.075   12.944  -7.349  1.00 32.78 ? 127  ARG   A CG   1 
ATOM   886  C CD   . ARG   A 1 131 ? 6.958   13.741  -7.968  1.00 31.81 ? 127  ARG   A CD   1 
ATOM   887  N NE   . ARG   A 1 131 ? 5.863   14.014  -7.045  1.00 34.89 ? 127  ARG   A NE   1 
ATOM   888  C CZ   . ARG   A 1 131 ? 4.736   13.315  -6.994  1.00 31.54 ? 127  ARG   A CZ   1 
ATOM   889  N NH1  . ARG   A 1 131 ? 4.558   12.240  -7.736  1.00 26.17 ? 127  ARG   A NH1  1 
ATOM   890  N NH2  . ARG   A 1 131 ? 3.765   13.711  -6.177  1.00 32.98 ? 127  ARG   A NH2  1 
ATOM   891  N N    . GLY   A 1 132 ? 10.431  10.402  -10.201 1.00 35.92 ? 128  GLY   A N    1 
ATOM   892  C CA   . GLY   A 1 132 ? 11.192  9.943   -11.342 1.00 36.14 ? 128  GLY   A CA   1 
ATOM   893  C C    . GLY   A 1 132 ? 11.833  8.577   -11.201 1.00 37.86 ? 128  GLY   A C    1 
ATOM   894  O O    . GLY   A 1 132 ? 12.441  8.105   -12.166 1.00 41.07 ? 128  GLY   A O    1 
ATOM   895  N N    . GLN   A 1 133 ? 11.716  7.922   -10.043 1.00 34.42 ? 129  GLN   A N    1 
ATOM   896  C CA   . GLN   A 1 133 ? 12.372  6.637   -9.813  1.00 32.36 ? 129  GLN   A CA   1 
ATOM   897  C C    . GLN   A 1 133 ? 11.437  5.441   -9.767  1.00 33.52 ? 129  GLN   A C    1 
ATOM   898  O O    . GLN   A 1 133 ? 11.769  4.391   -10.315 1.00 35.21 ? 129  GLN   A O    1 
ATOM   899  C CB   . GLN   A 1 133 ? 13.160  6.668   -8.504  1.00 32.57 ? 129  GLN   A CB   1 
ATOM   900  C CG   . GLN   A 1 133 ? 14.292  7.670   -8.472  1.00 36.17 ? 129  GLN   A CG   1 
ATOM   901  C CD   . GLN   A 1 133 ? 15.066  7.587   -7.169  1.00 37.35 ? 129  GLN   A CD   1 
ATOM   902  O OE1  . GLN   A 1 133 ? 15.137  8.555   -6.408  1.00 36.41 ? 129  GLN   A OE1  1 
ATOM   903  N NE2  . GLN   A 1 133 ? 15.637  6.419   -6.899  1.00 42.95 ? 129  GLN   A NE2  1 
ATOM   904  N N    . MET   A 1 134 ? 10.297  5.542   -9.096  1.00 32.38 ? 130  MET   A N    1 
ATOM   905  C CA   . MET   A 1 134 ? 9.419   4.398   -8.899  1.00 29.91 ? 130  MET   A CA   1 
ATOM   906  C C    . MET   A 1 134 ? 8.293   4.424   -9.923  1.00 26.66 ? 130  MET   A C    1 
ATOM   907  O O    . MET   A 1 134 ? 8.016   5.456   -10.533 1.00 29.29 ? 130  MET   A O    1 
ATOM   908  C CB   . MET   A 1 134 ? 8.844   4.402   -7.476  1.00 26.95 ? 130  MET   A CB   1 
ATOM   909  C CG   . MET   A 1 134 ? 9.910   4.459   -6.392  1.00 29.20 ? 130  MET   A CG   1 
ATOM   910  S SD   . MET   A 1 134 ? 10.764  2.881   -6.284  1.00 35.57 ? 130  MET   A SD   1 
ATOM   911  C CE   . MET   A 1 134 ? 11.677  3.117   -4.762  1.00 34.63 ? 130  MET   A CE   1 
ATOM   912  N N    . GLN   A 1 135 ? 7.657   3.269   -10.120 1.00 26.86 ? 131  GLN   A N    1 
ATOM   913  C CA   . GLN   A 1 135 ? 6.475   3.212   -10.976 1.00 24.93 ? 131  GLN   A CA   1 
ATOM   914  C C    . GLN   A 1 135 ? 5.474   4.268   -10.536 1.00 26.50 ? 131  GLN   A C    1 
ATOM   915  O O    . GLN   A 1 135 ? 5.328   4.550   -9.349  1.00 24.07 ? 131  GLN   A O    1 
ATOM   916  C CB   . GLN   A 1 135 ? 5.854   1.818   -10.926 1.00 24.92 ? 131  GLN   A CB   1 
ATOM   917  C CG   . GLN   A 1 135 ? 6.762   0.741   -11.492 1.00 31.03 ? 131  GLN   A CG   1 
ATOM   918  C CD   . GLN   A 1 135 ? 6.175   -0.653  -11.401 1.00 33.18 ? 131  GLN   A CD   1 
ATOM   919  O OE1  . GLN   A 1 135 ? 5.513   -1.123  -12.330 1.00 36.68 ? 131  GLN   A OE1  1 
ATOM   920  N NE2  . GLN   A 1 135 ? 6.423   -1.328  -10.284 1.00 35.46 ? 131  GLN   A NE2  1 
ATOM   921  N N    . LYS   A 1 136 ? 4.785   4.867   -11.502 1.00 23.01 ? 132  LYS   A N    1 
ATOM   922  C CA   . LYS   A 1 136 ? 4.096   6.122   -11.218 1.00 23.21 ? 132  LYS   A CA   1 
ATOM   923  C C    . LYS   A 1 136 ? 3.006   6.016   -10.156 1.00 21.07 ? 132  LYS   A C    1 
ATOM   924  O O    . LYS   A 1 136 ? 2.915   6.931   -9.316  1.00 23.20 ? 132  LYS   A O    1 
ATOM   925  C CB   . LYS   A 1 136 ? 3.515   6.686   -12.520 1.00 24.57 ? 132  LYS   A CB   1 
ATOM   926  C CG   . LYS   A 1 136 ? 2.953   8.073   -12.367 1.00 28.04 ? 132  LYS   A CG   1 
ATOM   927  C CD   . LYS   A 1 136 ? 4.034   9.099   -12.127 1.00 30.94 ? 132  LYS   A CD   1 
ATOM   928  C CE   . LYS   A 1 136 ? 3.396   10.406  -11.678 1.00 33.15 ? 132  LYS   A CE   1 
ATOM   929  N NZ   . LYS   A 1 136 ? 4.400   11.468  -11.409 1.00 40.86 ? 132  LYS   A NZ   1 
ATOM   930  N N    . PRO   A 1 137 ? 2.135   5.008   -10.144 1.00 24.40 ? 133  PRO   A N    1 
ATOM   931  C CA   . PRO   A 1 137 ? 1.117   4.960   -9.086  1.00 19.49 ? 133  PRO   A CA   1 
ATOM   932  C C    . PRO   A 1 137 ? 1.724   4.784   -7.714  1.00 18.93 ? 133  PRO   A C    1 
ATOM   933  O O    . PRO   A 1 137 ? 1.183   5.311   -6.735  1.00 20.58 ? 133  PRO   A O    1 
ATOM   934  C CB   . PRO   A 1 137 ? 0.254   3.759   -9.476  1.00 19.20 ? 133  PRO   A CB   1 
ATOM   935  C CG   . PRO   A 1 137 ? 0.522   3.553   -10.967 1.00 22.45 ? 133  PRO   A CG   1 
ATOM   936  C CD   . PRO   A 1 137 ? 1.960   3.927   -11.132 1.00 24.06 ? 133  PRO   A CD   1 
ATOM   937  N N    . PHE   A 1 138 ? 2.835   4.056   -7.634  1.00 21.72 ? 134  PHE   A N    1 
ATOM   938  C CA   . PHE   A 1 138 ? 3.549   3.901   -6.371  1.00 18.64 ? 134  PHE   A CA   1 
ATOM   939  C C    . PHE   A 1 138 ? 4.155   5.224   -5.946  1.00 21.74 ? 134  PHE   A C    1 
ATOM   940  O O    . PHE   A 1 138 ? 4.015   5.642   -4.791  1.00 21.57 ? 134  PHE   A O    1 
ATOM   941  C CB   . PHE   A 1 138 ? 4.637   2.846   -6.532  1.00 19.66 ? 134  PHE   A CB   1 
ATOM   942  C CG   . PHE   A 1 138 ? 5.277   2.419   -5.233  1.00 18.37 ? 134  PHE   A CG   1 
ATOM   943  C CD1  . PHE   A 1 138 ? 6.234   3.215   -4.606  1.00 22.85 ? 134  PHE   A CD1  1 
ATOM   944  C CD2  . PHE   A 1 138 ? 4.960   1.189   -4.673  1.00 17.21 ? 134  PHE   A CD2  1 
ATOM   945  C CE1  . PHE   A 1 138 ? 6.839   2.807   -3.402  1.00 19.41 ? 134  PHE   A CE1  1 
ATOM   946  C CE2  . PHE   A 1 138 ? 5.560   0.771   -3.478  1.00 19.97 ? 134  PHE   A CE2  1 
ATOM   947  C CZ   . PHE   A 1 138 ? 6.505   1.581   -2.848  1.00 19.96 ? 134  PHE   A CZ   1 
ATOM   948  N N    . GLU   A 1 139 ? 4.862   5.888   -6.866  1.00 19.26 ? 135  GLU   A N    1 
ATOM   949  C CA   . GLU   A 1 139 ? 5.369   7.222   -6.586  1.00 17.96 ? 135  GLU   A CA   1 
ATOM   950  C C    . GLU   A 1 139 ? 4.269   8.160   -6.105  1.00 19.62 ? 135  GLU   A C    1 
ATOM   951  O O    . GLU   A 1 139 ? 4.419   8.839   -5.088  1.00 19.31 ? 135  GLU   A O    1 
ATOM   952  C CB   . GLU   A 1 139 ? 6.041   7.792   -7.834  1.00 21.63 ? 135  GLU   A CB   1 
ATOM   953  C CG   . GLU   A 1 139 ? 6.421   9.241   -7.686  1.00 26.64 ? 135  GLU   A CG   1 
ATOM   954  C CD   . GLU   A 1 139 ? 6.965   9.810   -8.981  1.00 30.96 ? 135  GLU   A CD   1 
ATOM   955  O OE1  . GLU   A 1 139 ? 7.919   9.217   -9.524  1.00 31.76 ? 135  GLU   A OE1  1 
ATOM   956  O OE2  . GLU   A 1 139 ? 6.411   10.823  -9.459  1.00 31.84 ? 135  GLU   A OE2  1 
ATOM   957  N N    . ASP   A 1 140 ? 3.148   8.228   -6.832  1.00 18.37 ? 136  ASP   A N    1 
ATOM   958  C CA   . ASP   A 1 140 ? 2.129   9.198   -6.455  1.00 19.92 ? 136  ASP   A CA   1 
ATOM   959  C C    . ASP   A 1 140 ? 1.567   8.898   -5.070  1.00 18.64 ? 136  ASP   A C    1 
ATOM   960  O O    . ASP   A 1 140 ? 1.345   9.813   -4.270  1.00 18.35 ? 136  ASP   A O    1 
ATOM   961  C CB   . ASP   A 1 140 ? 1.008   9.229   -7.494  1.00 21.44 ? 136  ASP   A CB   1 
ATOM   962  C CG   . ASP   A 1 140 ? 1.394   10.014  -8.744  1.00 28.14 ? 136  ASP   A CG   1 
ATOM   963  O OD1  . ASP   A 1 140 ? 2.377   10.792  -8.681  1.00 24.30 ? 136  ASP   A OD1  1 
ATOM   964  O OD2  . ASP   A 1 140 ? 0.708   9.871   -9.782  1.00 26.02 ? 136  ASP   A OD2  1 
ATOM   965  N N    . ALA   A 1 141 ? 1.321   7.627   -4.772  1.00 19.01 ? 137  ALA   A N    1 
ATOM   966  C CA   . ALA   A 1 141 ? 0.807   7.304   -3.446  1.00 16.59 ? 137  ALA   A CA   1 
ATOM   967  C C    . ALA   A 1 141 ? 1.837   7.672   -2.383  1.00 16.44 ? 137  ALA   A C    1 
ATOM   968  O O    . ALA   A 1 141 ? 1.505   8.300   -1.371  1.00 18.54 ? 137  ALA   A O    1 
ATOM   969  C CB   . ALA   A 1 141 ? 0.437   5.821   -3.384  1.00 16.02 ? 137  ALA   A CB   1 
ATOM   970  N N    . SER   A 1 142 ? 3.107   7.376   -2.648  1.00 18.44 ? 138  SER   A N    1 
ATOM   971  C CA   . SER   A 1 142 ? 4.146   7.604   -1.650  1.00 18.47 ? 138  SER   A CA   1 
ATOM   972  C C    . SER   A 1 142 ? 4.240   9.078   -1.276  1.00 19.33 ? 138  SER   A C    1 
ATOM   973  O O    . SER   A 1 142 ? 4.328   9.422   -0.093  1.00 22.98 ? 138  SER   A O    1 
ATOM   974  C CB   . SER   A 1 142 ? 5.488   7.090   -2.174  1.00 18.96 ? 138  SER   A CB   1 
ATOM   975  O OG   . SER   A 1 142 ? 5.446   5.695   -2.408  1.00 19.45 ? 138  SER   A OG   1 
ATOM   976  N N    . PHE   A 1 143 ? 4.196   9.975   -2.269  1.00 20.32 ? 139  PHE   A N    1 
ATOM   977  C CA   . PHE   A 1 143 ? 4.299   11.396  -1.973  1.00 22.36 ? 139  PHE   A CA   1 
ATOM   978  C C    . PHE   A 1 143 ? 3.010   12.011  -1.456  1.00 24.97 ? 139  PHE   A C    1 
ATOM   979  O O    . PHE   A 1 143 ? 3.052   13.134  -0.944  1.00 27.54 ? 139  PHE   A O    1 
ATOM   980  C CB   . PHE   A 1 143 ? 4.791   12.157  -3.214  1.00 24.66 ? 139  PHE   A CB   1 
ATOM   981  C CG   . PHE   A 1 143 ? 6.276   12.069  -3.401  1.00 24.98 ? 139  PHE   A CG   1 
ATOM   982  C CD1  . PHE   A 1 143 ? 6.842   10.963  -4.003  1.00 24.97 ? 139  PHE   A CD1  1 
ATOM   983  C CD2  . PHE   A 1 143 ? 7.109   13.073  -2.922  1.00 32.08 ? 139  PHE   A CD2  1 
ATOM   984  C CE1  . PHE   A 1 143 ? 8.218   10.862  -4.152  1.00 28.72 ? 139  PHE   A CE1  1 
ATOM   985  C CE2  . PHE   A 1 143 ? 8.482   12.983  -3.067  1.00 29.37 ? 139  PHE   A CE2  1 
ATOM   986  C CZ   . PHE   A 1 143 ? 9.037   11.875  -3.684  1.00 29.77 ? 139  PHE   A CZ   1 
ATOM   987  N N    . ALA   A 1 144 ? 1.873   11.319  -1.558  1.00 21.78 ? 140  ALA   A N    1 
ATOM   988  C CA   . ALA   A 1 144 ? 0.635   11.857  -1.019  1.00 21.62 ? 140  ALA   A CA   1 
ATOM   989  C C    . ALA   A 1 144 ? 0.359   11.389  0.403   1.00 23.20 ? 140  ALA   A C    1 
ATOM   990  O O    . ALA   A 1 144 ? -0.489  11.981  1.086   1.00 24.22 ? 140  ALA   A O    1 
ATOM   991  C CB   . ALA   A 1 144 ? -0.537  11.477  -1.931  1.00 22.35 ? 140  ALA   A CB   1 
ATOM   992  N N    . LEU   A 1 145 ? 1.053   10.351  0.859   1.00 21.49 ? 141  LEU   A N    1 
ATOM   993  C CA   . LEU   A 1 145 ? 0.941   9.910   2.241   1.00 20.37 ? 141  LEU   A CA   1 
ATOM   994  C C    . LEU   A 1 145 ? 1.602   10.903  3.187   1.00 25.38 ? 141  LEU   A C    1 
ATOM   995  O O    . LEU   A 1 145 ? 2.600   11.543  2.849   1.00 27.22 ? 141  LEU   A O    1 
ATOM   996  C CB   . LEU   A 1 145 ? 1.606   8.546   2.420   1.00 16.10 ? 141  LEU   A CB   1 
ATOM   997  C CG   . LEU   A 1 145 ? 0.915   7.328   1.829   1.00 17.31 ? 141  LEU   A CG   1 
ATOM   998  C CD1  . LEU   A 1 145 ? 1.845   6.131   1.797   1.00 17.12 ? 141  LEU   A CD1  1 
ATOM   999  C CD2  . LEU   A 1 145 ? -0.347  6.986   2.616   1.00 18.06 ? 141  LEU   A CD2  1 
ATOM   1000 N N    . ARG   A 1 146 ? 1.043   11.016  4.390   1.00 22.82 ? 142  ARG   A N    1 
ATOM   1001 C CA   . ARG   A 1 146 ? 1.725   11.685  5.483   1.00 27.84 ? 142  ARG   A CA   1 
ATOM   1002 C C    . ARG   A 1 146 ? 2.742   10.737  6.122   1.00 24.66 ? 142  ARG   A C    1 
ATOM   1003 O O    . ARG   A 1 146 ? 2.668   9.512   5.980   1.00 21.77 ? 142  ARG   A O    1 
ATOM   1004 C CB   . ARG   A 1 146 ? 0.715   12.162  6.527   1.00 29.55 ? 142  ARG   A CB   1 
ATOM   1005 C CG   . ARG   A 1 146 ? -0.323  13.121  5.966   1.00 36.39 ? 142  ARG   A CG   1 
ATOM   1006 C CD   . ARG   A 1 146 ? -0.919  13.961  7.077   1.00 46.75 ? 142  ARG   A CD   1 
ATOM   1007 N NE   . ARG   A 1 146 ? -1.921  14.904  6.589   1.00 56.34 ? 142  ARG   A NE   1 
ATOM   1008 C CZ   . ARG   A 1 146 ? -3.217  14.636  6.476   1.00 53.04 ? 142  ARG   A CZ   1 
ATOM   1009 N NH1  . ARG   A 1 146 ? -3.711  13.449  6.796   1.00 49.10 ? 142  ARG   A NH1  1 
ATOM   1010 N NH2  . ARG   A 1 146 ? -4.037  15.582  6.025   1.00 52.71 ? 142  ARG   A NH2  1 
ATOM   1011 N N    . THR   A 1 147 ? 3.710   11.313  6.820   1.00 26.26 ? 143  THR   A N    1 
ATOM   1012 C CA   . THR   A 1 147 ? 4.662   10.486  7.550   1.00 25.02 ? 143  THR   A CA   1 
ATOM   1013 C C    . THR   A 1 147 ? 3.921   9.601   8.542   1.00 25.18 ? 143  THR   A C    1 
ATOM   1014 O O    . THR   A 1 147 ? 3.073   10.074  9.303   1.00 27.02 ? 143  THR   A O    1 
ATOM   1015 C CB   . THR   A 1 147 ? 5.682   11.360  8.278   1.00 30.42 ? 143  THR   A CB   1 
ATOM   1016 O OG1  . THR   A 1 147 ? 6.394   12.147  7.321   1.00 32.86 ? 143  THR   A OG1  1 
ATOM   1017 C CG2  . THR   A 1 147 ? 6.677   10.488  9.026   1.00 30.73 ? 143  THR   A CG2  1 
ATOM   1018 N N    . GLY   A 1 148 ? 4.223   8.301   8.510   1.00 20.25 ? 144  GLY   A N    1 
ATOM   1019 C CA   . GLY   A 1 148 ? 3.547   7.341   9.355   1.00 22.47 ? 144  GLY   A CA   1 
ATOM   1020 C C    . GLY   A 1 148 ? 2.270   6.760   8.780   1.00 22.88 ? 144  GLY   A C    1 
ATOM   1021 O O    . GLY   A 1 148 ? 1.740   5.791   9.336   1.00 23.60 ? 144  GLY   A O    1 
ATOM   1022 N N    . GLU   A 1 149 ? 1.755   7.308   7.687   1.00 18.79 ? 145  GLU   A N    1 
ATOM   1023 C CA   . GLU   A 1 149 ? 0.493   6.855   7.139   1.00 20.33 ? 145  GLU   A CA   1 
ATOM   1024 C C    . GLU   A 1 149 ? 0.689   5.688   6.182   1.00 19.75 ? 145  GLU   A C    1 
ATOM   1025 O O    . GLU   A 1 149 ? 1.736   5.544   5.544   1.00 18.22 ? 145  GLU   A O    1 
ATOM   1026 C CB   . GLU   A 1 149 ? -0.202  8.008   6.421   1.00 19.11 ? 145  GLU   A CB   1 
ATOM   1027 C CG   . GLU   A 1 149 ? -1.553  7.636   5.873   1.00 22.89 ? 145  GLU   A CG   1 
ATOM   1028 C CD   . GLU   A 1 149 ? -2.220  8.798   5.197   1.00 26.64 ? 145  GLU   A CD   1 
ATOM   1029 O OE1  . GLU   A 1 149 ? -1.512  9.783   4.875   1.00 24.28 ? 145  GLU   A OE1  1 
ATOM   1030 O OE2  . GLU   A 1 149 ? -3.452  8.716   4.988   1.00 23.78 ? 145  GLU   A OE2  1 
ATOM   1031 N N    . MET   A 1 150 ? -0.346  4.863   6.073   1.00 18.50 ? 146  MET   A N    1 
ATOM   1032 C CA   . MET   A 1 150 ? -0.329  3.662   5.253   1.00 16.60 ? 146  MET   A CA   1 
ATOM   1033 C C    . MET   A 1 150 ? -1.351  3.810   4.145   1.00 16.44 ? 146  MET   A C    1 
ATOM   1034 O O    . MET   A 1 150 ? -2.448  4.356   4.359   1.00 16.86 ? 146  MET   A O    1 
ATOM   1035 C CB   . MET   A 1 150 ? -0.646  2.422   6.079   1.00 16.41 ? 146  MET   A CB   1 
ATOM   1036 C CG   . MET   A 1 150 ? -0.510  1.117   5.318   1.00 16.63 ? 146  MET   A CG   1 
ATOM   1037 S SD   . MET   A 1 150 ? -0.675  -0.292  6.418   1.00 20.95 ? 146  MET   A SD   1 
ATOM   1038 C CE   . MET   A 1 150 ? -2.469  -0.342  6.610   1.00 18.32 ? 146  MET   A CE   1 
ATOM   1039 N N    . SER   A 1 151 ? -1.007  3.303   2.968   1.00 13.66 ? 147  SER   A N    1 
ATOM   1040 C CA   . SER   A 1 151 ? -1.912  3.398   1.837   1.00 14.12 ? 147  SER   A CA   1 
ATOM   1041 C C    . SER   A 1 151 ? -2.964  2.298   1.892   1.00 14.97 ? 147  SER   A C    1 
ATOM   1042 O O    . SER   A 1 151 ? -2.905  1.374   2.701   1.00 16.38 ? 147  SER   A O    1 
ATOM   1043 C CB   . SER   A 1 151 ? -1.137  3.275   0.523   1.00 13.48 ? 147  SER   A CB   1 
ATOM   1044 O OG   . SER   A 1 151 ? -0.826  1.900   0.280   1.00 15.70 ? 147  SER   A OG   1 
ATOM   1045 N N    . GLY   A 1 152 ? -3.936  2.392   0.991   1.00 14.03 ? 148  GLY   A N    1 
ATOM   1046 C CA   . GLY   A 1 152 ? -4.754  1.245   0.686   1.00 17.04 ? 148  GLY   A CA   1 
ATOM   1047 C C    . GLY   A 1 152 ? -4.076  0.446   -0.412  1.00 17.85 ? 148  GLY   A C    1 
ATOM   1048 O O    . GLY   A 1 152 ? -2.884  0.618   -0.686  1.00 16.70 ? 148  GLY   A O    1 
ATOM   1049 N N    . PRO   A 1 153 ? -4.808  -0.444  -1.067  1.00 16.13 ? 149  PRO   A N    1 
ATOM   1050 C CA   . PRO   A 1 153 ? -4.201  -1.224  -2.159  1.00 14.17 ? 149  PRO   A CA   1 
ATOM   1051 C C    . PRO   A 1 153 ? -3.851  -0.315  -3.330  1.00 17.98 ? 149  PRO   A C    1 
ATOM   1052 O O    . PRO   A 1 153 ? -4.699  0.427   -3.837  1.00 19.21 ? 149  PRO   A O    1 
ATOM   1053 C CB   . PRO   A 1 153 ? -5.287  -2.248  -2.515  1.00 18.83 ? 149  PRO   A CB   1 
ATOM   1054 C CG   . PRO   A 1 153 ? -6.184  -2.295  -1.280  1.00 20.51 ? 149  PRO   A CG   1 
ATOM   1055 C CD   . PRO   A 1 153 ? -6.173  -0.893  -0.745  1.00 18.37 ? 149  PRO   A CD   1 
ATOM   1056 N N    . VAL   A 1 154 ? -2.575  -0.346  -3.729  1.00 16.40 ? 150  VAL   A N    1 
ATOM   1057 C CA   . VAL   A 1 154 ? -2.052  0.465   -4.829  1.00 15.06 ? 150  VAL   A CA   1 
ATOM   1058 C C    . VAL   A 1 154 ? -1.601  -0.470  -5.942  1.00 18.25 ? 150  VAL   A C    1 
ATOM   1059 O O    . VAL   A 1 154 ? -0.875  -1.435  -5.694  1.00 16.82 ? 150  VAL   A O    1 
ATOM   1060 C CB   . VAL   A 1 154 ? -0.903  1.382   -4.369  1.00 18.46 ? 150  VAL   A CB   1 
ATOM   1061 C CG1  . VAL   A 1 154 ? -0.273  2.081   -5.577  1.00 18.99 ? 150  VAL   A CG1  1 
ATOM   1062 C CG2  . VAL   A 1 154 ? -1.429  2.407   -3.392  1.00 16.40 ? 150  VAL   A CG2  1 
ATOM   1063 N N    . PHE   A 1 155 ? -2.056  -0.213  -7.166  1.00 16.32 ? 151  PHE   A N    1 
ATOM   1064 C CA   . PHE   A 1 155 ? -1.860  -1.159  -8.254  1.00 16.91 ? 151  PHE   A CA   1 
ATOM   1065 C C    . PHE   A 1 155 ? -0.762  -0.674  -9.185  1.00 18.31 ? 151  PHE   A C    1 
ATOM   1066 O O    . PHE   A 1 155 ? -0.792  0.475   -9.636  1.00 20.53 ? 151  PHE   A O    1 
ATOM   1067 C CB   . PHE   A 1 155 ? -3.166  -1.342  -9.036  1.00 17.17 ? 151  PHE   A CB   1 
ATOM   1068 C CG   . PHE   A 1 155 ? -4.276  -1.922  -8.222  1.00 14.61 ? 151  PHE   A CG   1 
ATOM   1069 C CD1  . PHE   A 1 155 ? -5.067  -1.110  -7.425  1.00 18.07 ? 151  PHE   A CD1  1 
ATOM   1070 C CD2  . PHE   A 1 155 ? -4.539  -3.276  -8.266  1.00 16.82 ? 151  PHE   A CD2  1 
ATOM   1071 C CE1  . PHE   A 1 155 ? -6.102  -1.643  -6.677  1.00 17.85 ? 151  PHE   A CE1  1 
ATOM   1072 C CE2  . PHE   A 1 155 ? -5.569  -3.820  -7.503  1.00 21.56 ? 151  PHE   A CE2  1 
ATOM   1073 C CZ   . PHE   A 1 155 ? -6.342  -2.994  -6.712  1.00 19.61 ? 151  PHE   A CZ   1 
ATOM   1074 N N    . THR   A 1 156 ? 0.220   -1.535  -9.444  1.00 21.15 ? 152  THR   A N    1 
ATOM   1075 C CA   . THR   A 1 156 ? 1.248   -1.265  -10.448 1.00 19.49 ? 152  THR   A CA   1 
ATOM   1076 C C    . THR   A 1 156 ? 1.359   -2.475  -11.360 1.00 22.62 ? 152  THR   A C    1 
ATOM   1077 O O    . THR   A 1 156 ? 0.727   -3.518  -11.139 1.00 21.34 ? 152  THR   A O    1 
ATOM   1078 C CB   . THR   A 1 156 ? 2.624   -0.989  -9.817  1.00 21.19 ? 152  THR   A CB   1 
ATOM   1079 O OG1  . THR   A 1 156 ? 3.093   -2.202  -9.231  1.00 22.55 ? 152  THR   A OG1  1 
ATOM   1080 C CG2  . THR   A 1 156 ? 2.557   0.122   -8.778  1.00 21.27 ? 152  THR   A CG2  1 
ATOM   1081 N N    . ASP   A 1 157 ? 2.231   -2.368  -12.367 1.00 25.02 ? 153  ASP   A N    1 
ATOM   1082 C CA   . ASP   A 1 157 ? 2.507   -3.542  -13.184 1.00 28.45 ? 153  ASP   A CA   1 
ATOM   1083 C C    . ASP   A 1 157 ? 3.185   -4.660  -12.395 1.00 27.02 ? 153  ASP   A C    1 
ATOM   1084 O O    . ASP   A 1 157 ? 3.148   -5.815  -12.835 1.00 25.06 ? 153  ASP   A O    1 
ATOM   1085 C CB   . ASP   A 1 157 ? 3.352   -3.145  -14.399 1.00 29.94 ? 153  ASP   A CB   1 
ATOM   1086 C CG   . ASP   A 1 157 ? 2.555   -2.344  -15.416 1.00 37.49 ? 153  ASP   A CG   1 
ATOM   1087 O OD1  . ASP   A 1 157 ? 1.329   -2.570  -15.507 1.00 37.08 ? 153  ASP   A OD1  1 
ATOM   1088 O OD2  . ASP   A 1 157 ? 3.143   -1.484  -16.109 1.00 40.66 ? 153  ASP   A OD2  1 
ATOM   1089 N N    . SER   A 1 158 ? 3.802   -4.362  -11.236 1.00 26.84 ? 154  SER   A N    1 
ATOM   1090 C CA   . SER   A 1 158 ? 4.415   -5.431  -10.451 1.00 25.57 ? 154  SER   A CA   1 
ATOM   1091 C C    . SER   A 1 158 ? 3.371   -6.254  -9.719  1.00 22.59 ? 154  SER   A C    1 
ATOM   1092 O O    . SER   A 1 158 ? 3.575   -7.447  -9.482  1.00 21.29 ? 154  SER   A O    1 
ATOM   1093 C CB   . SER   A 1 158 ? 5.409   -4.877  -9.421  1.00 25.33 ? 154  SER   A CB   1 
ATOM   1094 O OG   . SER   A 1 158 ? 6.352   -3.997  -10.004 1.00 33.81 ? 154  SER   A OG   1 
ATOM   1095 N N    . GLY   A 1 159 ? 2.274   -5.639  -9.336  1.00 23.20 ? 155  GLY   A N    1 
ATOM   1096 C CA   . GLY   A 1 159 ? 1.265   -6.316  -8.556  1.00 21.52 ? 155  GLY   A CA   1 
ATOM   1097 C C    . GLY   A 1 159 ? 0.520   -5.312  -7.698  1.00 17.80 ? 155  GLY   A C    1 
ATOM   1098 O O    . GLY   A 1 159 ? 0.309   -4.173  -8.101  1.00 23.25 ? 155  GLY   A O    1 
ATOM   1099 N N    . ILE   A 1 160 ? 0.120   -5.750  -6.505  1.00 16.52 ? 156  ILE   A N    1 
ATOM   1100 C CA   . ILE   A 1 160 ? -0.661  -4.915  -5.600  1.00 15.82 ? 156  ILE   A CA   1 
ATOM   1101 C C    . ILE   A 1 160 ? 0.188   -4.631  -4.372  1.00 14.87 ? 156  ILE   A C    1 
ATOM   1102 O O    . ILE   A 1 160 ? 0.769   -5.560  -3.802  1.00 17.12 ? 156  ILE   A O    1 
ATOM   1103 C CB   . ILE   A 1 160 ? -1.976  -5.606  -5.206  1.00 17.32 ? 156  ILE   A CB   1 
ATOM   1104 C CG1  . ILE   A 1 160 ? -2.672  -6.159  -6.457  1.00 19.56 ? 156  ILE   A CG1  1 
ATOM   1105 C CG2  . ILE   A 1 160 ? -2.883  -4.636  -4.454  1.00 19.19 ? 156  ILE   A CG2  1 
ATOM   1106 C CD1  . ILE   A 1 160 ? -3.980  -6.908  -6.170  1.00 20.82 ? 156  ILE   A CD1  1 
ATOM   1107 N N    . HIS   A 1 161 ? 0.256   -3.357  -3.969  1.00 14.88 ? 157  HIS   A N    1 
ATOM   1108 C CA   . HIS   A 1 161 ? 1.130   -2.901  -2.888  1.00 14.54 ? 157  HIS   A CA   1 
ATOM   1109 C C    . HIS   A 1 161 ? 0.321   -2.334  -1.730  1.00 14.67 ? 157  HIS   A C    1 
ATOM   1110 O O    . HIS   A 1 161 ? -0.702  -1.683  -1.930  1.00 15.51 ? 157  HIS   A O    1 
ATOM   1111 C CB   . HIS   A 1 161 ? 2.068   -1.773  -3.352  1.00 16.01 ? 157  HIS   A CB   1 
ATOM   1112 C CG   . HIS   A 1 161 ? 2.843   -2.071  -4.600  1.00 18.32 ? 157  HIS   A CG   1 
ATOM   1113 N ND1  . HIS   A 1 161 ? 4.193   -2.362  -4.579  1.00 16.68 ? 157  HIS   A ND1  1 
ATOM   1114 C CD2  . HIS   A 1 161 ? 2.478   -2.065  -5.905  1.00 19.06 ? 157  HIS   A CD2  1 
ATOM   1115 C CE1  . HIS   A 1 161 ? 4.617   -2.551  -5.818  1.00 23.63 ? 157  HIS   A CE1  1 
ATOM   1116 N NE2  . HIS   A 1 161 ? 3.592   -2.389  -6.641  1.00 19.23 ? 157  HIS   A NE2  1 
ATOM   1117 N N    . ILE   A 1 162 ? 0.812   -2.545  -0.510  1.00 12.93 ? 158  ILE   A N    1 
ATOM   1118 C CA   . ILE   A 1 162 ? 0.503   -1.693  0.631   1.00 15.38 ? 158  ILE   A CA   1 
ATOM   1119 C C    . ILE   A 1 162 ? 1.744   -0.856  0.891   1.00 12.58 ? 158  ILE   A C    1 
ATOM   1120 O O    . ILE   A 1 162 ? 2.845   -1.408  0.998   1.00 16.71 ? 158  ILE   A O    1 
ATOM   1121 C CB   . ILE   A 1 162 ? 0.136   -2.523  1.875   1.00 15.80 ? 158  ILE   A CB   1 
ATOM   1122 C CG1  . ILE   A 1 162 ? -1.069  -3.428  1.595   1.00 17.16 ? 158  ILE   A CG1  1 
ATOM   1123 C CG2  . ILE   A 1 162 ? -0.165  -1.605  3.066   1.00 17.74 ? 158  ILE   A CG2  1 
ATOM   1124 C CD1  . ILE   A 1 162 ? -1.154  -4.600  2.576   1.00 17.87 ? 158  ILE   A CD1  1 
ATOM   1125 N N    . ILE   A 1 163 ? 1.591   0.467   0.996   1.00 11.48 ? 159  ILE   A N    1 
ATOM   1126 C CA   . ILE   A 1 163 ? 2.744   1.358   1.155   1.00 13.27 ? 159  ILE   A CA   1 
ATOM   1127 C C    . ILE   A 1 163 ? 2.685   2.052   2.511   1.00 13.33 ? 159  ILE   A C    1 
ATOM   1128 O O    . ILE   A 1 163 ? 1.653   2.616   2.883   1.00 17.14 ? 159  ILE   A O    1 
ATOM   1129 C CB   . ILE   A 1 163 ? 2.813   2.400   0.031   1.00 14.93 ? 159  ILE   A CB   1 
ATOM   1130 C CG1  . ILE   A 1 163 ? 2.772   1.721   -1.331  1.00 16.74 ? 159  ILE   A CG1  1 
ATOM   1131 C CG2  . ILE   A 1 163 ? 4.047   3.272   0.173   1.00 16.80 ? 159  ILE   A CG2  1 
ATOM   1132 C CD1  . ILE   A 1 163 ? 2.588   2.694   -2.487  1.00 16.57 ? 159  ILE   A CD1  1 
ATOM   1133 N N    . LEU   A 1 164 ? 3.802   2.035   3.242   1.00 14.20 ? 160  LEU   A N    1 
ATOM   1134 C CA   . LEU   A 1 164 ? 3.921   2.774   4.495   1.00 13.06 ? 160  LEU   A CA   1 
ATOM   1135 C C    . LEU   A 1 164 ? 4.991   3.843   4.327   1.00 16.16 ? 160  LEU   A C    1 
ATOM   1136 O O    . LEU   A 1 164 ? 6.149   3.514   4.056   1.00 16.96 ? 160  LEU   A O    1 
ATOM   1137 C CB   . LEU   A 1 164 ? 4.298   1.834   5.638   1.00 15.60 ? 160  LEU   A CB   1 
ATOM   1138 C CG   . LEU   A 1 164 ? 4.609   2.445   6.992   1.00 17.79 ? 160  LEU   A CG   1 
ATOM   1139 C CD1  . LEU   A 1 164 ? 3.344   3.008   7.615   1.00 17.93 ? 160  LEU   A CD1  1 
ATOM   1140 C CD2  . LEU   A 1 164 ? 5.244   1.370   7.850   1.00 15.94 ? 160  LEU   A CD2  1 
ATOM   1141 N N    . ARG   A 1 165 ? 4.613   5.111   4.479   1.00 15.52 ? 161  ARG   A N    1 
ATOM   1142 C CA   . ARG   A 1 165 ? 5.599   6.186   4.403   1.00 18.07 ? 161  ARG   A CA   1 
ATOM   1143 C C    . ARG   A 1 165 ? 6.248   6.356   5.774   1.00 20.01 ? 161  ARG   A C    1 
ATOM   1144 O O    . ARG   A 1 165 ? 5.551   6.581   6.769   1.00 19.12 ? 161  ARG   A O    1 
ATOM   1145 C CB   . ARG   A 1 165 ? 4.974   7.499   3.944   1.00 20.31 ? 161  ARG   A CB   1 
ATOM   1146 C CG   . ARG   A 1 165 ? 5.940   8.671   4.146   1.00 21.26 ? 161  ARG   A CG   1 
ATOM   1147 C CD   . ARG   A 1 165 ? 5.481   9.973   3.529   1.00 22.71 ? 161  ARG   A CD   1 
ATOM   1148 N NE   . ARG   A 1 165 ? 6.496   11.006  3.734   1.00 22.66 ? 161  ARG   A NE   1 
ATOM   1149 C CZ   . ARG   A 1 165 ? 6.248   12.307  3.783   1.00 31.35 ? 161  ARG   A CZ   1 
ATOM   1150 N NH1  . ARG   A 1 165 ? 5.022   12.781  3.637   1.00 31.45 ? 161  ARG   A NH1  1 
ATOM   1151 N NH2  . ARG   A 1 165 ? 7.253   13.154  3.996   1.00 32.86 ? 161  ARG   A NH2  1 
ATOM   1152 N N    . THR   A 1 166 ? 7.577   6.225   5.836   1.00 18.89 ? 162  THR   A N    1 
ATOM   1153 C CA   . THR   A 1 166 ? 8.292   6.278   7.106   1.00 22.80 ? 162  THR   A CA   1 
ATOM   1154 C C    . THR   A 1 166 ? 9.057   7.577   7.332   1.00 26.18 ? 162  THR   A C    1 
ATOM   1155 O O    . THR   A 1 166 ? 9.364   7.896   8.484   1.00 25.57 ? 162  THR   A O    1 
ATOM   1156 C CB   . THR   A 1 166 ? 9.269   5.100   7.213   1.00 22.74 ? 162  THR   A CB   1 
ATOM   1157 O OG1  . THR   A 1 166 ? 10.156  5.109   6.087   1.00 18.53 ? 162  THR   A OG1  1 
ATOM   1158 C CG2  . THR   A 1 166 ? 8.507   3.781   7.240   1.00 20.87 ? 162  THR   A CG2  1 
ATOM   1159 N N    . GLU   A 1 167 ? 9.362   8.330   6.283   1.00 25.10 ? 163  GLU   A N    1 
ATOM   1160 C CA   . GLU   A 1 167 ? 10.012  9.637   6.422   1.00 29.17 ? 163  GLU   A CA   1 
ATOM   1161 C C    . GLU   A 1 167 ? 9.590   10.561  5.286   1.00 28.89 ? 163  GLU   A C    1 
ATOM   1162 O O    . GLU   A 1 167 ? 9.676   11.790  5.382   1.00 29.96 ? 163  GLU   A O    1 
ATOM   1163 C CB   . GLU   A 1 167 ? 11.542  9.503   6.432   1.00 29.36 ? 163  GLU   A CB   1 
ATOM   1164 C CG   . GLU   A 1 167 ? 12.102  8.558   7.473   1.00 31.36 ? 163  GLU   A CG   1 
ATOM   1165 C CD   . GLU   A 1 167 ? 13.627  8.474   7.408   1.00 35.14 ? 163  GLU   A CD   1 
ATOM   1166 O OE1  . GLU   A 1 167 ? 14.240  9.255   6.637   1.00 39.51 ? 163  GLU   A OE1  1 
ATOM   1167 O OE2  . GLU   A 1 167 ? 14.209  7.626   8.121   1.00 33.56 ? 163  GLU   A OE2  1 
ATOM   1168 O OXT  . GLU   A 1 167 ? 9.150   10.088  4.236   1.00 28.33 ? 163  GLU   A OXT  1 
HETATM 1169 C C16  . A1AEL B 2 .   ? -14.317 0.647   6.518   1.00 38.75 ? 901  A1AEL A C16  1 
HETATM 1170 C C3   . A1AEL B 2 .   ? -14.592 2.011   0.204   1.00 41.29 ? 901  A1AEL A C3   1 
HETATM 1171 C C2   . A1AEL B 2 .   ? -13.378 1.383   0.454   1.00 36.71 ? 901  A1AEL A C2   1 
HETATM 1172 C C6   . A1AEL B 2 .   ? -13.887 1.335   2.816   1.00 37.38 ? 901  A1AEL A C6   1 
HETATM 1173 C C7   . A1AEL B 2 .   ? -13.036 1.040   1.756   1.00 37.05 ? 901  A1AEL A C7   1 
HETATM 1174 C C1   . A1AEL B 2 .   ? -12.455 1.073   -0.681  1.00 36.98 ? 901  A1AEL A C1   1 
HETATM 1175 C C5   . A1AEL B 2 .   ? -15.095 1.967   2.558   1.00 40.02 ? 901  A1AEL A C5   1 
HETATM 1176 C C19  . A1AEL B 2 .   ? -14.578 3.190   6.512   1.00 33.00 ? 901  A1AEL A C19  1 
HETATM 1177 C C21  . A1AEL B 2 .   ? -12.438 3.770   7.372   1.00 30.71 ? 901  A1AEL A C21  1 
HETATM 1178 C C14  . A1AEL B 2 .   ? -13.535 0.977   4.228   1.00 38.63 ? 901  A1AEL A C14  1 
HETATM 1179 C C22  . A1AEL B 2 .   ? -12.640 2.298   7.569   1.00 33.42 ? 901  A1AEL A C22  1 
HETATM 1180 C C18  . A1AEL B 2 .   ? -14.093 1.952   7.269   1.00 33.48 ? 901  A1AEL A C18  1 
HETATM 1181 C C4   . A1AEL B 2 .   ? -15.443 2.304   1.263   1.00 38.88 ? 901  A1AEL A C4   1 
HETATM 1182 C C20  . A1AEL B 2 .   ? -13.830 4.337   7.181   1.00 29.97 ? 901  A1AEL A C20  1 
HETATM 1183 N N15  . A1AEL B 2 .   ? -14.540 0.834   5.094   1.00 38.77 ? 901  A1AEL A N15  1 
HETATM 1184 O O10  . A1AEL B 2 .   ? -17.852 2.918   2.046   1.00 47.82 ? 901  A1AEL A O10  1 
HETATM 1185 O O12  . A1AEL B 2 .   ? -11.239 1.035   -0.433  1.00 34.10 ? 901  A1AEL A O12  1 
HETATM 1186 O O13  . A1AEL B 2 .   ? -12.951 0.874   -1.805  1.00 36.43 ? 901  A1AEL A O13  1 
HETATM 1187 O O17  . A1AEL B 2 .   ? -12.364 0.885   4.593   1.00 35.41 ? 901  A1AEL A O17  1 
HETATM 1188 O O23  . A1AEL B 2 .   ? -11.797 1.512   7.944   1.00 35.38 ? 901  A1AEL A O23  1 
HETATM 1189 O O9   . A1AEL B 2 .   ? -17.375 2.877   -0.365  1.00 51.26 ? 901  A1AEL A O9   1 
HETATM 1190 S S8   . A1AEL B 2 .   ? -16.951 3.138   0.967   1.00 60.23 ? 901  A1AEL A S8   1 
HETATM 1191 H H161 . A1AEL B 2 .   ? -15.088 0.176   6.903   1.00 46.55 ? 901  A1AEL A H161 1 
HETATM 1192 H H16  . A1AEL B 2 .   ? -13.541 0.059   6.645   1.00 46.55 ? 901  A1AEL A H16  1 
HETATM 1193 H H3   . A1AEL B 2 .   ? -14.835 2.237   -0.669  1.00 49.60 ? 901  A1AEL A H3   1 
HETATM 1194 H H7   . A1AEL B 2 .   ? -12.214 0.602   1.924   1.00 44.51 ? 901  A1AEL A H7   1 
HETATM 1195 H H5   . A1AEL B 2 .   ? -15.675 2.164   3.263   1.00 48.07 ? 901  A1AEL A H5   1 
HETATM 1196 H H19  . A1AEL B 2 .   ? -15.548 3.305   6.602   1.00 39.65 ? 901  A1AEL A H19  1 
HETATM 1197 H H191 . A1AEL B 2 .   ? -14.353 3.134   5.559   1.00 39.65 ? 901  A1AEL A H191 1 
HETATM 1198 H H21  . A1AEL B 2 .   ? -11.877 3.931   6.586   1.00 36.90 ? 901  A1AEL A H21  1 
HETATM 1199 H H211 . A1AEL B 2 .   ? -12.001 4.159   8.155   1.00 36.90 ? 901  A1AEL A H211 1 
HETATM 1200 H H18  . A1AEL B 2 .   ? -14.552 1.852   8.140   1.00 40.23 ? 901  A1AEL A H18  1 
HETATM 1201 H H201 . A1AEL B 2 .   ? -13.813 5.128   6.613   1.00 36.01 ? 901  A1AEL A H201 1 
HETATM 1202 H H20  . A1AEL B 2 .   ? -14.234 4.575   8.033   1.00 36.01 ? 901  A1AEL A H20  1 
HETATM 1203 H HN15 . A1AEL B 2 .   ? -15.357 0.854   4.794   1.00 46.58 ? 901  A1AEL A HN15 1 
HETATM 1204 S S    . SO4   C 3 .   ? 8.085   -6.895  -11.683 1.00 47.19 ? 902  SO4   A S    1 
HETATM 1205 O O1   . SO4   C 3 .   ? 9.025   -7.166  -10.588 1.00 38.18 ? 902  SO4   A O1   1 
HETATM 1206 O O2   . SO4   C 3 .   ? 8.696   -7.273  -12.957 1.00 50.69 ? 902  SO4   A O2   1 
HETATM 1207 O O3   . SO4   C 3 .   ? 6.825   -7.641  -11.537 1.00 35.27 ? 902  SO4   A O3   1 
HETATM 1208 O O4   . SO4   C 3 .   ? 7.786   -5.467  -11.717 1.00 44.32 ? 902  SO4   A O4   1 
HETATM 1209 S S    . SO4   D 3 .   ? 12.541  -10.343 -6.197  1.00 46.90 ? 903  SO4   A S    1 
HETATM 1210 O O1   . SO4   D 3 .   ? 13.864  -10.923 -6.433  1.00 49.26 ? 903  SO4   A O1   1 
HETATM 1211 O O2   . SO4   D 3 .   ? 12.697  -9.154  -5.360  1.00 42.81 ? 903  SO4   A O2   1 
HETATM 1212 O O3   . SO4   D 3 .   ? 11.639  -11.305 -5.546  1.00 36.85 ? 903  SO4   A O3   1 
HETATM 1213 O O4   . SO4   D 3 .   ? 11.948  -9.939  -7.476  1.00 51.71 ? 903  SO4   A O4   1 
HETATM 1214 S S    . SO4   E 3 .   ? 4.189   15.153  6.897   1.00 62.68 ? 904  SO4   A S    1 
HETATM 1215 O O1   . SO4   E 3 .   ? 5.639   15.292  6.744   1.00 58.88 ? 904  SO4   A O1   1 
HETATM 1216 O O2   . SO4   E 3 .   ? 3.722   16.043  7.963   1.00 63.87 ? 904  SO4   A O2   1 
HETATM 1217 O O3   . SO4   E 3 .   ? 3.854   13.770  7.247   1.00 45.92 ? 904  SO4   A O3   1 
HETATM 1218 O O4   . SO4   E 3 .   ? 3.538   15.506  5.633   1.00 57.37 ? 904  SO4   A O4   1 
HETATM 1219 O O    . HOH   F 4 .   ? -9.221  14.025  13.638  1.00 56.92 ? 1001 HOH   A O    1 
HETATM 1220 O O    . HOH   F 4 .   ? 12.261  -7.137  -5.517  1.00 46.97 ? 1002 HOH   A O    1 
HETATM 1221 O O    . HOH   F 4 .   ? 3.455   14.490  9.641   1.00 52.87 ? 1003 HOH   A O    1 
HETATM 1222 O O    . HOH   F 4 .   ? -7.086  -8.288  13.383  1.00 34.50 ? 1004 HOH   A O    1 
HETATM 1223 O O    . HOH   F 4 .   ? 7.974   7.376   -11.890 1.00 48.00 ? 1005 HOH   A O    1 
HETATM 1224 O O    . HOH   F 4 .   ? 1.859   -13.197 11.281  1.00 48.26 ? 1006 HOH   A O    1 
HETATM 1225 O O    . HOH   F 4 .   ? -26.107 -0.942  9.150   1.00 41.80 ? 1007 HOH   A O    1 
HETATM 1226 O O    . HOH   F 4 .   ? -10.579 6.868   15.355  1.00 33.68 ? 1008 HOH   A O    1 
HETATM 1227 O O    . HOH   F 4 .   ? 8.614   16.668  -4.657  1.00 43.62 ? 1009 HOH   A O    1 
HETATM 1228 O O    . HOH   F 4 .   ? 6.468   10.837  -12.456 1.00 40.56 ? 1010 HOH   A O    1 
HETATM 1229 O O    . HOH   F 4 .   ? 2.535   12.042  10.628  1.00 42.35 ? 1011 HOH   A O    1 
HETATM 1230 O O    . HOH   F 4 .   ? 10.582  -23.960 -7.455  1.00 44.40 ? 1012 HOH   A O    1 
HETATM 1231 O O    . HOH   F 4 .   ? 4.195   -19.134 -15.011 1.00 53.33 ? 1013 HOH   A O    1 
HETATM 1232 O O    . HOH   F 4 .   ? 6.464   16.028  4.514   1.00 52.77 ? 1014 HOH   A O    1 
HETATM 1233 O O    . HOH   F 4 .   ? -16.621 8.668   12.722  1.00 27.86 ? 1015 HOH   A O    1 
HETATM 1234 O O    . HOH   F 4 .   ? -2.293  -20.528 -6.747  1.00 45.04 ? 1016 HOH   A O    1 
HETATM 1235 O O    . HOH   F 4 .   ? 8.450   -5.853  0.713   1.00 16.29 ? 1017 HOH   A O    1 
HETATM 1236 O O    . HOH   F 4 .   ? 11.223  -2.759  12.656  1.00 32.58 ? 1018 HOH   A O    1 
HETATM 1237 O O    . HOH   F 4 .   ? -9.947  22.701  1.174   1.00 44.92 ? 1019 HOH   A O    1 
HETATM 1238 O O    . HOH   F 4 .   ? -5.195  -19.525 -7.664  1.00 37.97 ? 1020 HOH   A O    1 
HETATM 1239 O O    . HOH   F 4 .   ? 10.811  2.546   5.397   1.00 22.31 ? 1021 HOH   A O    1 
HETATM 1240 O O    . HOH   F 4 .   ? -5.326  7.570   6.296   1.00 27.26 ? 1022 HOH   A O    1 
HETATM 1241 O O    . HOH   F 4 .   ? 11.072  14.714  -5.796  1.00 39.87 ? 1023 HOH   A O    1 
HETATM 1242 O O    . HOH   F 4 .   ? -16.448 10.376  10.224  1.00 26.68 ? 1024 HOH   A O    1 
HETATM 1243 O O    . HOH   F 4 .   ? 9.561   8.029   -7.904  1.00 31.82 ? 1025 HOH   A O    1 
HETATM 1244 O O    . HOH   F 4 .   ? -9.952  0.115   5.178   1.00 33.01 ? 1026 HOH   A O    1 
HETATM 1245 O O    . HOH   F 4 .   ? 11.070  -10.424 -9.882  1.00 44.81 ? 1027 HOH   A O    1 
HETATM 1246 O O    . HOH   F 4 .   ? 9.075   12.954  7.641   1.00 39.65 ? 1028 HOH   A O    1 
HETATM 1247 O O    . HOH   F 4 .   ? 12.881  -19.801 -12.612 1.00 38.92 ? 1029 HOH   A O    1 
HETATM 1248 O O    . HOH   F 4 .   ? -9.992  -15.360 -8.921  1.00 38.39 ? 1030 HOH   A O    1 
HETATM 1249 O O    . HOH   F 4 .   ? 0.242   3.630   9.545   1.00 28.46 ? 1031 HOH   A O    1 
HETATM 1250 O O    . HOH   F 4 .   ? 0.609   -3.016  15.442  1.00 29.22 ? 1032 HOH   A O    1 
HETATM 1251 O O    . HOH   F 4 .   ? -7.881  5.667   -6.632  1.00 18.77 ? 1033 HOH   A O    1 
HETATM 1252 O O    . HOH   F 4 .   ? -8.904  1.197   -1.706  1.00 32.54 ? 1034 HOH   A O    1 
HETATM 1253 O O    . HOH   F 4 .   ? 10.210  9.428   10.494  1.00 39.12 ? 1035 HOH   A O    1 
HETATM 1254 O O    . HOH   F 4 .   ? 2.425   -12.655 -1.209  1.00 27.22 ? 1036 HOH   A O    1 
HETATM 1255 O O    . HOH   F 4 .   ? -9.572  2.222   1.278   1.00 26.93 ? 1037 HOH   A O    1 
HETATM 1256 O O    . HOH   F 4 .   ? -10.717 -9.742  -4.700  1.00 33.90 ? 1038 HOH   A O    1 
HETATM 1257 O O    . HOH   F 4 .   ? -1.507  6.484   -6.899  1.00 22.47 ? 1039 HOH   A O    1 
HETATM 1258 O O    . HOH   F 4 .   ? 4.984   -16.766 8.141   1.00 53.70 ? 1040 HOH   A O    1 
HETATM 1259 O O    . HOH   F 4 .   ? -3.647  -18.530 -12.557 1.00 43.30 ? 1041 HOH   A O    1 
HETATM 1260 O O    . HOH   F 4 .   ? -5.938  1.653   12.731  1.00 30.68 ? 1042 HOH   A O    1 
HETATM 1261 O O    . HOH   F 4 .   ? 15.179  -2.838  0.058   1.00 42.96 ? 1043 HOH   A O    1 
HETATM 1262 O O    . HOH   F 4 .   ? -3.788  8.984   2.287   1.00 21.35 ? 1044 HOH   A O    1 
HETATM 1263 O O    . HOH   F 4 .   ? 0.717   -13.685 0.272   1.00 28.52 ? 1045 HOH   A O    1 
HETATM 1264 O O    . HOH   F 4 .   ? 10.856  13.467  3.554   1.00 36.66 ? 1046 HOH   A O    1 
HETATM 1265 O O    . HOH   F 4 .   ? 9.758   -1.216  7.218   1.00 23.08 ? 1047 HOH   A O    1 
HETATM 1266 O O    . HOH   F 4 .   ? -4.258  10.813  6.968   1.00 33.04 ? 1048 HOH   A O    1 
HETATM 1267 O O    . HOH   F 4 .   ? -1.094  -15.103 3.810   1.00 32.75 ? 1049 HOH   A O    1 
HETATM 1268 O O    . HOH   F 4 .   ? 16.811  -0.958  5.103   1.00 44.27 ? 1050 HOH   A O    1 
HETATM 1269 O O    . HOH   F 4 .   ? -17.960 0.664   -1.814  1.00 37.73 ? 1051 HOH   A O    1 
HETATM 1270 O O    . HOH   F 4 .   ? -2.742  2.082   -10.632 1.00 21.90 ? 1052 HOH   A O    1 
HETATM 1271 O O    . HOH   F 4 .   ? -6.233  -2.244  18.481  1.00 27.18 ? 1053 HOH   A O    1 
HETATM 1272 O O    . HOH   F 4 .   ? 11.493  -12.349 4.916   1.00 22.82 ? 1054 HOH   A O    1 
HETATM 1273 O O    . HOH   F 4 .   ? 9.348   -9.172  -7.128  1.00 36.49 ? 1055 HOH   A O    1 
HETATM 1274 O O    . HOH   F 4 .   ? -2.529  11.413  2.815   1.00 21.60 ? 1056 HOH   A O    1 
HETATM 1275 O O    . HOH   F 4 .   ? 16.413  -7.076  8.251   1.00 19.91 ? 1057 HOH   A O    1 
HETATM 1276 O O    . HOH   F 4 .   ? -6.250  5.042   6.835   1.00 29.23 ? 1058 HOH   A O    1 
HETATM 1277 O O    . HOH   F 4 .   ? 17.341  9.307   -4.834  1.00 42.90 ? 1059 HOH   A O    1 
HETATM 1278 O O    . HOH   F 4 .   ? 12.550  -8.536  7.711   1.00 20.01 ? 1060 HOH   A O    1 
HETATM 1279 O O    . HOH   F 4 .   ? 7.007   -17.541 1.944   1.00 36.26 ? 1061 HOH   A O    1 
HETATM 1280 O O    . HOH   F 4 .   ? -4.362  3.963   6.290   1.00 29.72 ? 1062 HOH   A O    1 
HETATM 1281 O O    . HOH   F 4 .   ? -3.309  13.921  3.518   1.00 35.85 ? 1063 HOH   A O    1 
HETATM 1282 O O    . HOH   F 4 .   ? 16.179  8.100   5.023   1.00 43.61 ? 1064 HOH   A O    1 
HETATM 1283 O O    . HOH   F 4 .   ? -15.741 14.998  9.983   1.00 42.10 ? 1065 HOH   A O    1 
HETATM 1284 O O    . HOH   F 4 .   ? 5.119   14.136  -11.100 1.00 40.01 ? 1066 HOH   A O    1 
HETATM 1285 O O    . HOH   F 4 .   ? 4.035   -15.861 -3.316  1.00 28.23 ? 1067 HOH   A O    1 
HETATM 1286 O O    . HOH   F 4 .   ? -18.406 1.201   6.879   1.00 39.73 ? 1068 HOH   A O    1 
HETATM 1287 O O    . HOH   F 4 .   ? 6.166   -16.378 5.865   1.00 36.26 ? 1069 HOH   A O    1 
HETATM 1288 O O    . HOH   F 4 .   ? -8.543  -2.433  2.102   1.00 29.75 ? 1070 HOH   A O    1 
HETATM 1289 O O    . HOH   F 4 .   ? 10.050  -0.093  9.761   1.00 37.06 ? 1071 HOH   A O    1 
HETATM 1290 O O    . HOH   F 4 .   ? -6.328  -11.629 -13.936 1.00 51.97 ? 1072 HOH   A O    1 
HETATM 1291 O O    . HOH   F 4 .   ? -4.715  -12.512 -12.634 1.00 34.41 ? 1073 HOH   A O    1 
HETATM 1292 O O    . HOH   F 4 .   ? -6.964  2.672   4.457   1.00 26.99 ? 1074 HOH   A O    1 
HETATM 1293 O O    . HOH   F 4 .   ? -15.338 -0.546  -2.260  1.00 34.58 ? 1075 HOH   A O    1 
HETATM 1294 O O    . HOH   F 4 .   ? -9.898  -10.082 2.263   1.00 36.44 ? 1076 HOH   A O    1 
HETATM 1295 O O    . HOH   F 4 .   ? 16.776  -11.636 -2.629  1.00 34.32 ? 1077 HOH   A O    1 
HETATM 1296 O O    . HOH   F 4 .   ? -4.878  -11.820 3.945   1.00 24.41 ? 1078 HOH   A O    1 
HETATM 1297 O O    . HOH   F 4 .   ? 3.595   -22.374 -7.713  1.00 44.97 ? 1079 HOH   A O    1 
HETATM 1298 O O    . HOH   F 4 .   ? 0.772   -17.800 -6.294  1.00 29.61 ? 1080 HOH   A O    1 
HETATM 1299 O O    . HOH   F 4 .   ? 13.863  -2.212  8.110   1.00 31.65 ? 1081 HOH   A O    1 
HETATM 1300 O O    . HOH   F 4 .   ? -1.871  -5.269  -10.169 1.00 27.01 ? 1082 HOH   A O    1 
HETATM 1301 O O    . HOH   F 4 .   ? -5.742  12.532  9.504   1.00 41.49 ? 1083 HOH   A O    1 
HETATM 1302 O O    . HOH   F 4 .   ? -12.376 -3.783  5.719   1.00 39.49 ? 1084 HOH   A O    1 
HETATM 1303 O O    . HOH   F 4 .   ? -4.982  1.330   4.685   1.00 27.08 ? 1085 HOH   A O    1 
HETATM 1304 O O    . HOH   F 4 .   ? -0.299  -1.770  13.170  1.00 18.93 ? 1086 HOH   A O    1 
HETATM 1305 O O    . HOH   F 4 .   ? -26.575 8.584   6.328   1.00 40.09 ? 1087 HOH   A O    1 
HETATM 1306 O O    . HOH   F 4 .   ? 1.311   12.539  -5.221  1.00 26.14 ? 1088 HOH   A O    1 
HETATM 1307 O O    . HOH   F 4 .   ? 1.285   -9.467  -17.622 1.00 49.22 ? 1089 HOH   A O    1 
HETATM 1308 O O    . HOH   F 4 .   ? 6.612   -22.070 -7.748  1.00 35.96 ? 1090 HOH   A O    1 
HETATM 1309 O O    . HOH   F 4 .   ? 1.544   -15.806 -15.592 1.00 43.98 ? 1091 HOH   A O    1 
HETATM 1310 O O    . HOH   F 4 .   ? 9.476   -8.559  10.869  1.00 27.52 ? 1092 HOH   A O    1 
HETATM 1311 O O    . HOH   F 4 .   ? 3.361   -7.870  14.532  1.00 31.66 ? 1093 HOH   A O    1 
HETATM 1312 O O    . HOH   F 4 .   ? -16.470 2.504   13.003  1.00 22.01 ? 1094 HOH   A O    1 
HETATM 1313 O O    . HOH   F 4 .   ? 2.294   -12.144 -16.728 1.00 41.72 ? 1095 HOH   A O    1 
HETATM 1314 O O    . HOH   F 4 .   ? 9.880   -14.851 4.628   1.00 28.24 ? 1096 HOH   A O    1 
HETATM 1315 O O    . HOH   F 4 .   ? -12.977 22.952  4.781   1.00 58.54 ? 1097 HOH   A O    1 
HETATM 1316 O O    . HOH   F 4 .   ? -2.182  14.346  0.587   1.00 39.21 ? 1098 HOH   A O    1 
HETATM 1317 O O    . HOH   F 4 .   ? 15.192  0.418   -3.306  1.00 39.97 ? 1099 HOH   A O    1 
HETATM 1318 O O    . HOH   F 4 .   ? -7.657  0.077   -3.792  1.00 18.63 ? 1100 HOH   A O    1 
HETATM 1319 O O    . HOH   F 4 .   ? -15.268 15.920  -1.060  1.00 38.63 ? 1101 HOH   A O    1 
HETATM 1320 O O    . HOH   F 4 .   ? -9.662  -1.998  -0.109  1.00 49.67 ? 1102 HOH   A O    1 
HETATM 1321 O O    . HOH   F 4 .   ? -9.006  -3.971  4.164   1.00 25.57 ? 1103 HOH   A O    1 
HETATM 1322 O O    . HOH   F 4 .   ? -6.936  -14.913 -1.594  1.00 32.27 ? 1104 HOH   A O    1 
HETATM 1323 O O    . HOH   F 4 .   ? -2.050  -12.521 13.676  1.00 50.98 ? 1105 HOH   A O    1 
HETATM 1324 O O    . HOH   F 4 .   ? -10.033 5.730   10.736  1.00 26.53 ? 1106 HOH   A O    1 
HETATM 1325 O O    . HOH   F 4 .   ? 4.611   -16.305 2.542   1.00 36.38 ? 1107 HOH   A O    1 
HETATM 1326 O O    . HOH   F 4 .   ? 14.214  -7.852  9.835   1.00 25.29 ? 1108 HOH   A O    1 
HETATM 1327 O O    . HOH   F 4 .   ? 16.896  -7.904  0.568   1.00 28.90 ? 1109 HOH   A O    1 
HETATM 1328 O O    . HOH   F 4 .   ? -10.212 -3.461  -2.386  1.00 32.17 ? 1110 HOH   A O    1 
HETATM 1329 O O    . HOH   F 4 .   ? 9.300   -21.986 -5.618  1.00 40.18 ? 1111 HOH   A O    1 
HETATM 1330 O O    . HOH   F 4 .   ? -10.762 -14.599 -10.825 1.00 45.73 ? 1112 HOH   A O    1 
HETATM 1331 O O    . HOH   F 4 .   ? -18.552 19.988  3.531   1.00 52.81 ? 1113 HOH   A O    1 
HETATM 1332 O O    . HOH   F 4 .   ? 5.432   3.890   -14.320 1.00 33.98 ? 1114 HOH   A O    1 
HETATM 1333 O O    . HOH   F 4 .   ? 18.774  -9.865  1.394   1.00 29.15 ? 1115 HOH   A O    1 
HETATM 1334 O O    . HOH   F 4 .   ? 8.360   6.138   10.809  1.00 43.95 ? 1116 HOH   A O    1 
HETATM 1335 O O    . HOH   F 4 .   ? -1.818  -17.476 -2.561  1.00 38.57 ? 1117 HOH   A O    1 
HETATM 1336 O O    . HOH   F 4 .   ? 0.983   -20.875 -16.980 1.00 53.23 ? 1118 HOH   A O    1 
HETATM 1337 O O    . HOH   F 4 .   ? -21.351 11.347  9.959   1.00 34.70 ? 1119 HOH   A O    1 
HETATM 1338 O O    . HOH   F 4 .   ? -4.527  8.578   -8.559  1.00 32.72 ? 1120 HOH   A O    1 
HETATM 1339 O O    . HOH   F 4 .   ? -5.215  -16.503 -14.018 1.00 46.74 ? 1121 HOH   A O    1 
HETATM 1340 O O    . HOH   F 4 .   ? -9.199  15.702  12.628  1.00 60.87 ? 1122 HOH   A O    1 
HETATM 1341 O O    . HOH   F 4 .   ? -20.785 4.556   -0.791  1.00 48.64 ? 1123 HOH   A O    1 
HETATM 1342 O O    . HOH   F 4 .   ? -17.477 -0.306  5.030   1.00 43.86 ? 1124 HOH   A O    1 
HETATM 1343 O O    . HOH   F 4 .   ? -11.203 -8.078  -2.466  1.00 40.05 ? 1125 HOH   A O    1 
HETATM 1344 O O    . HOH   F 4 .   ? -24.212 -2.367  8.613   1.00 41.52 ? 1126 HOH   A O    1 
HETATM 1345 O O    . HOH   F 4 .   ? -7.337  -12.604 3.287   1.00 44.13 ? 1127 HOH   A O    1 
HETATM 1346 O O    . HOH   F 4 .   ? 8.618   -6.956  12.930  1.00 31.58 ? 1128 HOH   A O    1 
HETATM 1347 O O    . HOH   F 4 .   ? -5.416  -19.580 -9.794  1.00 42.49 ? 1129 HOH   A O    1 
HETATM 1348 O O    . HOH   F 4 .   ? 9.510   -6.567  -7.472  1.00 52.92 ? 1130 HOH   A O    1 
HETATM 1349 O O    . HOH   F 4 .   ? 1.954   -17.431 -14.121 1.00 44.47 ? 1131 HOH   A O    1 
HETATM 1350 O O    . HOH   F 4 .   ? -11.750 22.760  2.624   1.00 53.90 ? 1132 HOH   A O    1 
HETATM 1351 O O    . HOH   F 4 .   ? 7.987   0.725   -8.135  1.00 34.02 ? 1133 HOH   A O    1 
HETATM 1352 O O    . HOH   F 4 .   ? 1.002   -22.660 -6.515  1.00 49.02 ? 1134 HOH   A O    1 
HETATM 1353 O O    . HOH   F 4 .   ? -8.669  3.869   9.275   1.00 29.75 ? 1135 HOH   A O    1 
HETATM 1354 O O    . HOH   F 4 .   ? 7.720   -3.185  -7.050  1.00 35.92 ? 1136 HOH   A O    1 
HETATM 1355 O O    . HOH   F 4 .   ? 1.169   14.494  -3.454  1.00 38.28 ? 1137 HOH   A O    1 
HETATM 1356 O O    . HOH   F 4 .   ? 16.003  -0.469  7.742   1.00 37.36 ? 1138 HOH   A O    1 
HETATM 1357 O O    . HOH   F 4 .   ? -15.835 19.009  2.765   1.00 51.50 ? 1139 HOH   A O    1 
HETATM 1358 O O    . HOH   F 4 .   ? -19.661 -1.221  -2.294  1.00 46.28 ? 1140 HOH   A O    1 
HETATM 1359 O O    . HOH   F 4 .   ? -11.413 -8.859  0.085   1.00 41.79 ? 1141 HOH   A O    1 
HETATM 1360 O O    . HOH   F 4 .   ? 3.084   -15.128 0.824   1.00 32.36 ? 1142 HOH   A O    1 
HETATM 1361 O O    . HOH   F 4 .   ? -12.293 -5.592  -3.099  1.00 43.73 ? 1143 HOH   A O    1 
HETATM 1362 O O    . HOH   F 4 .   ? -2.257  11.604  -8.603  1.00 31.89 ? 1144 HOH   A O    1 
HETATM 1363 O O    . HOH   F 4 .   ? -0.262  12.898  -7.302  1.00 33.61 ? 1145 HOH   A O    1 
HETATM 1364 O O    . HOH   F 4 .   ? -4.485  -11.906 6.719   1.00 34.89 ? 1146 HOH   A O    1 
HETATM 1365 O O    . HOH   F 4 .   ? -11.231 -11.756 0.496   1.00 56.01 ? 1147 HOH   A O    1 
HETATM 1366 O O    . HOH   F 4 .   ? 12.061  2.353   7.901   1.00 31.40 ? 1148 HOH   A O    1 
HETATM 1367 O O    . HOH   F 4 .   ? 0.246   -22.886 -16.556 1.00 53.43 ? 1149 HOH   A O    1 
HETATM 1368 O O    . HOH   F 4 .   ? -0.596  -19.542 -4.334  1.00 42.65 ? 1150 HOH   A O    1 
HETATM 1369 O O    . HOH   F 4 .   ? 15.576  -1.239  -2.409  1.00 39.65 ? 1151 HOH   A O    1 
HETATM 1370 O O    . HOH   F 4 .   ? 12.431  3.973   9.360   1.00 49.05 ? 1152 HOH   A O    1 
HETATM 1371 O O    . HOH   F 4 .   ? -2.225  1.115   10.287  1.00 29.18 ? 1153 HOH   A O    1 
HETATM 1372 O O    . HOH   F 4 .   ? -8.280  -8.577  11.317  1.00 33.24 ? 1154 HOH   A O    1 
HETATM 1373 O O    . HOH   F 4 .   ? 4.195   -17.379 -1.290  1.00 34.84 ? 1155 HOH   A O    1 
HETATM 1374 O O    . HOH   F 4 .   ? 1.007   16.458  -6.774  1.00 48.81 ? 1156 HOH   A O    1 
HETATM 1375 O O    . HOH   F 4 .   ? -14.523 3.933   14.700  1.00 20.84 ? 1157 HOH   A O    1 
HETATM 1376 O O    . HOH   F 4 .   ? 20.883  8.443   -4.295  1.00 54.37 ? 1158 HOH   A O    1 
HETATM 1377 O O    . HOH   F 4 .   ? -18.333 10.333  12.702  1.00 43.26 ? 1159 HOH   A O    1 
HETATM 1378 O O    . HOH   F 4 .   ? 16.562  -5.296  0.106   1.00 34.52 ? 1160 HOH   A O    1 
HETATM 1379 O O    . HOH   F 4 .   ? 2.361   -17.826 8.016   1.00 49.03 ? 1161 HOH   A O    1 
HETATM 1380 O O    . HOH   F 4 .   ? -3.843  -14.235 4.648   1.00 37.80 ? 1162 HOH   A O    1 
HETATM 1381 O O    . HOH   F 4 .   ? -9.856  4.232   15.385  1.00 34.56 ? 1163 HOH   A O    1 
HETATM 1382 O O    . HOH   F 4 .   ? 11.468  -0.566  8.729   1.00 34.04 ? 1164 HOH   A O    1 
HETATM 1383 O O    . HOH   F 4 .   ? -17.276 12.664  10.890  1.00 43.52 ? 1165 HOH   A O    1 
HETATM 1384 O O    . HOH   F 4 .   ? 9.314   -5.107  -6.054  1.00 43.85 ? 1166 HOH   A O    1 
HETATM 1385 O O    . HOH   F 4 .   ? -15.605 -1.598  0.608   1.00 48.57 ? 1167 HOH   A O    1 
HETATM 1386 O O    . HOH   F 4 .   ? -7.662  -14.874 0.873   1.00 41.68 ? 1168 HOH   A O    1 
HETATM 1387 O O    . HOH   F 4 .   ? 12.296  -1.580  10.612  1.00 32.92 ? 1169 HOH   A O    1 
HETATM 1388 O O    . HOH   F 4 .   ? 8.273   -0.755  -6.350  1.00 33.11 ? 1170 HOH   A O    1 
HETATM 1389 O O    . HOH   F 4 .   ? -11.811 -8.441  -6.216  1.00 41.56 ? 1171 HOH   A O    1 
HETATM 1390 O O    . HOH   F 4 .   ? 7.143   -22.559 -4.087  1.00 45.09 ? 1172 HOH   A O    1 
HETATM 1391 O O    . HOH   F 4 .   ? 7.300   7.534   -14.637 1.00 38.74 ? 1173 HOH   A O    1 
HETATM 1392 O O    . HOH   F 4 .   ? 10.565  2.763   10.197  1.00 36.56 ? 1174 HOH   A O    1 
HETATM 1393 O O    . HOH   F 4 .   ? 2.750   -8.832  -19.288 1.00 46.36 ? 1175 HOH   A O    1 
HETATM 1394 O O    . HOH   F 4 .   ? -16.015 18.302  0.852   1.00 48.24 ? 1176 HOH   A O    1 
HETATM 1395 O O    . HOH   F 4 .   ? 3.538   -15.725 -17.668 1.00 51.27 ? 1177 HOH   A O    1 
HETATM 1396 O O    . HOH   F 4 .   ? -1.901  15.804  -5.837  1.00 50.99 ? 1178 HOH   A O    1 
HETATM 1397 O O    . HOH   F 4 .   ? -0.029  -17.386 7.534   1.00 50.98 ? 1179 HOH   A O    1 
HETATM 1398 O O    . HOH   F 4 .   ? -5.402  -16.481 3.156   1.00 40.83 ? 1180 HOH   A O    1 
# 
